data_6T8O
#
_entry.id   6T8O
#
_cell.length_a   1.00
_cell.length_b   1.00
_cell.length_c   1.00
_cell.angle_alpha   90.00
_cell.angle_beta   90.00
_cell.angle_gamma   90.00
#
_symmetry.space_group_name_H-M   'P 1'
#
loop_
_entity.id
_entity.type
_entity.pdbx_description
1 polymer 'DNA translocase FtsK'
2 polymer 'dsDNA substrate'
3 non-polymer "ADENOSINE-5'-DIPHOSPHATE"
#
loop_
_entity_poly.entity_id
_entity_poly.type
_entity_poly.pdbx_seq_one_letter_code
_entity_poly.pdbx_strand_id
1 'polypeptide(L)'
;MVPDRREQSKAKERLLEREEALAKHMSEREKRPPPKIDPPPSPKAPEPSKRVLKEKQAPLFVDTAVEGTLPPLSLLDPAE
VKQKSYSPESLEAMSRLLEIKLKEFGVEVSVDSVHPGPVITRFEIQPAAGVKVSRISNLAKDLARSLAVISVRVVEVIPG
KTTVGIEIPNEDRQMVRFSEVLSSPEYDEHKSTVPLALGHDIGGRPIITDLAKMPHLLVAGTTGSGKSVGVNAMLLSILF
KSTPSEARLIMIDPKMLELSIYEGIPHLLCPVVTDMKEAANALRWSVAEMERRYRLMAAMGVRNLAGFNRKVKDAEEAGT
PLTDPLFRRESPDDEPPQLSTLPTIVVVVDEFADMMMIVGKKVEELIARIAQKARAAGIHLILATQRPSVDVITGLIKAN
IPTRIAFQVSSKIDSRTILDQGGAEQLLGHGDMLYLPPGTGLPIRVHGAFVSDDEVHRVVEAWKLRGAPDYIEDILAGVD
EGGKLHHHHHH
;
A,B,C,D,E,F
2 'polydeoxyribonucleotide' (DA)(DT)(DA)(DT)(DA)(DT)(DA)(DT)(DA)(DT)(DA)(DT)(DA)(DT) G,H
#
loop_
_chem_comp.id
_chem_comp.type
_chem_comp.name
_chem_comp.formula
ADP non-polymer ADENOSINE-5'-DIPHOSPHATE 'C10 H15 N5 O10 P2'
DA DNA linking 2'-DEOXYADENOSINE-5'-MONOPHOSPHATE 'C10 H14 N5 O6 P'
DT DNA linking THYMIDINE-5'-MONOPHOSPHATE 'C10 H15 N2 O8 P'
#
# COMPACT_ATOMS: atom_id res chain seq x y z
N LEU A 70 7.95 -48.26 32.29
CA LEU A 70 7.05 -47.78 31.26
C LEU A 70 5.60 -48.15 31.56
N PRO A 71 4.66 -47.32 31.14
CA PRO A 71 3.25 -47.68 31.25
C PRO A 71 2.81 -48.50 30.06
N PRO A 72 1.83 -49.38 30.23
CA PRO A 72 1.36 -50.18 29.10
C PRO A 72 0.47 -49.37 28.17
N LEU A 73 0.50 -49.75 26.89
CA LEU A 73 -0.32 -49.10 25.88
C LEU A 73 -1.79 -49.45 26.01
N SER A 74 -2.13 -50.46 26.82
CA SER A 74 -3.52 -50.85 27.07
C SER A 74 -4.25 -49.89 28.01
N LEU A 75 -3.56 -48.88 28.54
CA LEU A 75 -4.23 -47.86 29.33
C LEU A 75 -5.18 -47.03 28.49
N LEU A 76 -4.88 -46.86 27.20
CA LEU A 76 -5.74 -46.09 26.32
C LEU A 76 -7.01 -46.87 26.01
N ASP A 77 -8.00 -46.14 25.48
CA ASP A 77 -9.26 -46.78 25.12
C ASP A 77 -9.05 -47.71 23.93
N PRO A 78 -9.76 -48.83 23.89
CA PRO A 78 -9.56 -49.81 22.81
C PRO A 78 -10.04 -49.27 21.47
N ALA A 79 -9.38 -49.76 20.43
CA ALA A 79 -9.72 -49.40 19.06
C ALA A 79 -11.06 -50.03 18.72
N GLU A 80 -12.10 -49.20 18.66
CA GLU A 80 -13.42 -49.66 18.26
C GLU A 80 -13.40 -50.06 16.79
N VAL A 81 -14.19 -51.09 16.45
CA VAL A 81 -14.34 -51.49 15.06
C VAL A 81 -14.96 -50.34 14.27
N LYS A 82 -14.24 -49.91 13.25
CA LYS A 82 -14.56 -48.66 12.57
C LYS A 82 -15.79 -48.84 11.68
N GLN A 83 -16.57 -47.78 11.56
CA GLN A 83 -17.69 -47.74 10.62
C GLN A 83 -17.14 -47.53 9.21
N LYS A 84 -16.63 -48.62 8.64
CA LYS A 84 -16.04 -48.57 7.31
C LYS A 84 -17.14 -48.44 6.28
N SER A 85 -17.66 -47.23 6.13
CA SER A 85 -18.68 -46.95 5.13
C SER A 85 -18.00 -46.66 3.79
N TYR A 86 -18.80 -46.15 2.85
CA TYR A 86 -18.38 -45.88 1.46
C TYR A 86 -17.85 -47.15 0.80
N SER A 87 -18.77 -48.10 0.58
CA SER A 87 -18.55 -49.33 -0.16
C SER A 87 -17.96 -49.04 -1.54
N PRO A 88 -17.20 -50.01 -2.12
CA PRO A 88 -16.53 -49.76 -3.41
C PRO A 88 -17.46 -49.46 -4.57
N GLU A 89 -18.69 -49.97 -4.54
CA GLU A 89 -19.68 -49.51 -5.51
C GLU A 89 -20.16 -48.09 -5.21
N SER A 90 -20.21 -47.70 -3.93
CA SER A 90 -20.65 -46.36 -3.57
C SER A 90 -19.60 -45.30 -3.87
N LEU A 91 -18.36 -45.72 -4.08
CA LEU A 91 -17.31 -44.79 -4.50
C LEU A 91 -17.05 -44.89 -6.00
N GLU A 92 -17.33 -46.06 -6.60
CA GLU A 92 -17.26 -46.20 -8.05
C GLU A 92 -18.34 -45.37 -8.72
N ALA A 93 -19.54 -45.37 -8.13
CA ALA A 93 -20.61 -44.51 -8.63
C ALA A 93 -20.27 -43.04 -8.46
N MET A 94 -19.59 -42.69 -7.36
CA MET A 94 -19.16 -41.32 -7.18
C MET A 94 -18.08 -40.91 -8.17
N SER A 95 -17.20 -41.85 -8.55
CA SER A 95 -16.17 -41.54 -9.54
C SER A 95 -16.77 -41.36 -10.93
N ARG A 96 -17.73 -42.22 -11.30
CA ARG A 96 -18.42 -42.05 -12.57
C ARG A 96 -19.22 -40.76 -12.59
N LEU A 97 -19.85 -40.41 -11.46
CA LEU A 97 -20.56 -39.15 -11.38
C LEU A 97 -19.60 -37.96 -11.46
N LEU A 98 -18.39 -38.10 -10.91
CA LEU A 98 -17.43 -37.01 -10.98
C LEU A 98 -16.95 -36.79 -12.41
N GLU A 99 -16.68 -37.86 -13.14
CA GLU A 99 -16.23 -37.64 -14.52
C GLU A 99 -17.36 -37.16 -15.42
N ILE A 100 -18.62 -37.54 -15.13
CA ILE A 100 -19.74 -37.01 -15.91
C ILE A 100 -19.94 -35.52 -15.61
N LYS A 101 -19.95 -35.15 -14.33
CA LYS A 101 -20.19 -33.75 -13.98
C LYS A 101 -18.98 -32.87 -14.28
N LEU A 102 -17.80 -33.44 -14.51
CA LEU A 102 -16.73 -32.63 -15.07
C LEU A 102 -16.82 -32.54 -16.59
N LYS A 103 -17.35 -33.58 -17.24
CA LYS A 103 -17.52 -33.50 -18.69
C LYS A 103 -18.65 -32.54 -19.07
N GLU A 104 -19.62 -32.31 -18.18
CA GLU A 104 -20.67 -31.34 -18.47
C GLU A 104 -20.14 -29.92 -18.56
N PHE A 105 -19.11 -29.59 -17.78
CA PHE A 105 -18.44 -28.31 -17.93
C PHE A 105 -17.39 -28.42 -19.04
N GLY A 106 -16.48 -27.45 -19.09
CA GLY A 106 -15.56 -27.36 -20.22
C GLY A 106 -14.52 -28.46 -20.31
N VAL A 107 -14.21 -29.12 -19.21
CA VAL A 107 -13.08 -30.04 -19.18
C VAL A 107 -13.53 -31.44 -19.53
N GLU A 108 -12.56 -32.28 -19.87
CA GLU A 108 -12.74 -33.71 -20.05
C GLU A 108 -11.73 -34.42 -19.16
N VAL A 109 -12.14 -35.51 -18.51
CA VAL A 109 -11.33 -36.12 -17.47
C VAL A 109 -11.62 -37.62 -17.43
N SER A 110 -10.73 -38.37 -16.80
CA SER A 110 -10.92 -39.79 -16.53
C SER A 110 -10.34 -40.11 -15.17
N VAL A 111 -11.14 -40.76 -14.31
CA VAL A 111 -10.71 -41.06 -12.95
C VAL A 111 -9.67 -42.17 -12.97
N ASP A 112 -8.54 -41.93 -12.32
CA ASP A 112 -7.43 -42.87 -12.35
C ASP A 112 -7.52 -43.88 -11.21
N SER A 113 -7.52 -43.41 -9.97
CA SER A 113 -7.63 -44.28 -8.81
C SER A 113 -8.31 -43.54 -7.68
N VAL A 114 -8.73 -44.29 -6.66
CA VAL A 114 -9.50 -43.76 -5.55
C VAL A 114 -8.82 -44.18 -4.25
N HIS A 115 -8.57 -43.21 -3.38
CA HIS A 115 -8.01 -43.47 -2.05
C HIS A 115 -9.03 -43.15 -0.99
N PRO A 116 -9.80 -44.11 -0.51
CA PRO A 116 -10.77 -43.83 0.56
C PRO A 116 -10.06 -43.57 1.88
N GLY A 117 -10.56 -42.59 2.62
CA GLY A 117 -9.87 -42.13 3.80
C GLY A 117 -10.80 -41.86 4.96
N PRO A 118 -10.23 -41.40 6.09
CA PRO A 118 -11.04 -41.11 7.27
C PRO A 118 -11.95 -39.91 7.10
N VAL A 119 -11.39 -38.78 6.64
CA VAL A 119 -12.09 -37.50 6.62
C VAL A 119 -12.25 -36.98 5.20
N ILE A 120 -11.17 -36.94 4.43
CA ILE A 120 -11.22 -36.52 3.04
C ILE A 120 -10.81 -37.69 2.16
N THR A 121 -11.43 -37.81 1.01
CA THR A 121 -11.18 -38.89 0.07
C THR A 121 -10.60 -38.32 -1.21
N ARG A 122 -9.36 -38.67 -1.50
CA ARG A 122 -8.67 -38.15 -2.68
C ARG A 122 -9.04 -38.97 -3.91
N PHE A 123 -9.64 -38.31 -4.91
CA PHE A 123 -9.91 -38.91 -6.20
C PHE A 123 -8.81 -38.48 -7.16
N GLU A 124 -7.88 -39.38 -7.46
CA GLU A 124 -6.83 -39.08 -8.42
C GLU A 124 -7.42 -39.17 -9.83
N ILE A 125 -7.41 -38.06 -10.55
CA ILE A 125 -7.96 -38.01 -11.89
C ILE A 125 -6.88 -37.61 -12.87
N GLN A 126 -6.91 -38.23 -14.06
CA GLN A 126 -6.01 -37.90 -15.14
C GLN A 126 -6.73 -36.96 -16.09
N PRO A 127 -6.31 -35.70 -16.21
CA PRO A 127 -6.98 -34.80 -17.14
C PRO A 127 -6.67 -35.17 -18.58
N ALA A 128 -7.51 -34.67 -19.48
CA ALA A 128 -7.37 -35.00 -20.89
C ALA A 128 -6.19 -34.24 -21.51
N ALA A 129 -5.91 -34.54 -22.76
CA ALA A 129 -4.81 -33.89 -23.47
C ALA A 129 -5.22 -32.47 -23.85
N GLY A 130 -4.40 -31.51 -23.45
CA GLY A 130 -4.64 -30.13 -23.80
C GLY A 130 -5.53 -29.35 -22.87
N VAL A 131 -5.78 -29.85 -21.66
CA VAL A 131 -6.57 -29.11 -20.68
C VAL A 131 -5.65 -28.80 -19.50
N LYS A 132 -5.94 -27.69 -18.82
CA LYS A 132 -5.08 -27.15 -17.80
C LYS A 132 -5.64 -27.42 -16.40
N VAL A 133 -4.78 -27.28 -15.40
CA VAL A 133 -5.19 -27.45 -14.02
C VAL A 133 -6.03 -26.26 -13.57
N SER A 134 -5.75 -25.07 -14.12
CA SER A 134 -6.43 -23.86 -13.67
C SER A 134 -7.91 -23.86 -14.05
N ARG A 135 -8.28 -24.59 -15.09
CA ARG A 135 -9.71 -24.75 -15.40
C ARG A 135 -10.41 -25.56 -14.33
N ILE A 136 -9.74 -26.59 -13.82
CA ILE A 136 -10.28 -27.36 -12.68
C ILE A 136 -10.33 -26.49 -11.44
N SER A 137 -9.32 -25.64 -11.25
CA SER A 137 -9.28 -24.79 -10.06
C SER A 137 -10.38 -23.75 -10.06
N ASN A 138 -10.67 -23.16 -11.22
CA ASN A 138 -11.77 -22.21 -11.30
C ASN A 138 -13.11 -22.92 -11.29
N LEU A 139 -13.14 -24.19 -11.65
CA LEU A 139 -14.39 -24.94 -11.79
C LEU A 139 -14.74 -25.65 -10.48
N ALA A 140 -13.79 -25.64 -9.54
CA ALA A 140 -13.83 -26.34 -8.25
C ALA A 140 -15.08 -26.14 -7.43
N LYS A 141 -15.47 -24.89 -7.14
CA LYS A 141 -16.63 -24.63 -6.30
C LYS A 141 -17.93 -25.15 -6.92
N ASP A 142 -18.03 -25.06 -8.25
CA ASP A 142 -19.23 -25.56 -8.92
C ASP A 142 -19.25 -27.07 -8.97
N LEU A 143 -18.08 -27.69 -9.08
CA LEU A 143 -17.98 -29.14 -8.98
C LEU A 143 -18.39 -29.62 -7.59
N ALA A 144 -18.01 -28.87 -6.56
CA ALA A 144 -18.42 -29.21 -5.21
C ALA A 144 -19.91 -28.97 -5.00
N ARG A 145 -20.47 -28.00 -5.71
CA ARG A 145 -21.91 -27.77 -5.63
C ARG A 145 -22.69 -28.91 -6.28
N SER A 146 -22.22 -29.39 -7.43
CA SER A 146 -23.03 -30.31 -8.21
C SER A 146 -22.87 -31.77 -7.82
N LEU A 147 -21.99 -32.09 -6.88
CA LEU A 147 -21.80 -33.46 -6.43
C LEU A 147 -22.46 -33.77 -5.10
N ALA A 148 -23.31 -32.85 -4.61
CA ALA A 148 -24.01 -32.97 -3.32
C ALA A 148 -23.05 -33.13 -2.14
N VAL A 149 -21.92 -32.43 -2.21
CA VAL A 149 -20.99 -32.38 -1.08
C VAL A 149 -20.87 -30.93 -0.64
N ILE A 150 -20.08 -30.67 0.40
CA ILE A 150 -20.02 -29.34 0.99
C ILE A 150 -18.87 -28.51 0.41
N SER A 151 -17.74 -29.13 0.10
CA SER A 151 -16.60 -28.41 -0.44
C SER A 151 -15.74 -29.36 -1.24
N VAL A 152 -14.63 -28.84 -1.76
CA VAL A 152 -13.67 -29.64 -2.50
C VAL A 152 -12.35 -28.88 -2.46
N ARG A 153 -11.26 -29.57 -2.76
CA ARG A 153 -9.98 -28.91 -2.91
C ARG A 153 -9.18 -29.62 -3.99
N VAL A 154 -8.75 -28.86 -4.99
CA VAL A 154 -8.01 -29.40 -6.12
C VAL A 154 -6.53 -29.25 -5.83
N VAL A 155 -5.88 -30.36 -5.51
CA VAL A 155 -4.43 -30.38 -5.37
C VAL A 155 -3.82 -30.20 -6.75
N GLU A 156 -3.03 -29.15 -6.93
CA GLU A 156 -2.50 -28.85 -8.26
C GLU A 156 -1.42 -29.83 -8.69
N VAL A 157 -0.74 -30.49 -7.75
CA VAL A 157 0.29 -31.45 -8.11
C VAL A 157 0.40 -32.57 -7.10
N ILE A 158 0.24 -33.80 -7.56
CA ILE A 158 0.64 -34.96 -6.77
C ILE A 158 2.13 -35.17 -7.04
N PRO A 159 2.97 -35.25 -6.01
CA PRO A 159 4.42 -35.35 -6.24
C PRO A 159 4.81 -36.70 -6.85
N GLY A 160 5.36 -36.65 -8.06
CA GLY A 160 5.89 -37.82 -8.72
C GLY A 160 4.99 -38.43 -9.77
N LYS A 161 3.73 -38.06 -9.82
CA LYS A 161 2.76 -38.64 -10.74
C LYS A 161 2.35 -37.60 -11.79
N THR A 162 1.48 -38.03 -12.70
CA THR A 162 1.00 -37.17 -13.79
C THR A 162 -0.46 -36.81 -13.63
N THR A 163 -1.01 -36.91 -12.43
CA THR A 163 -2.43 -36.73 -12.21
C THR A 163 -2.68 -35.44 -11.43
N VAL A 164 -3.96 -35.20 -11.13
CA VAL A 164 -4.39 -34.05 -10.35
C VAL A 164 -5.29 -34.56 -9.23
N GLY A 165 -4.95 -34.23 -7.99
CA GLY A 165 -5.73 -34.74 -6.88
C GLY A 165 -6.94 -33.92 -6.54
N ILE A 166 -8.12 -34.53 -6.62
CA ILE A 166 -9.36 -33.92 -6.15
C ILE A 166 -9.72 -34.56 -4.81
N GLU A 167 -9.80 -33.73 -3.77
CA GLU A 167 -10.04 -34.20 -2.41
C GLU A 167 -11.43 -33.78 -1.98
N ILE A 168 -12.35 -34.73 -1.92
CA ILE A 168 -13.73 -34.49 -1.54
C ILE A 168 -13.90 -34.88 -0.08
N PRO A 169 -14.27 -33.96 0.81
CA PRO A 169 -14.43 -34.30 2.23
C PRO A 169 -15.64 -35.21 2.45
N ASN A 170 -15.44 -36.22 3.28
CA ASN A 170 -16.53 -37.14 3.58
C ASN A 170 -17.48 -36.50 4.58
N GLU A 171 -18.76 -36.82 4.45
CA GLU A 171 -19.77 -36.27 5.35
C GLU A 171 -19.79 -36.97 6.71
N ASP A 172 -18.91 -37.93 6.94
CA ASP A 172 -18.80 -38.65 8.19
C ASP A 172 -17.42 -38.36 8.78
N ARG A 173 -17.34 -37.30 9.58
CA ARG A 173 -16.11 -36.96 10.28
C ARG A 173 -15.80 -38.04 11.30
N GLN A 174 -14.79 -38.86 11.02
CA GLN A 174 -14.52 -40.06 11.79
C GLN A 174 -13.41 -39.79 12.81
N MET A 175 -13.65 -40.19 14.05
CA MET A 175 -12.69 -39.96 15.13
C MET A 175 -11.49 -40.88 14.98
N VAL A 176 -10.32 -40.35 15.24
CA VAL A 176 -9.08 -41.11 15.24
C VAL A 176 -8.68 -41.36 16.69
N ARG A 177 -8.79 -42.60 17.15
CA ARG A 177 -8.35 -42.92 18.48
C ARG A 177 -6.83 -43.00 18.52
N PHE A 178 -6.26 -42.77 19.69
CA PHE A 178 -4.82 -42.61 19.77
C PHE A 178 -4.10 -43.95 19.81
N SER A 179 -4.77 -45.00 20.27
CA SER A 179 -4.21 -46.35 20.18
C SER A 179 -4.15 -46.82 18.74
N GLU A 180 -4.97 -46.27 17.86
CA GLU A 180 -4.88 -46.54 16.43
C GLU A 180 -3.70 -45.84 15.78
N VAL A 181 -3.02 -44.96 16.49
CA VAL A 181 -1.83 -44.28 15.99
C VAL A 181 -0.56 -44.84 16.61
N LEU A 182 -0.61 -45.21 17.90
CA LEU A 182 0.59 -45.74 18.54
C LEU A 182 0.93 -47.15 18.08
N SER A 183 -0.07 -47.93 17.69
CA SER A 183 0.15 -49.34 17.40
C SER A 183 0.80 -49.59 16.04
N SER A 184 1.18 -48.55 15.32
CA SER A 184 1.86 -48.71 14.05
C SER A 184 3.27 -49.27 14.26
N PRO A 185 3.82 -49.98 13.28
CA PRO A 185 5.21 -50.44 13.40
C PRO A 185 6.23 -49.32 13.27
N GLU A 186 5.83 -48.17 12.72
CA GLU A 186 6.73 -47.01 12.69
C GLU A 186 7.01 -46.49 14.08
N TYR A 187 6.01 -46.51 14.95
CA TYR A 187 6.17 -45.94 16.28
C TYR A 187 6.88 -46.91 17.21
N ASP A 188 6.59 -48.20 17.09
CA ASP A 188 7.13 -49.17 18.04
C ASP A 188 8.61 -49.44 17.76
N GLU A 189 9.01 -49.46 16.50
CA GLU A 189 10.41 -49.61 16.12
C GLU A 189 11.14 -48.28 16.02
N HIS A 190 10.64 -47.24 16.69
CA HIS A 190 11.26 -45.92 16.62
C HIS A 190 12.22 -45.77 17.79
N LYS A 191 13.38 -45.16 17.52
CA LYS A 191 14.51 -45.23 18.43
C LYS A 191 14.74 -43.93 19.20
N SER A 192 14.40 -42.79 18.62
CA SER A 192 14.67 -41.51 19.27
C SER A 192 13.76 -41.29 20.47
N THR A 193 14.21 -40.41 21.36
CA THR A 193 13.54 -40.22 22.63
C THR A 193 12.29 -39.36 22.53
N VAL A 194 12.15 -38.57 21.47
CA VAL A 194 11.03 -37.65 21.38
C VAL A 194 10.20 -37.83 20.10
N PRO A 195 9.47 -38.94 19.92
CA PRO A 195 8.57 -39.01 18.78
C PRO A 195 7.26 -38.30 19.06
N LEU A 196 6.63 -37.82 18.00
CA LEU A 196 5.35 -37.14 18.11
C LEU A 196 4.33 -37.88 17.26
N ALA A 197 3.43 -38.61 17.91
CA ALA A 197 2.32 -39.24 17.20
C ALA A 197 1.28 -38.17 16.92
N LEU A 198 1.23 -37.70 15.68
CA LEU A 198 0.31 -36.65 15.30
C LEU A 198 -1.04 -37.19 14.86
N GLY A 199 -1.04 -38.27 14.09
CA GLY A 199 -2.27 -38.88 13.64
C GLY A 199 -2.05 -39.51 12.28
N HIS A 200 -3.15 -39.68 11.56
CA HIS A 200 -3.08 -40.27 10.23
C HIS A 200 -2.92 -39.19 9.17
N ASP A 201 -2.49 -39.63 8.00
CA ASP A 201 -2.33 -38.77 6.84
C ASP A 201 -3.67 -38.62 6.11
N ILE A 202 -3.62 -38.10 4.88
CA ILE A 202 -4.83 -38.01 4.08
C ILE A 202 -5.30 -39.38 3.60
N GLY A 203 -4.39 -40.36 3.52
CA GLY A 203 -4.75 -41.70 3.12
C GLY A 203 -5.10 -42.64 4.24
N GLY A 204 -4.84 -42.26 5.48
CA GLY A 204 -5.19 -43.07 6.63
C GLY A 204 -4.03 -43.79 7.30
N ARG A 205 -2.81 -43.68 6.76
CA ARG A 205 -1.65 -44.33 7.36
C ARG A 205 -1.07 -43.47 8.47
N PRO A 206 -0.53 -44.08 9.52
CA PRO A 206 -0.05 -43.30 10.67
C PRO A 206 1.22 -42.52 10.34
N ILE A 207 1.24 -41.26 10.75
CA ILE A 207 2.38 -40.38 10.55
C ILE A 207 3.04 -40.15 11.90
N ILE A 208 4.25 -40.70 12.06
CA ILE A 208 5.07 -40.47 13.24
C ILE A 208 6.24 -39.60 12.81
N THR A 209 6.41 -38.47 13.48
CA THR A 209 7.47 -37.51 13.16
C THR A 209 8.29 -37.26 14.41
N ASP A 210 9.60 -37.46 14.29
CA ASP A 210 10.52 -37.17 15.38
C ASP A 210 10.58 -35.67 15.62
N LEU A 211 10.74 -35.30 16.90
CA LEU A 211 10.87 -33.89 17.23
C LEU A 211 12.32 -33.44 17.06
N ALA A 212 13.27 -34.36 17.20
CA ALA A 212 14.69 -34.04 17.13
C ALA A 212 15.16 -33.68 15.73
N LYS A 213 14.34 -33.88 14.70
CA LYS A 213 14.68 -33.51 13.35
C LYS A 213 13.92 -32.29 12.86
N MET A 214 13.07 -31.70 13.69
CA MET A 214 12.23 -30.58 13.25
C MET A 214 12.97 -29.25 13.22
N PRO A 215 13.71 -28.82 14.27
CA PRO A 215 13.94 -29.20 15.67
C PRO A 215 13.00 -28.50 16.65
N HIS A 216 12.27 -27.50 16.18
CA HIS A 216 11.33 -26.78 17.02
C HIS A 216 9.97 -26.76 16.35
N LEU A 217 8.94 -26.41 17.11
CA LEU A 217 7.58 -26.61 16.63
C LEU A 217 6.67 -25.51 17.14
N LEU A 218 6.16 -24.69 16.22
CA LEU A 218 5.12 -23.72 16.52
C LEU A 218 3.74 -24.34 16.34
N VAL A 219 2.82 -23.96 17.21
CA VAL A 219 1.43 -24.41 17.14
C VAL A 219 0.55 -23.17 17.19
N ALA A 220 -0.32 -23.00 16.19
CA ALA A 220 -1.26 -21.89 16.19
C ALA A 220 -2.57 -22.31 15.56
N GLY A 221 -3.65 -21.66 15.99
CA GLY A 221 -4.98 -21.99 15.53
C GLY A 221 -6.03 -21.41 16.46
N THR A 222 -7.24 -21.19 15.95
CA THR A 222 -8.23 -20.46 16.70
C THR A 222 -8.84 -21.33 17.80
N THR A 223 -9.73 -20.71 18.58
CA THR A 223 -10.32 -21.32 19.75
C THR A 223 -11.33 -22.37 19.33
N GLY A 224 -11.12 -23.61 19.77
CA GLY A 224 -12.00 -24.70 19.38
C GLY A 224 -11.53 -25.46 18.18
N SER A 225 -10.23 -25.46 17.88
CA SER A 225 -9.69 -26.13 16.71
C SER A 225 -9.05 -27.47 17.05
N GLY A 226 -8.90 -27.80 18.33
CA GLY A 226 -8.22 -29.03 18.70
C GLY A 226 -6.75 -28.79 18.96
N LYS A 227 -6.46 -27.86 19.86
CA LYS A 227 -5.09 -27.43 20.13
C LYS A 227 -4.56 -27.99 21.45
N SER A 228 -5.36 -27.91 22.52
CA SER A 228 -4.97 -28.54 23.77
C SER A 228 -4.95 -30.05 23.66
N VAL A 229 -5.85 -30.62 22.84
CA VAL A 229 -5.81 -32.04 22.55
C VAL A 229 -4.55 -32.38 21.75
N GLY A 230 -4.12 -31.47 20.88
CA GLY A 230 -2.88 -31.67 20.15
C GLY A 230 -1.65 -31.65 21.05
N VAL A 231 -1.61 -30.72 21.99
CA VAL A 231 -0.47 -30.67 22.93
C VAL A 231 -0.51 -31.87 23.88
N ASN A 232 -1.70 -32.32 24.26
CA ASN A 232 -1.82 -33.54 25.06
C ASN A 232 -1.36 -34.77 24.29
N ALA A 233 -1.65 -34.84 23.00
CA ALA A 233 -1.22 -35.98 22.19
C ALA A 233 0.29 -35.95 22.00
N MET A 234 0.87 -34.76 21.86
CA MET A 234 2.32 -34.66 21.77
C MET A 234 3.00 -35.06 23.08
N LEU A 235 2.47 -34.62 24.21
CA LEU A 235 3.11 -34.97 25.47
C LEU A 235 2.89 -36.42 25.85
N LEU A 236 1.77 -37.03 25.45
CA LEU A 236 1.63 -38.46 25.66
C LEU A 236 2.48 -39.26 24.70
N SER A 237 2.75 -38.72 23.50
CA SER A 237 3.71 -39.34 22.61
C SER A 237 5.11 -39.30 23.19
N ILE A 238 5.40 -38.27 23.97
CA ILE A 238 6.63 -38.27 24.77
C ILE A 238 6.55 -39.32 25.86
N LEU A 239 5.42 -39.39 26.57
CA LEU A 239 5.36 -40.21 27.78
C LEU A 239 5.19 -41.70 27.51
N PHE A 240 4.64 -42.10 26.37
CA PHE A 240 4.48 -43.53 26.13
C PHE A 240 5.75 -44.21 25.65
N LYS A 241 6.82 -43.48 25.44
CA LYS A 241 8.07 -44.14 25.06
C LYS A 241 9.22 -43.81 26.00
N SER A 242 9.29 -42.57 26.48
CA SER A 242 10.49 -42.08 27.12
C SER A 242 10.42 -42.20 28.63
N THR A 243 11.54 -42.59 29.22
CA THR A 243 11.71 -42.62 30.67
C THR A 243 11.92 -41.21 31.19
N PRO A 244 11.87 -40.99 32.50
CA PRO A 244 12.34 -39.71 33.05
C PRO A 244 13.84 -39.47 32.90
N SER A 245 14.62 -40.47 32.49
CA SER A 245 16.05 -40.27 32.29
C SER A 245 16.36 -39.56 31.00
N GLU A 246 15.72 -39.95 29.90
CA GLU A 246 16.07 -39.44 28.58
C GLU A 246 15.07 -38.40 28.06
N ALA A 247 14.12 -37.97 28.88
CA ALA A 247 13.23 -36.87 28.54
C ALA A 247 12.75 -36.22 29.81
N ARG A 248 12.60 -34.90 29.78
CA ARG A 248 12.23 -34.15 30.96
C ARG A 248 11.59 -32.84 30.51
N LEU A 249 10.39 -32.55 31.00
CA LEU A 249 9.54 -31.52 30.42
C LEU A 249 9.52 -30.28 31.30
N ILE A 250 9.62 -29.13 30.67
CA ILE A 250 9.31 -27.85 31.31
C ILE A 250 7.94 -27.44 30.80
N MET A 251 6.97 -27.38 31.69
CA MET A 251 5.60 -27.03 31.32
C MET A 251 5.33 -25.61 31.76
N ILE A 252 5.37 -24.69 30.81
CA ILE A 252 5.01 -23.30 31.03
C ILE A 252 3.56 -23.15 30.64
N ASP A 253 2.68 -22.99 31.64
CA ASP A 253 1.24 -22.93 31.43
C ASP A 253 0.74 -21.58 31.90
N PRO A 254 0.73 -20.57 31.03
CA PRO A 254 0.29 -19.23 31.47
C PRO A 254 -1.19 -19.15 31.77
N LYS A 255 -2.02 -19.86 31.01
CA LYS A 255 -3.37 -20.13 31.49
C LYS A 255 -3.27 -21.02 32.72
N MET A 256 -4.03 -20.70 33.75
CA MET A 256 -3.95 -21.49 34.97
C MET A 256 -4.75 -22.78 34.91
N LEU A 257 -5.37 -23.09 33.79
CA LEU A 257 -6.47 -24.04 33.75
C LEU A 257 -6.15 -25.35 33.06
N GLU A 258 -5.39 -25.33 31.96
CA GLU A 258 -5.37 -26.48 31.06
C GLU A 258 -4.42 -27.58 31.54
N LEU A 259 -3.12 -27.28 31.62
CA LEU A 259 -2.10 -28.30 31.78
C LEU A 259 -1.65 -28.47 33.23
N SER A 260 -2.50 -28.12 34.19
CA SER A 260 -2.24 -28.47 35.58
C SER A 260 -2.51 -29.93 35.87
N ILE A 261 -3.17 -30.63 34.94
CA ILE A 261 -3.50 -32.04 35.11
C ILE A 261 -2.26 -32.92 35.07
N TYR A 262 -1.16 -32.43 34.51
CA TYR A 262 0.08 -33.19 34.41
C TYR A 262 0.94 -33.07 35.65
N GLU A 263 0.46 -32.41 36.71
CA GLU A 263 1.25 -32.25 37.91
C GLU A 263 1.29 -33.57 38.68
N GLY A 264 2.50 -33.99 39.05
CA GLY A 264 2.71 -35.23 39.78
C GLY A 264 3.64 -36.19 39.07
N ILE A 265 3.80 -36.07 37.75
CA ILE A 265 4.66 -36.98 36.99
C ILE A 265 6.12 -36.67 37.32
N PRO A 266 7.02 -37.64 37.22
CA PRO A 266 8.45 -37.35 37.42
C PRO A 266 9.12 -36.69 36.23
N HIS A 267 8.38 -36.36 35.17
CA HIS A 267 8.95 -35.71 34.00
C HIS A 267 8.91 -34.19 34.08
N LEU A 268 8.91 -33.63 35.28
CA LEU A 268 8.89 -32.18 35.45
C LEU A 268 10.15 -31.72 36.17
N LEU A 269 10.56 -30.49 35.88
CA LEU A 269 11.66 -29.85 36.60
C LEU A 269 11.17 -28.96 37.73
N CYS A 270 9.86 -28.84 37.90
CA CYS A 270 9.21 -27.88 38.78
C CYS A 270 7.74 -28.20 38.86
N PRO A 271 7.00 -27.65 39.81
CA PRO A 271 5.55 -27.53 39.63
C PRO A 271 5.26 -26.64 38.44
N VAL A 272 4.13 -26.91 37.78
CA VAL A 272 3.85 -26.33 36.46
C VAL A 272 3.64 -24.82 36.59
N VAL A 273 4.37 -24.07 35.77
CA VAL A 273 4.61 -22.65 36.00
C VAL A 273 3.36 -21.84 35.71
N THR A 274 3.01 -20.95 36.64
CA THR A 274 1.81 -20.11 36.55
C THR A 274 2.08 -18.74 35.97
N ASP A 275 2.98 -17.98 36.59
CA ASP A 275 3.17 -16.57 36.27
C ASP A 275 4.21 -16.38 35.18
N MET A 276 4.05 -15.31 34.41
CA MET A 276 5.00 -15.00 33.35
C MET A 276 6.35 -14.55 33.91
N LYS A 277 6.36 -14.02 35.14
CA LYS A 277 7.62 -13.72 35.81
C LYS A 277 8.41 -14.98 36.09
N GLU A 278 7.73 -15.99 36.66
CA GLU A 278 8.37 -17.26 36.96
C GLU A 278 8.68 -18.03 35.67
N ALA A 279 7.88 -17.82 34.63
CA ALA A 279 8.16 -18.43 33.33
C ALA A 279 9.41 -17.82 32.69
N ALA A 280 9.57 -16.50 32.80
CA ALA A 280 10.78 -15.85 32.30
C ALA A 280 12.00 -16.28 33.11
N ASN A 281 11.82 -16.50 34.42
CA ASN A 281 12.90 -17.04 35.24
C ASN A 281 13.29 -18.45 34.81
N ALA A 282 12.30 -19.29 34.51
CA ALA A 282 12.58 -20.64 34.02
C ALA A 282 13.22 -20.63 32.64
N LEU A 283 12.85 -19.68 31.79
CA LEU A 283 13.50 -19.58 30.50
C LEU A 283 14.94 -19.06 30.62
N ARG A 284 15.21 -18.19 31.59
CA ARG A 284 16.60 -17.80 31.86
C ARG A 284 17.41 -18.99 32.36
N TRP A 285 16.80 -19.83 33.21
CA TRP A 285 17.43 -21.08 33.63
C TRP A 285 17.70 -21.99 32.44
N SER A 286 16.77 -22.03 31.49
CA SER A 286 16.92 -22.88 30.31
C SER A 286 18.04 -22.37 29.40
N VAL A 287 18.17 -21.05 29.27
CA VAL A 287 19.28 -20.46 28.52
C VAL A 287 20.60 -20.81 29.19
N ALA A 288 20.66 -20.70 30.52
CA ALA A 288 21.90 -21.03 31.24
C ALA A 288 22.25 -22.50 31.14
N GLU A 289 21.24 -23.37 31.14
CA GLU A 289 21.49 -24.80 31.00
C GLU A 289 21.94 -25.15 29.59
N MET A 290 21.38 -24.49 28.58
CA MET A 290 21.85 -24.65 27.21
C MET A 290 23.30 -24.19 27.07
N GLU A 291 23.65 -23.08 27.73
CA GLU A 291 25.01 -22.55 27.62
C GLU A 291 26.02 -23.45 28.30
N ARG A 292 25.67 -23.99 29.48
CA ARG A 292 26.61 -24.90 30.13
C ARG A 292 26.69 -26.24 29.39
N ARG A 293 25.62 -26.65 28.71
CA ARG A 293 25.70 -27.84 27.87
C ARG A 293 26.59 -27.62 26.66
N TYR A 294 26.49 -26.46 26.01
CA TYR A 294 27.41 -26.15 24.91
C TYR A 294 28.85 -26.06 25.38
N ARG A 295 29.08 -25.49 26.56
CA ARG A 295 30.45 -25.42 27.07
C ARG A 295 31.00 -26.79 27.43
N LEU A 296 30.16 -27.67 27.99
CA LEU A 296 30.66 -29.00 28.33
C LEU A 296 30.84 -29.85 27.07
N MET A 297 30.04 -29.62 26.02
CA MET A 297 30.27 -30.32 24.77
C MET A 297 31.50 -29.80 24.05
N ALA A 298 31.80 -28.51 24.19
CA ALA A 298 33.05 -27.99 23.64
C ALA A 298 34.25 -28.52 24.41
N ALA A 299 34.07 -28.77 25.72
CA ALA A 299 35.15 -29.39 26.49
C ALA A 299 35.33 -30.86 26.10
N MET A 300 34.23 -31.57 25.81
CA MET A 300 34.30 -32.98 25.48
C MET A 300 34.46 -33.24 24.00
N GLY A 301 34.40 -32.23 23.15
CA GLY A 301 34.60 -32.39 21.72
C GLY A 301 33.49 -33.16 21.03
N VAL A 302 32.26 -32.73 21.26
CA VAL A 302 31.07 -33.49 20.88
C VAL A 302 30.24 -32.62 19.94
N ARG A 303 29.75 -33.24 18.85
CA ARG A 303 29.20 -32.50 17.72
C ARG A 303 27.69 -32.28 17.78
N ASN A 304 26.98 -32.96 18.67
CA ASN A 304 25.55 -32.72 18.91
C ASN A 304 25.16 -33.31 20.27
N LEU A 305 23.85 -33.37 20.53
CA LEU A 305 23.38 -34.05 21.73
C LEU A 305 23.52 -35.56 21.62
N ALA A 306 23.17 -36.12 20.46
CA ALA A 306 23.22 -37.57 20.27
C ALA A 306 24.64 -38.10 20.34
N GLY A 307 25.63 -37.29 19.95
CA GLY A 307 27.00 -37.65 20.23
C GLY A 307 27.31 -37.70 21.71
N PHE A 308 26.66 -36.83 22.50
CA PHE A 308 26.93 -36.87 23.93
C PHE A 308 26.19 -38.02 24.60
N ASN A 309 25.05 -38.43 24.05
CA ASN A 309 24.46 -39.68 24.52
C ASN A 309 25.24 -40.90 24.05
N ARG A 310 25.97 -40.77 22.94
CA ARG A 310 26.92 -41.83 22.60
C ARG A 310 28.10 -41.84 23.55
N LYS A 311 28.49 -40.67 24.07
CA LYS A 311 29.46 -40.63 25.15
C LYS A 311 28.89 -41.22 26.45
N VAL A 312 27.58 -41.06 26.67
CA VAL A 312 26.92 -41.74 27.79
C VAL A 312 26.94 -43.26 27.57
N LYS A 313 26.79 -43.70 26.33
CA LYS A 313 26.96 -45.12 26.02
C LYS A 313 28.41 -45.56 26.21
N ASP A 314 29.37 -44.67 25.98
CA ASP A 314 30.77 -44.93 26.31
C ASP A 314 31.00 -44.98 27.81
N ALA A 315 30.14 -44.30 28.58
CA ALA A 315 30.15 -44.31 30.03
C ALA A 315 29.53 -45.59 30.57
N GLU A 316 29.05 -45.56 31.83
CA GLU A 316 28.60 -46.74 32.58
C GLU A 316 27.49 -47.56 31.91
N GLU A 317 26.91 -47.10 30.81
CA GLU A 317 26.06 -47.97 29.98
C GLU A 317 26.83 -49.18 29.48
N ALA A 318 28.06 -48.99 29.01
CA ALA A 318 28.92 -50.09 28.61
C ALA A 318 29.84 -50.56 29.73
N GLY A 319 29.67 -50.04 30.94
CA GLY A 319 30.46 -50.48 32.07
C GLY A 319 31.86 -49.93 32.11
N THR A 320 32.02 -48.64 31.85
CA THR A 320 33.31 -47.96 31.99
C THR A 320 33.02 -46.54 32.44
N PRO A 321 33.17 -46.25 33.73
CA PRO A 321 32.76 -44.94 34.25
C PRO A 321 33.69 -43.81 33.82
N LEU A 322 33.16 -42.60 33.87
CA LEU A 322 33.87 -41.40 33.44
C LEU A 322 34.03 -40.45 34.63
N THR A 323 34.50 -39.25 34.33
CA THR A 323 34.72 -38.20 35.32
C THR A 323 33.73 -37.05 35.10
N ASP A 324 33.93 -35.99 35.87
CA ASP A 324 33.11 -34.77 35.78
C ASP A 324 34.03 -33.61 35.42
N PRO A 325 34.35 -33.43 34.13
CA PRO A 325 35.23 -32.32 33.74
C PRO A 325 34.53 -30.97 33.78
N GLN A 338 31.65 -38.57 37.19
CA GLN A 338 30.72 -39.44 36.47
C GLN A 338 29.56 -38.64 35.90
N LEU A 339 29.70 -38.21 34.65
CA LEU A 339 28.64 -37.48 33.97
C LEU A 339 27.47 -38.41 33.66
N SER A 340 26.29 -38.04 34.12
CA SER A 340 25.09 -38.83 33.86
C SER A 340 24.52 -38.44 32.50
N THR A 341 23.30 -38.89 32.22
CA THR A 341 22.61 -38.49 31.00
C THR A 341 22.18 -37.04 31.10
N LEU A 342 22.37 -36.28 30.02
CA LEU A 342 21.76 -34.97 29.92
C LEU A 342 20.43 -35.12 29.22
N PRO A 343 19.30 -34.97 29.90
CA PRO A 343 18.01 -35.31 29.29
C PRO A 343 17.58 -34.28 28.26
N THR A 344 16.94 -34.77 27.20
CA THR A 344 16.35 -33.89 26.20
C THR A 344 15.18 -33.15 26.82
N ILE A 345 15.19 -31.82 26.71
CA ILE A 345 14.19 -30.98 27.35
C ILE A 345 13.24 -30.49 26.27
N VAL A 346 11.96 -30.79 26.44
CA VAL A 346 10.92 -30.33 25.53
C VAL A 346 10.06 -29.34 26.31
N VAL A 347 10.28 -28.06 26.08
CA VAL A 347 9.62 -27.01 26.84
C VAL A 347 8.31 -26.67 26.15
N VAL A 348 7.21 -27.06 26.74
CA VAL A 348 5.92 -26.71 26.17
C VAL A 348 5.46 -25.39 26.75
N VAL A 349 4.87 -24.55 25.89
CA VAL A 349 4.31 -23.28 26.29
C VAL A 349 2.90 -23.21 25.71
N ASP A 350 1.90 -23.11 26.59
CA ASP A 350 0.52 -23.19 26.13
C ASP A 350 0.09 -21.91 25.41
N GLU A 351 0.53 -20.75 25.91
CA GLU A 351 0.09 -19.50 25.28
C GLU A 351 1.20 -18.45 25.45
N PHE A 352 2.11 -18.39 24.48
CA PHE A 352 3.16 -17.38 24.59
C PHE A 352 2.74 -16.03 24.05
N ALA A 353 1.51 -15.93 23.53
CA ALA A 353 0.95 -14.63 23.17
C ALA A 353 0.74 -13.77 24.39
N ASP A 354 0.18 -14.36 25.47
CA ASP A 354 -0.01 -13.62 26.72
C ASP A 354 1.31 -13.16 27.31
N MET A 355 2.32 -14.05 27.27
CA MET A 355 3.64 -13.74 27.81
C MET A 355 4.28 -12.60 27.03
N MET A 356 4.31 -12.71 25.70
CA MET A 356 4.98 -11.71 24.89
C MET A 356 4.15 -10.44 24.69
N MET A 357 2.89 -10.41 25.12
CA MET A 357 2.22 -9.12 25.14
C MET A 357 2.22 -8.47 26.53
N ILE A 358 2.42 -9.25 27.59
CA ILE A 358 2.43 -8.68 28.92
C ILE A 358 3.84 -8.24 29.33
N VAL A 359 4.84 -9.10 29.18
CA VAL A 359 6.13 -8.79 29.79
C VAL A 359 7.12 -8.16 28.81
N GLY A 360 6.88 -8.28 27.50
CA GLY A 360 7.67 -7.50 26.55
C GLY A 360 8.40 -8.29 25.49
N LYS A 361 9.59 -7.81 25.11
CA LYS A 361 10.37 -8.41 24.04
C LYS A 361 11.68 -9.02 24.49
N LYS A 362 12.06 -8.86 25.75
CA LYS A 362 13.22 -9.56 26.28
C LYS A 362 12.99 -11.07 26.34
N VAL A 363 11.75 -11.48 26.59
CA VAL A 363 11.40 -12.89 26.45
C VAL A 363 11.58 -13.35 25.01
N GLU A 364 11.24 -12.49 24.04
CA GLU A 364 11.47 -12.83 22.64
C GLU A 364 12.96 -12.91 22.32
N GLU A 365 13.79 -12.10 23.00
CA GLU A 365 15.24 -12.23 22.87
C GLU A 365 15.72 -13.60 23.39
N LEU A 366 15.17 -14.04 24.53
CA LEU A 366 15.49 -15.37 25.05
C LEU A 366 15.04 -16.48 24.11
N ILE A 367 13.83 -16.36 23.56
CA ILE A 367 13.28 -17.39 22.68
C ILE A 367 14.04 -17.43 21.37
N ALA A 368 14.52 -16.28 20.89
CA ALA A 368 15.32 -16.26 19.68
C ALA A 368 16.70 -16.86 19.92
N ARG A 369 17.30 -16.58 21.08
CA ARG A 369 18.61 -17.17 21.39
C ARG A 369 18.52 -18.67 21.62
N ILE A 370 17.38 -19.17 22.09
CA ILE A 370 17.16 -20.61 22.10
C ILE A 370 17.00 -21.14 20.68
N ALA A 371 15.97 -20.63 19.97
CA ALA A 371 15.51 -21.18 18.69
C ALA A 371 16.54 -21.04 17.58
N GLN A 372 17.54 -20.18 17.75
CA GLN A 372 18.61 -20.11 16.77
C GLN A 372 19.62 -21.25 16.94
N LYS A 373 19.74 -21.82 18.13
CA LYS A 373 20.95 -22.59 18.44
C LYS A 373 20.69 -23.97 19.02
N ALA A 374 19.55 -24.16 19.67
CA ALA A 374 19.36 -25.25 20.62
C ALA A 374 19.06 -26.62 19.99
N ARG A 375 19.30 -26.85 18.70
CA ARG A 375 19.06 -28.17 18.14
C ARG A 375 20.07 -29.19 18.68
N ALA A 376 21.35 -28.87 18.60
CA ALA A 376 22.40 -29.74 19.12
C ALA A 376 22.61 -29.60 20.62
N ALA A 377 21.69 -28.95 21.34
CA ALA A 377 21.86 -28.66 22.75
C ALA A 377 21.19 -29.67 23.66
N GLY A 378 19.89 -29.88 23.47
CA GLY A 378 19.13 -30.72 24.38
C GLY A 378 17.97 -29.98 25.01
N ILE A 379 17.57 -28.87 24.40
CA ILE A 379 16.41 -28.09 24.83
C ILE A 379 15.57 -27.79 23.60
N HIS A 380 14.31 -28.20 23.63
CA HIS A 380 13.40 -28.01 22.51
C HIS A 380 12.14 -27.31 23.02
N LEU A 381 11.41 -26.71 22.07
CA LEU A 381 10.22 -25.92 22.41
C LEU A 381 9.02 -26.35 21.58
N ILE A 382 7.91 -26.61 22.27
CA ILE A 382 6.59 -26.73 21.65
C ILE A 382 5.85 -25.46 22.02
N LEU A 383 5.84 -24.50 21.10
CA LEU A 383 5.18 -23.22 21.35
C LEU A 383 3.76 -23.28 20.81
N ALA A 384 2.79 -22.99 21.68
CA ALA A 384 1.39 -22.92 21.29
C ALA A 384 0.87 -21.52 21.57
N THR A 385 -0.09 -21.08 20.76
CA THR A 385 -0.62 -19.74 20.87
C THR A 385 -2.04 -19.70 20.31
N GLN A 386 -2.62 -18.51 20.28
CA GLN A 386 -3.89 -18.29 19.61
C GLN A 386 -3.89 -17.04 18.74
N ARG A 387 -2.78 -16.31 18.63
CA ARG A 387 -2.70 -15.15 17.75
C ARG A 387 -1.60 -15.38 16.72
N PRO A 388 -1.93 -15.92 15.55
CA PRO A 388 -0.96 -15.94 14.46
C PRO A 388 -0.78 -14.56 13.86
N SER A 389 -0.06 -13.68 14.54
CA SER A 389 0.04 -12.29 14.11
C SER A 389 1.47 -11.81 14.33
N VAL A 390 1.77 -10.66 13.73
CA VAL A 390 3.08 -10.03 13.88
C VAL A 390 3.24 -9.47 15.29
N ASP A 391 2.13 -9.22 16.00
CA ASP A 391 2.20 -8.80 17.39
C ASP A 391 2.76 -9.89 18.29
N VAL A 392 2.67 -11.15 17.87
CA VAL A 392 3.17 -12.27 18.65
C VAL A 392 4.31 -12.94 17.90
N ILE A 393 4.03 -13.42 16.70
CA ILE A 393 5.03 -14.13 15.89
C ILE A 393 5.66 -13.10 14.96
N THR A 394 6.83 -12.60 15.34
CA THR A 394 7.55 -11.66 14.50
C THR A 394 8.42 -12.43 13.51
N GLY A 395 9.34 -11.73 12.87
CA GLY A 395 10.37 -12.41 12.10
C GLY A 395 11.49 -12.99 12.94
N LEU A 396 11.54 -12.63 14.22
CA LEU A 396 12.56 -13.18 15.11
C LEU A 396 12.30 -14.65 15.39
N ILE A 397 11.03 -15.03 15.56
CA ILE A 397 10.67 -16.37 15.97
C ILE A 397 10.05 -17.03 14.73
N LYS A 398 10.48 -16.58 13.56
CA LYS A 398 10.00 -17.11 12.30
C LYS A 398 11.04 -17.92 11.55
N ALA A 399 12.21 -17.34 11.28
CA ALA A 399 13.24 -18.04 10.53
C ALA A 399 13.98 -19.08 11.35
N ASN A 400 13.75 -19.12 12.66
CA ASN A 400 14.45 -20.06 13.52
C ASN A 400 13.60 -21.27 13.90
N ILE A 401 12.31 -21.26 13.59
CA ILE A 401 11.47 -22.44 13.79
C ILE A 401 10.87 -22.80 12.44
N PRO A 402 11.52 -23.68 11.66
CA PRO A 402 11.03 -23.98 10.31
C PRO A 402 9.98 -25.08 10.24
N THR A 403 9.54 -25.62 11.37
CA THR A 403 8.57 -26.71 11.40
C THR A 403 7.39 -26.24 12.23
N ARG A 404 6.22 -26.12 11.62
CA ARG A 404 5.09 -25.42 12.23
C ARG A 404 3.82 -26.23 12.11
N ILE A 405 3.06 -26.29 13.20
CA ILE A 405 1.72 -26.87 13.19
C ILE A 405 0.72 -25.72 13.10
N ALA A 406 -0.20 -25.81 12.15
CA ALA A 406 -1.22 -24.78 11.98
C ALA A 406 -2.58 -25.44 11.99
N PHE A 407 -3.39 -25.14 13.00
CA PHE A 407 -4.77 -25.60 13.05
C PHE A 407 -5.66 -24.60 12.32
N GLN A 408 -6.96 -24.69 12.51
CA GLN A 408 -7.93 -23.83 11.82
C GLN A 408 -7.76 -22.38 12.25
N VAL A 409 -7.26 -21.55 11.33
CA VAL A 409 -7.21 -20.12 11.54
C VAL A 409 -8.34 -19.48 10.73
N SER A 410 -8.58 -18.20 10.97
CA SER A 410 -9.76 -17.54 10.42
C SER A 410 -9.46 -16.60 9.25
N SER A 411 -8.23 -16.60 8.73
CA SER A 411 -7.89 -15.75 7.60
C SER A 411 -6.66 -16.28 6.89
N LYS A 412 -6.59 -15.99 5.59
CA LYS A 412 -5.39 -16.30 4.81
C LYS A 412 -4.20 -15.46 5.26
N ILE A 413 -4.47 -14.28 5.83
CA ILE A 413 -3.39 -13.42 6.35
C ILE A 413 -2.67 -14.11 7.49
N ASP A 414 -3.43 -14.77 8.37
CA ASP A 414 -2.80 -15.54 9.44
C ASP A 414 -2.08 -16.77 8.90
N SER A 415 -2.58 -17.33 7.80
CA SER A 415 -1.90 -18.45 7.15
C SER A 415 -0.54 -18.04 6.59
N ARG A 416 -0.47 -16.85 5.99
CA ARG A 416 0.82 -16.33 5.57
C ARG A 416 1.66 -15.89 6.76
N THR A 417 1.02 -15.60 7.89
CA THR A 417 1.78 -15.21 9.07
C THR A 417 2.49 -16.41 9.69
N ILE A 418 1.85 -17.58 9.69
CA ILE A 418 2.54 -18.74 10.24
C ILE A 418 3.14 -19.63 9.14
N LEU A 419 2.32 -20.22 8.28
CA LEU A 419 2.81 -21.17 7.28
C LEU A 419 3.55 -20.53 6.12
N ASP A 420 3.54 -19.20 6.02
CA ASP A 420 4.17 -18.42 4.95
C ASP A 420 3.61 -18.81 3.57
N GLN A 421 2.34 -19.21 3.55
CA GLN A 421 1.63 -19.57 2.34
C GLN A 421 0.14 -19.47 2.64
N GLY A 422 -0.69 -20.01 1.76
CA GLY A 422 -2.11 -20.04 2.02
C GLY A 422 -2.69 -21.43 2.09
N GLY A 423 -3.81 -21.58 2.78
CA GLY A 423 -4.49 -22.86 2.80
C GLY A 423 -4.74 -23.41 4.20
N ALA A 424 -4.53 -22.58 5.21
CA ALA A 424 -4.74 -23.01 6.60
C ALA A 424 -6.14 -22.79 7.09
N GLU A 425 -6.85 -21.79 6.55
CA GLU A 425 -8.24 -21.55 6.96
C GLU A 425 -9.20 -22.55 6.33
N GLN A 426 -8.74 -23.35 5.38
CA GLN A 426 -9.58 -24.32 4.70
C GLN A 426 -9.77 -25.60 5.50
N LEU A 427 -9.14 -25.71 6.67
CA LEU A 427 -9.17 -26.94 7.44
C LEU A 427 -10.55 -27.19 8.03
N LEU A 428 -10.84 -28.46 8.28
CA LEU A 428 -12.16 -28.89 8.70
C LEU A 428 -12.31 -28.92 10.22
N GLY A 429 -11.39 -28.31 10.94
CA GLY A 429 -11.50 -28.20 12.38
C GLY A 429 -11.20 -29.51 13.10
N HIS A 430 -11.19 -29.40 14.43
CA HIS A 430 -11.04 -30.52 15.38
C HIS A 430 -9.74 -31.28 15.15
N GLY A 431 -8.64 -30.58 15.35
CA GLY A 431 -7.33 -31.19 15.30
C GLY A 431 -6.75 -31.40 13.92
N ASP A 432 -7.52 -31.21 12.86
CA ASP A 432 -7.01 -31.44 11.51
C ASP A 432 -6.07 -30.31 11.16
N MET A 433 -4.78 -30.60 11.18
CA MET A 433 -3.72 -29.61 11.14
C MET A 433 -3.00 -29.62 9.79
N LEU A 434 -2.01 -28.75 9.66
CA LEU A 434 -1.12 -28.73 8.52
C LEU A 434 0.31 -28.79 9.03
N TYR A 435 0.81 -30.02 9.16
CA TYR A 435 2.19 -30.27 9.52
C TYR A 435 3.10 -29.81 8.38
N LEU A 436 3.89 -28.78 8.63
CA LEU A 436 4.85 -28.30 7.65
C LEU A 436 6.22 -28.88 7.99
N PRO A 437 6.72 -29.84 7.24
CA PRO A 437 7.95 -30.54 7.63
C PRO A 437 9.17 -29.67 7.41
N PRO A 438 10.29 -29.95 8.09
CA PRO A 438 11.51 -29.19 7.83
C PRO A 438 12.12 -29.59 6.50
N GLY A 439 12.80 -28.63 5.88
CA GLY A 439 13.36 -28.86 4.57
C GLY A 439 12.41 -28.42 3.48
N THR A 440 11.65 -29.38 2.93
CA THR A 440 10.69 -29.08 1.89
C THR A 440 9.55 -28.23 2.44
N GLY A 441 9.38 -27.04 1.89
CA GLY A 441 8.33 -26.14 2.35
C GLY A 441 6.99 -26.39 1.70
N LEU A 442 6.54 -27.63 1.72
CA LEU A 442 5.27 -28.04 1.16
C LEU A 442 4.41 -28.59 2.29
N PRO A 443 3.13 -28.24 2.37
CA PRO A 443 2.32 -28.67 3.51
C PRO A 443 1.97 -30.15 3.44
N ILE A 444 1.98 -30.79 4.60
CA ILE A 444 1.57 -32.19 4.75
C ILE A 444 0.39 -32.19 5.70
N ARG A 445 -0.79 -32.51 5.20
CA ARG A 445 -1.99 -32.41 6.00
C ARG A 445 -2.15 -33.64 6.89
N VAL A 446 -2.41 -33.40 8.17
CA VAL A 446 -2.43 -34.45 9.19
C VAL A 446 -3.70 -34.31 10.01
N HIS A 447 -4.47 -35.39 10.13
CA HIS A 447 -5.63 -35.39 10.99
C HIS A 447 -5.19 -35.61 12.43
N GLY A 448 -5.78 -34.84 13.35
CA GLY A 448 -5.36 -34.89 14.73
C GLY A 448 -5.96 -36.09 15.46
N ALA A 449 -5.14 -36.69 16.33
CA ALA A 449 -5.56 -37.85 17.09
C ALA A 449 -6.19 -37.41 18.40
N PHE A 450 -7.40 -37.89 18.67
CA PHE A 450 -8.13 -37.49 19.86
C PHE A 450 -7.68 -38.30 21.06
N VAL A 451 -7.34 -37.61 22.13
CA VAL A 451 -7.02 -38.24 23.41
C VAL A 451 -7.87 -37.58 24.49
N SER A 452 -8.67 -38.39 25.20
CA SER A 452 -9.61 -37.84 26.15
C SER A 452 -8.95 -37.61 27.49
N ASP A 453 -9.67 -36.94 28.38
CA ASP A 453 -9.13 -36.57 29.68
C ASP A 453 -9.02 -37.75 30.63
N ASP A 454 -9.82 -38.80 30.40
CA ASP A 454 -9.74 -40.00 31.23
C ASP A 454 -8.46 -40.76 30.96
N GLU A 455 -8.07 -40.86 29.68
CA GLU A 455 -6.77 -41.45 29.33
C GLU A 455 -5.63 -40.63 29.91
N VAL A 456 -5.80 -39.31 29.98
CA VAL A 456 -4.80 -38.43 30.59
C VAL A 456 -4.67 -38.72 32.08
N HIS A 457 -5.81 -38.87 32.78
CA HIS A 457 -5.77 -39.22 34.21
C HIS A 457 -5.14 -40.59 34.41
N ARG A 458 -5.35 -41.52 33.48
CA ARG A 458 -4.75 -42.84 33.58
C ARG A 458 -3.23 -42.77 33.42
N VAL A 459 -2.74 -41.96 32.47
CA VAL A 459 -1.29 -41.88 32.27
C VAL A 459 -0.63 -41.12 33.42
N VAL A 460 -1.30 -40.08 33.94
CA VAL A 460 -0.81 -39.36 35.11
C VAL A 460 -0.76 -40.28 36.33
N GLU A 461 -1.78 -41.14 36.49
CA GLU A 461 -1.77 -42.11 37.57
C GLU A 461 -0.66 -43.13 37.40
N ALA A 462 -0.44 -43.61 36.16
CA ALA A 462 0.58 -44.60 35.89
C ALA A 462 1.99 -44.05 36.06
N TRP A 463 2.18 -42.74 35.92
CA TRP A 463 3.48 -42.18 36.23
C TRP A 463 3.62 -41.75 37.68
N LYS A 464 2.53 -41.42 38.36
CA LYS A 464 2.62 -41.12 39.78
C LYS A 464 2.78 -42.38 40.62
N LEU A 465 2.40 -43.55 40.10
CA LEU A 465 2.60 -44.81 40.79
C LEU A 465 3.95 -45.45 40.48
N ARG A 466 4.90 -44.70 39.92
CA ARG A 466 6.21 -45.24 39.62
C ARG A 466 7.38 -44.40 40.12
N GLY A 467 7.25 -43.09 40.18
CA GLY A 467 8.42 -42.28 40.50
C GLY A 467 8.14 -40.99 41.25
N ALA A 468 8.92 -40.73 42.30
CA ALA A 468 8.86 -39.48 43.02
C ALA A 468 9.39 -38.35 42.14
N PRO A 469 8.87 -37.12 42.29
CA PRO A 469 9.33 -36.00 41.44
C PRO A 469 10.79 -35.61 41.66
N ASP A 470 11.60 -35.81 40.63
CA ASP A 470 13.02 -35.47 40.64
C ASP A 470 13.16 -34.05 40.12
N TYR A 471 13.14 -33.08 41.02
CA TYR A 471 13.13 -31.68 40.66
C TYR A 471 14.52 -31.05 40.78
N ILE A 472 14.76 -30.05 39.94
CA ILE A 472 15.71 -29.00 40.25
C ILE A 472 14.85 -27.81 40.65
N GLU A 473 14.67 -27.64 41.96
CA GLU A 473 13.65 -26.73 42.48
C GLU A 473 14.10 -25.27 42.37
N ASP A 474 15.40 -25.03 42.19
CA ASP A 474 15.95 -23.68 42.15
C ASP A 474 15.69 -22.96 40.82
N ILE A 475 14.90 -23.55 39.92
CA ILE A 475 14.55 -22.94 38.65
C ILE A 475 13.66 -21.70 38.84
N LEU A 476 12.92 -21.62 39.94
CA LEU A 476 12.04 -20.48 40.17
C LEU A 476 12.61 -19.55 41.23
N LEU B 70 51.78 -29.91 2.08
CA LEU B 70 50.78 -29.87 1.01
C LEU B 70 50.18 -31.27 0.81
N PRO B 71 48.93 -31.45 1.21
CA PRO B 71 48.30 -32.75 1.08
C PRO B 71 47.89 -33.03 -0.36
N PRO B 72 47.87 -34.28 -0.77
CA PRO B 72 47.39 -34.61 -2.11
C PRO B 72 45.87 -34.55 -2.18
N LEU B 73 45.36 -34.71 -3.40
CA LEU B 73 43.93 -34.75 -3.61
C LEU B 73 43.32 -36.10 -3.28
N SER B 74 44.14 -37.11 -2.96
CA SER B 74 43.65 -38.44 -2.67
C SER B 74 43.14 -38.60 -1.25
N LEU B 75 43.31 -37.60 -0.39
CA LEU B 75 42.77 -37.69 0.97
C LEU B 75 41.27 -37.48 1.00
N LEU B 76 40.71 -36.92 -0.06
CA LEU B 76 39.26 -36.92 -0.25
C LEU B 76 38.78 -38.35 -0.49
N ASP B 77 37.48 -38.56 -0.30
CA ASP B 77 36.89 -39.82 -0.69
C ASP B 77 36.92 -39.95 -2.22
N PRO B 78 37.19 -41.13 -2.76
CA PRO B 78 37.40 -41.28 -4.20
C PRO B 78 36.14 -41.05 -5.01
N ALA B 79 36.33 -41.00 -6.32
CA ALA B 79 35.23 -40.74 -7.25
C ALA B 79 34.28 -41.92 -7.29
N GLU B 80 32.99 -41.62 -7.23
CA GLU B 80 31.94 -42.63 -7.04
C GLU B 80 31.61 -43.32 -8.36
N VAL B 81 30.48 -44.02 -8.38
CA VAL B 81 30.06 -44.82 -9.52
C VAL B 81 29.74 -43.91 -10.70
N LYS B 82 30.42 -44.13 -11.82
CA LYS B 82 30.13 -43.41 -13.05
C LYS B 82 28.80 -43.92 -13.60
N GLN B 83 27.73 -43.17 -13.34
CA GLN B 83 26.38 -43.60 -13.70
C GLN B 83 26.16 -43.36 -15.18
N LYS B 84 26.00 -44.45 -15.93
CA LYS B 84 25.70 -44.43 -17.35
C LYS B 84 24.19 -44.39 -17.54
N SER B 85 23.73 -44.74 -18.75
CA SER B 85 22.32 -44.89 -19.13
C SER B 85 21.55 -43.58 -19.11
N TYR B 86 22.25 -42.47 -19.28
CA TYR B 86 21.63 -41.21 -19.71
C TYR B 86 21.77 -41.10 -21.23
N SER B 87 21.25 -42.12 -21.89
CA SER B 87 21.58 -42.43 -23.28
C SER B 87 20.98 -41.39 -24.22
N PRO B 88 21.53 -41.27 -25.43
CA PRO B 88 20.89 -40.41 -26.43
C PRO B 88 19.51 -40.88 -26.85
N GLU B 89 19.22 -42.17 -26.77
CA GLU B 89 17.87 -42.63 -27.09
C GLU B 89 16.88 -42.27 -25.98
N SER B 90 17.32 -42.26 -24.72
CA SER B 90 16.44 -41.86 -23.63
C SER B 90 16.17 -40.36 -23.66
N LEU B 91 17.19 -39.56 -23.94
CA LEU B 91 17.00 -38.12 -24.07
C LEU B 91 16.21 -37.77 -25.33
N GLU B 92 16.36 -38.57 -26.38
CA GLU B 92 15.53 -38.38 -27.57
C GLU B 92 14.07 -38.70 -27.28
N ALA B 93 13.84 -39.74 -26.48
CA ALA B 93 12.46 -40.05 -26.06
C ALA B 93 11.90 -38.94 -25.19
N MET B 94 12.73 -38.36 -24.32
CA MET B 94 12.30 -37.23 -23.50
C MET B 94 11.98 -36.01 -24.35
N SER B 95 12.78 -35.77 -25.40
CA SER B 95 12.54 -34.61 -26.26
C SER B 95 11.28 -34.78 -27.10
N ARG B 96 11.04 -36.00 -27.61
CA ARG B 96 9.80 -36.23 -28.33
C ARG B 96 8.59 -36.20 -27.40
N LEU B 97 8.77 -36.64 -26.15
CA LEU B 97 7.72 -36.48 -25.15
C LEU B 97 7.41 -35.01 -24.90
N LEU B 98 8.46 -34.17 -24.87
CA LEU B 98 8.25 -32.73 -24.68
C LEU B 98 7.54 -32.10 -25.86
N GLU B 99 7.90 -32.51 -27.09
CA GLU B 99 7.21 -32.01 -28.27
C GLU B 99 5.75 -32.42 -28.29
N ILE B 100 5.44 -33.66 -27.90
CA ILE B 100 4.05 -34.11 -27.88
C ILE B 100 3.25 -33.39 -26.80
N LYS B 101 3.83 -33.25 -25.60
CA LYS B 101 3.08 -32.61 -24.51
C LYS B 101 2.91 -31.11 -24.75
N LEU B 102 3.82 -30.48 -25.48
CA LEU B 102 3.54 -29.09 -25.84
C LEU B 102 2.59 -28.99 -27.04
N LYS B 103 2.59 -29.99 -27.92
CA LYS B 103 1.68 -29.94 -29.05
C LYS B 103 0.24 -30.22 -28.64
N GLU B 104 0.03 -30.90 -27.50
CA GLU B 104 -1.34 -31.13 -27.02
C GLU B 104 -2.03 -29.82 -26.64
N PHE B 105 -1.26 -28.86 -26.14
CA PHE B 105 -1.82 -27.54 -25.85
C PHE B 105 -1.79 -26.71 -27.13
N GLY B 106 -1.96 -25.40 -27.00
CA GLY B 106 -2.05 -24.55 -28.18
C GLY B 106 -0.75 -24.40 -28.94
N VAL B 107 0.38 -24.46 -28.24
CA VAL B 107 1.65 -24.11 -28.85
C VAL B 107 2.15 -25.26 -29.73
N GLU B 108 3.02 -24.91 -30.66
CA GLU B 108 3.78 -25.88 -31.45
C GLU B 108 5.26 -25.59 -31.25
N VAL B 109 6.02 -26.63 -30.93
CA VAL B 109 7.42 -26.51 -30.56
C VAL B 109 8.20 -27.48 -31.43
N SER B 110 9.53 -27.32 -31.44
CA SER B 110 10.41 -28.25 -32.15
C SER B 110 11.76 -28.21 -31.44
N VAL B 111 12.16 -29.33 -30.84
CA VAL B 111 13.41 -29.40 -30.11
C VAL B 111 14.58 -29.38 -31.09
N ASP B 112 15.53 -28.49 -30.87
CA ASP B 112 16.68 -28.37 -31.75
C ASP B 112 17.87 -29.21 -31.26
N SER B 113 18.36 -28.90 -30.06
CA SER B 113 19.50 -29.63 -29.49
C SER B 113 19.16 -30.03 -28.07
N VAL B 114 20.06 -30.81 -27.47
CA VAL B 114 19.88 -31.35 -26.12
C VAL B 114 21.17 -31.11 -25.34
N HIS B 115 21.07 -30.41 -24.23
CA HIS B 115 22.20 -30.25 -23.32
C HIS B 115 21.93 -31.03 -22.04
N PRO B 116 22.52 -32.21 -21.88
CA PRO B 116 22.37 -32.97 -20.64
C PRO B 116 23.22 -32.38 -19.53
N GLY B 117 23.09 -32.97 -18.34
CA GLY B 117 23.85 -32.52 -17.20
C GLY B 117 23.71 -33.47 -16.03
N PRO B 118 24.52 -33.25 -14.98
CA PRO B 118 24.44 -34.11 -13.79
C PRO B 118 23.14 -33.95 -13.03
N VAL B 119 22.81 -32.72 -12.67
CA VAL B 119 21.63 -32.47 -11.85
C VAL B 119 20.39 -32.27 -12.71
N ILE B 120 20.46 -31.36 -13.69
CA ILE B 120 19.31 -31.01 -14.51
C ILE B 120 19.71 -31.17 -15.98
N THR B 121 18.79 -30.80 -16.86
CA THR B 121 19.00 -30.96 -18.29
C THR B 121 18.38 -29.76 -19.01
N ARG B 122 19.14 -29.17 -19.93
CA ARG B 122 18.68 -28.05 -20.73
C ARG B 122 18.28 -28.52 -22.11
N PHE B 123 17.07 -28.14 -22.52
CA PHE B 123 16.53 -28.45 -23.84
C PHE B 123 16.39 -27.16 -24.63
N GLU B 124 17.26 -26.96 -25.60
CA GLU B 124 17.14 -25.81 -26.49
C GLU B 124 16.03 -26.11 -27.49
N ILE B 125 14.85 -25.58 -27.25
CA ILE B 125 13.71 -25.79 -28.12
C ILE B 125 13.59 -24.61 -29.06
N GLN B 126 13.17 -24.89 -30.29
CA GLN B 126 12.95 -23.88 -31.32
C GLN B 126 11.47 -23.67 -31.50
N PRO B 127 10.89 -22.59 -30.98
CA PRO B 127 9.48 -22.33 -31.23
C PRO B 127 9.23 -21.95 -32.67
N ALA B 128 8.02 -22.23 -33.13
CA ALA B 128 7.66 -21.99 -34.53
C ALA B 128 7.35 -20.50 -34.74
N ALA B 129 6.79 -20.18 -35.89
CA ALA B 129 6.45 -18.79 -36.18
C ALA B 129 5.16 -18.42 -35.48
N GLY B 130 5.17 -17.28 -34.79
CA GLY B 130 3.99 -16.71 -34.18
C GLY B 130 3.88 -16.98 -32.69
N VAL B 131 4.41 -18.10 -32.22
CA VAL B 131 4.30 -18.44 -30.81
C VAL B 131 5.28 -17.61 -29.99
N LYS B 132 4.76 -16.94 -28.97
CA LYS B 132 5.56 -16.08 -28.12
C LYS B 132 6.24 -16.89 -27.03
N VAL B 133 7.06 -16.22 -26.23
CA VAL B 133 7.72 -16.90 -25.12
C VAL B 133 6.79 -17.00 -23.93
N SER B 134 5.96 -15.99 -23.71
CA SER B 134 5.08 -15.98 -22.55
C SER B 134 4.00 -17.05 -22.64
N ARG B 135 3.65 -17.47 -23.87
CA ARG B 135 2.77 -18.62 -24.02
C ARG B 135 3.41 -19.89 -23.51
N ILE B 136 4.72 -20.02 -23.63
CA ILE B 136 5.42 -21.17 -23.07
C ILE B 136 5.59 -21.01 -21.56
N SER B 137 5.78 -19.76 -21.10
CA SER B 137 6.04 -19.56 -19.69
C SER B 137 4.80 -19.70 -18.83
N ASN B 138 3.62 -19.35 -19.37
CA ASN B 138 2.40 -19.39 -18.58
C ASN B 138 1.67 -20.72 -18.65
N LEU B 139 2.36 -21.80 -19.03
CA LEU B 139 1.79 -23.14 -18.85
C LEU B 139 2.84 -24.09 -18.29
N ALA B 140 3.92 -23.53 -17.75
CA ALA B 140 5.06 -24.31 -17.27
C ALA B 140 4.69 -25.23 -16.11
N LYS B 141 3.71 -24.83 -15.29
CA LYS B 141 3.19 -25.70 -14.24
C LYS B 141 2.57 -26.96 -14.83
N ASP B 142 1.77 -26.80 -15.88
CA ASP B 142 1.12 -27.96 -16.50
C ASP B 142 2.10 -28.79 -17.29
N LEU B 143 3.12 -28.15 -17.88
CA LEU B 143 4.15 -28.91 -18.58
C LEU B 143 4.97 -29.75 -17.62
N ALA B 144 5.34 -29.18 -16.47
CA ALA B 144 6.07 -29.95 -15.47
C ALA B 144 5.20 -31.00 -14.80
N ARG B 145 3.89 -30.79 -14.79
CA ARG B 145 3.00 -31.86 -14.32
C ARG B 145 2.96 -33.01 -15.31
N SER B 146 2.83 -32.71 -16.60
CA SER B 146 2.59 -33.77 -17.57
C SER B 146 3.86 -34.46 -18.06
N LEU B 147 5.04 -34.05 -17.60
CA LEU B 147 6.26 -34.75 -17.96
C LEU B 147 6.75 -35.68 -16.86
N ALA B 148 5.95 -35.90 -15.82
CA ALA B 148 6.28 -36.73 -14.65
C ALA B 148 7.57 -36.25 -13.97
N VAL B 149 7.74 -34.95 -13.89
CA VAL B 149 8.89 -34.35 -13.23
C VAL B 149 8.39 -33.45 -12.11
N ILE B 150 9.32 -32.98 -11.28
CA ILE B 150 8.93 -32.27 -10.08
C ILE B 150 8.74 -30.77 -10.32
N SER B 151 9.47 -30.19 -11.27
CA SER B 151 9.36 -28.77 -11.59
C SER B 151 9.87 -28.56 -13.00
N VAL B 152 9.93 -27.29 -13.41
CA VAL B 152 10.54 -26.92 -14.68
C VAL B 152 10.90 -25.45 -14.57
N ARG B 153 11.79 -24.99 -15.42
CA ARG B 153 12.13 -23.57 -15.50
C ARG B 153 12.35 -23.24 -16.97
N VAL B 154 11.84 -22.09 -17.39
CA VAL B 154 11.94 -21.66 -18.78
C VAL B 154 12.98 -20.55 -18.86
N VAL B 155 14.12 -20.87 -19.44
CA VAL B 155 15.17 -19.87 -19.70
C VAL B 155 14.74 -19.09 -20.93
N GLU B 156 14.31 -17.84 -20.73
CA GLU B 156 13.68 -17.08 -21.80
C GLU B 156 14.67 -16.53 -22.82
N VAL B 157 15.97 -16.70 -22.61
CA VAL B 157 16.95 -16.12 -23.52
C VAL B 157 18.20 -16.99 -23.51
N ILE B 158 18.69 -17.32 -24.69
CA ILE B 158 20.01 -17.92 -24.87
C ILE B 158 20.80 -16.97 -25.74
N PRO B 159 21.97 -16.50 -25.31
CA PRO B 159 22.67 -15.42 -26.04
C PRO B 159 23.25 -15.91 -27.35
N GLY B 160 22.91 -15.21 -28.43
CA GLY B 160 23.41 -15.51 -29.74
C GLY B 160 22.60 -16.50 -30.55
N LYS B 161 21.57 -17.11 -29.95
CA LYS B 161 20.78 -18.12 -30.62
C LYS B 161 19.29 -17.79 -30.50
N THR B 162 18.52 -18.36 -31.42
CA THR B 162 17.08 -18.10 -31.50
C THR B 162 16.25 -19.13 -30.73
N THR B 163 16.81 -19.74 -29.70
CA THR B 163 16.17 -20.87 -29.03
C THR B 163 15.85 -20.53 -27.59
N VAL B 164 14.67 -20.94 -27.15
CA VAL B 164 14.26 -20.81 -25.75
C VAL B 164 14.80 -22.02 -24.99
N GLY B 165 15.33 -21.79 -23.79
CA GLY B 165 15.84 -22.85 -22.95
C GLY B 165 14.77 -23.33 -21.98
N ILE B 166 14.67 -24.66 -21.84
CA ILE B 166 13.80 -25.29 -20.86
C ILE B 166 14.68 -26.12 -19.92
N GLU B 167 14.64 -25.80 -18.64
CA GLU B 167 15.39 -26.52 -17.63
C GLU B 167 14.48 -27.51 -16.92
N ILE B 168 14.81 -28.79 -17.03
CA ILE B 168 14.04 -29.87 -16.43
C ILE B 168 14.94 -30.57 -15.43
N PRO B 169 14.49 -30.80 -14.19
CA PRO B 169 15.25 -31.67 -13.29
C PRO B 169 15.29 -33.10 -13.80
N ASN B 170 16.48 -33.70 -13.74
CA ASN B 170 16.69 -35.03 -14.27
C ASN B 170 16.18 -36.05 -13.25
N GLU B 171 16.29 -37.34 -13.58
CA GLU B 171 15.72 -38.40 -12.75
C GLU B 171 16.48 -38.57 -11.43
N ASP B 172 17.78 -38.86 -11.51
CA ASP B 172 18.59 -39.09 -10.33
C ASP B 172 19.23 -37.77 -9.89
N ARG B 173 18.83 -37.29 -8.71
CA ARG B 173 19.38 -36.07 -8.15
C ARG B 173 20.80 -36.36 -7.68
N GLN B 174 21.76 -36.22 -8.59
CA GLN B 174 23.10 -36.72 -8.38
C GLN B 174 23.90 -35.75 -7.50
N MET B 175 24.71 -36.32 -6.61
CA MET B 175 25.59 -35.53 -5.76
C MET B 175 26.84 -35.14 -6.52
N VAL B 176 27.30 -33.92 -6.30
CA VAL B 176 28.53 -33.42 -6.93
C VAL B 176 29.72 -33.82 -6.09
N ARG B 177 30.65 -34.56 -6.71
CA ARG B 177 31.86 -34.99 -6.03
C ARG B 177 32.89 -33.88 -6.03
N PHE B 178 33.53 -33.68 -4.88
CA PHE B 178 34.43 -32.55 -4.73
C PHE B 178 35.77 -32.79 -5.41
N SER B 179 36.19 -34.05 -5.51
CA SER B 179 37.39 -34.36 -6.28
C SER B 179 37.15 -34.18 -7.76
N GLU B 180 35.91 -34.35 -8.22
CA GLU B 180 35.54 -33.99 -9.59
C GLU B 180 35.62 -32.48 -9.81
N VAL B 181 35.50 -31.68 -8.76
CA VAL B 181 35.65 -30.24 -8.87
C VAL B 181 37.11 -29.84 -8.90
N LEU B 182 37.93 -30.44 -8.03
CA LEU B 182 39.32 -30.01 -7.96
C LEU B 182 40.22 -30.60 -9.05
N SER B 183 39.78 -31.65 -9.74
CA SER B 183 40.64 -32.28 -10.72
C SER B 183 40.71 -31.52 -12.04
N SER B 184 39.90 -30.49 -12.22
CA SER B 184 39.88 -29.76 -13.47
C SER B 184 41.09 -28.83 -13.58
N PRO B 185 41.56 -28.55 -14.80
CA PRO B 185 42.71 -27.66 -14.95
C PRO B 185 42.42 -26.20 -14.68
N GLU B 186 41.17 -25.80 -14.49
CA GLU B 186 40.88 -24.44 -14.05
C GLU B 186 41.34 -24.22 -12.62
N TYR B 187 41.34 -25.26 -11.80
CA TYR B 187 41.83 -25.16 -10.44
C TYR B 187 43.32 -25.45 -10.34
N ASP B 188 43.80 -26.40 -11.13
CA ASP B 188 45.19 -26.86 -10.98
C ASP B 188 46.16 -25.86 -11.60
N GLU B 189 45.84 -25.33 -12.78
CA GLU B 189 46.65 -24.30 -13.40
C GLU B 189 46.17 -22.89 -13.03
N HIS B 190 45.54 -22.74 -11.88
CA HIS B 190 45.08 -21.43 -11.44
C HIS B 190 46.26 -20.62 -10.92
N LYS B 191 46.14 -19.29 -11.02
CA LYS B 191 47.27 -18.41 -10.73
C LYS B 191 47.20 -17.75 -9.36
N SER B 192 45.99 -17.43 -8.87
CA SER B 192 45.86 -16.77 -7.59
C SER B 192 46.07 -17.76 -6.44
N THR B 193 45.97 -17.25 -5.21
CA THR B 193 46.27 -18.06 -4.04
C THR B 193 45.06 -18.44 -3.21
N VAL B 194 43.93 -17.75 -3.37
CA VAL B 194 42.74 -18.08 -2.60
C VAL B 194 41.53 -18.32 -3.49
N PRO B 195 41.47 -19.40 -4.26
CA PRO B 195 40.27 -19.67 -5.05
C PRO B 195 39.20 -20.31 -4.17
N LEU B 196 37.97 -20.31 -4.69
CA LEU B 196 36.85 -20.94 -4.01
C LEU B 196 36.20 -21.88 -5.01
N ALA B 197 36.62 -23.14 -5.01
CA ALA B 197 35.98 -24.15 -5.85
C ALA B 197 34.60 -24.43 -5.31
N LEU B 198 33.59 -24.30 -6.16
CA LEU B 198 32.20 -24.35 -5.70
C LEU B 198 31.42 -25.47 -6.35
N GLY B 199 31.48 -25.63 -7.67
CA GLY B 199 30.75 -26.71 -8.30
C GLY B 199 30.66 -26.50 -9.80
N HIS B 200 29.66 -27.14 -10.39
CA HIS B 200 29.53 -27.25 -11.83
C HIS B 200 28.41 -26.36 -12.35
N ASP B 201 28.35 -26.29 -13.68
CA ASP B 201 27.31 -25.56 -14.39
C ASP B 201 26.12 -26.49 -14.64
N ILE B 202 25.23 -26.09 -15.57
CA ILE B 202 24.14 -26.97 -15.97
C ILE B 202 24.67 -28.17 -16.75
N GLY B 203 25.83 -28.04 -17.40
CA GLY B 203 26.40 -29.08 -18.21
C GLY B 203 27.50 -29.90 -17.56
N GLY B 204 27.82 -29.64 -16.29
CA GLY B 204 28.84 -30.40 -15.59
C GLY B 204 30.22 -29.78 -15.61
N ARG B 205 30.43 -28.74 -16.39
CA ARG B 205 31.72 -28.07 -16.43
C ARG B 205 31.88 -27.22 -15.16
N PRO B 206 32.99 -27.35 -14.44
CA PRO B 206 33.08 -26.72 -13.12
C PRO B 206 33.27 -25.21 -13.20
N ILE B 207 32.84 -24.56 -12.13
CA ILE B 207 32.95 -23.10 -11.98
C ILE B 207 33.85 -22.86 -10.76
N ILE B 208 35.13 -22.62 -11.02
CA ILE B 208 36.09 -22.30 -9.96
C ILE B 208 36.20 -20.78 -9.93
N THR B 209 35.67 -20.18 -8.88
CA THR B 209 35.66 -18.73 -8.75
C THR B 209 36.99 -18.25 -8.19
N ASP B 210 37.07 -16.98 -7.83
CA ASP B 210 38.27 -16.44 -7.22
C ASP B 210 37.85 -15.44 -6.16
N LEU B 211 38.27 -15.69 -4.93
CA LEU B 211 37.91 -14.83 -3.80
C LEU B 211 38.66 -13.51 -3.83
N ALA B 212 39.74 -13.40 -4.59
CA ALA B 212 40.50 -12.15 -4.67
C ALA B 212 39.75 -11.07 -5.44
N LYS B 213 38.72 -11.43 -6.21
CA LYS B 213 37.99 -10.46 -7.00
C LYS B 213 36.56 -10.28 -6.53
N MET B 214 36.16 -10.91 -5.43
CA MET B 214 34.78 -10.84 -4.98
C MET B 214 34.45 -9.50 -4.31
N PRO B 215 35.28 -8.95 -3.39
CA PRO B 215 36.41 -9.37 -2.56
C PRO B 215 35.93 -9.85 -1.20
N HIS B 216 34.60 -9.85 -1.03
CA HIS B 216 33.98 -10.28 0.22
C HIS B 216 32.74 -11.06 -0.12
N LEU B 217 32.35 -11.97 0.78
CA LEU B 217 31.37 -12.98 0.42
C LEU B 217 30.40 -13.19 1.58
N LEU B 218 29.20 -12.61 1.48
CA LEU B 218 28.15 -12.90 2.43
C LEU B 218 27.51 -14.25 2.14
N VAL B 219 27.37 -15.05 3.18
CA VAL B 219 26.61 -16.30 3.13
C VAL B 219 25.46 -16.16 4.12
N ALA B 220 24.25 -16.47 3.69
CA ALA B 220 23.11 -16.36 4.58
C ALA B 220 22.04 -17.34 4.16
N GLY B 221 21.33 -17.88 5.14
CA GLY B 221 20.31 -18.88 4.87
C GLY B 221 19.77 -19.43 6.16
N THR B 222 18.71 -20.23 6.04
CA THR B 222 18.08 -20.86 7.18
C THR B 222 17.90 -22.35 6.87
N THR B 223 17.19 -23.04 7.78
CA THR B 223 16.67 -24.41 7.62
C THR B 223 17.75 -25.45 7.36
N GLY B 224 19.00 -25.14 7.71
CA GLY B 224 20.12 -26.06 7.53
C GLY B 224 20.36 -26.47 6.09
N SER B 225 20.48 -25.50 5.20
CA SER B 225 20.35 -25.75 3.77
C SER B 225 21.62 -26.29 3.11
N GLY B 226 22.65 -25.46 3.01
CA GLY B 226 23.90 -25.87 2.40
C GLY B 226 25.08 -25.18 3.02
N LYS B 227 24.87 -24.56 4.17
CA LYS B 227 25.71 -23.45 4.61
C LYS B 227 27.04 -23.93 5.16
N SER B 228 27.01 -24.77 6.19
CA SER B 228 28.25 -25.16 6.87
C SER B 228 29.10 -26.05 5.97
N VAL B 229 28.45 -26.91 5.19
CA VAL B 229 29.16 -27.70 4.18
C VAL B 229 29.77 -26.80 3.11
N GLY B 230 29.05 -25.74 2.73
CA GLY B 230 29.57 -24.83 1.74
C GLY B 230 30.75 -24.02 2.24
N VAL B 231 30.69 -23.56 3.49
CA VAL B 231 31.80 -22.83 4.08
C VAL B 231 33.00 -23.75 4.29
N ASN B 232 32.74 -25.02 4.59
CA ASN B 232 33.83 -25.99 4.66
C ASN B 232 34.44 -26.24 3.29
N ALA B 233 33.62 -26.22 2.23
CA ALA B 233 34.14 -26.37 0.87
C ALA B 233 34.99 -25.17 0.49
N MET B 234 34.57 -23.98 0.89
CA MET B 234 35.35 -22.78 0.63
C MET B 234 36.66 -22.79 1.39
N LEU B 235 36.64 -23.18 2.66
CA LEU B 235 37.87 -23.18 3.45
C LEU B 235 38.81 -24.30 3.03
N LEU B 236 38.27 -25.43 2.54
CA LEU B 236 39.15 -26.43 1.94
C LEU B 236 39.71 -25.95 0.61
N SER B 237 38.95 -25.16 -0.15
CA SER B 237 39.51 -24.56 -1.35
C SER B 237 40.63 -23.58 -1.01
N ILE B 238 40.55 -22.94 0.14
CA ILE B 238 41.68 -22.19 0.66
C ILE B 238 42.83 -23.13 1.01
N LEU B 239 42.51 -24.30 1.58
CA LEU B 239 43.55 -25.18 2.12
C LEU B 239 44.34 -25.89 1.04
N PHE B 240 43.67 -26.48 0.05
CA PHE B 240 44.34 -27.36 -0.90
C PHE B 240 45.35 -26.66 -1.80
N LYS B 241 45.23 -25.35 -1.99
CA LYS B 241 46.17 -24.65 -2.84
C LYS B 241 47.28 -23.95 -2.06
N SER B 242 46.94 -23.19 -1.03
CA SER B 242 47.88 -22.29 -0.40
C SER B 242 48.55 -22.91 0.83
N THR B 243 49.72 -22.38 1.14
CA THR B 243 50.51 -22.57 2.35
C THR B 243 50.14 -21.49 3.37
N PRO B 244 50.46 -21.69 4.65
CA PRO B 244 50.24 -20.60 5.62
C PRO B 244 51.11 -19.37 5.39
N SER B 245 52.26 -19.51 4.71
CA SER B 245 53.08 -18.34 4.43
C SER B 245 52.45 -17.43 3.38
N GLU B 246 51.52 -17.94 2.58
CA GLU B 246 50.90 -17.17 1.50
C GLU B 246 49.48 -16.76 1.80
N ALA B 247 48.77 -17.48 2.68
CA ALA B 247 47.39 -17.15 2.99
C ALA B 247 47.06 -17.68 4.38
N ARG B 248 46.96 -16.77 5.35
CA ARG B 248 46.56 -17.13 6.69
C ARG B 248 45.05 -17.04 6.84
N LEU B 249 44.56 -17.34 8.04
CA LEU B 249 43.13 -17.36 8.30
C LEU B 249 42.86 -16.88 9.71
N ILE B 250 41.65 -16.34 9.90
CA ILE B 250 41.10 -16.02 11.21
C ILE B 250 39.68 -16.54 11.25
N MET B 251 39.35 -17.33 12.27
CA MET B 251 38.01 -17.89 12.39
C MET B 251 37.37 -17.41 13.68
N ILE B 252 36.10 -17.02 13.58
CA ILE B 252 35.31 -16.51 14.68
C ILE B 252 33.98 -17.23 14.66
N ASP B 253 33.61 -17.85 15.77
CA ASP B 253 32.30 -18.47 15.82
C ASP B 253 31.78 -18.46 17.26
N PRO B 254 30.74 -17.67 17.55
CA PRO B 254 30.13 -17.73 18.89
C PRO B 254 29.38 -19.02 19.13
N LYS B 255 28.98 -19.75 18.08
CA LYS B 255 28.69 -21.16 18.25
C LYS B 255 30.00 -21.90 18.50
N MET B 256 30.02 -22.75 19.52
CA MET B 256 31.21 -23.54 19.79
C MET B 256 31.28 -24.80 18.95
N LEU B 257 30.30 -25.02 18.07
CA LEU B 257 30.03 -26.32 17.48
C LEU B 257 30.69 -26.52 16.13
N GLU B 258 30.32 -25.68 15.14
CA GLU B 258 30.46 -26.05 13.74
C GLU B 258 31.91 -26.02 13.27
N LEU B 259 32.54 -24.85 13.33
CA LEU B 259 33.88 -24.69 12.79
C LEU B 259 34.97 -24.98 13.83
N SER B 260 34.63 -25.72 14.88
CA SER B 260 35.62 -26.09 15.89
C SER B 260 36.55 -27.19 15.42
N ILE B 261 36.20 -27.88 14.33
CA ILE B 261 37.00 -28.96 13.80
C ILE B 261 38.29 -28.44 13.15
N TYR B 262 38.35 -27.15 12.87
CA TYR B 262 39.51 -26.50 12.27
C TYR B 262 40.56 -26.09 13.28
N GLU B 263 40.45 -26.54 14.53
CA GLU B 263 41.41 -26.16 15.56
C GLU B 263 42.75 -26.83 15.33
N GLY B 264 43.81 -26.02 15.28
CA GLY B 264 45.17 -26.53 15.21
C GLY B 264 45.80 -26.53 13.84
N ILE B 265 45.07 -26.13 12.80
CA ILE B 265 45.64 -26.12 11.45
C ILE B 265 46.63 -24.96 11.33
N PRO B 266 47.72 -25.11 10.57
CA PRO B 266 48.77 -24.07 10.55
C PRO B 266 48.38 -22.79 9.85
N HIS B 267 47.24 -22.74 9.17
CA HIS B 267 46.84 -21.52 8.50
C HIS B 267 46.19 -20.50 9.43
N LEU B 268 45.81 -20.90 10.64
CA LEU B 268 45.14 -19.95 11.51
C LEU B 268 46.13 -19.00 12.15
N LEU B 269 45.59 -18.00 12.85
CA LEU B 269 46.35 -17.04 13.62
C LEU B 269 45.99 -17.04 15.09
N CYS B 270 44.84 -17.58 15.44
CA CYS B 270 44.30 -17.54 16.79
C CYS B 270 43.54 -18.83 17.02
N PRO B 271 43.19 -19.14 18.27
CA PRO B 271 42.20 -20.20 18.49
C PRO B 271 40.84 -19.82 17.93
N VAL B 272 40.04 -20.86 17.65
CA VAL B 272 38.68 -20.64 17.19
C VAL B 272 37.90 -19.94 18.28
N VAL B 273 37.46 -18.72 18.00
CA VAL B 273 37.17 -17.74 19.03
C VAL B 273 35.86 -18.08 19.71
N THR B 274 35.91 -18.30 21.03
CA THR B 274 34.74 -18.62 21.84
C THR B 274 34.20 -17.39 22.57
N ASP B 275 35.04 -16.70 23.34
CA ASP B 275 34.66 -15.47 23.99
C ASP B 275 34.57 -14.35 22.95
N MET B 276 33.41 -13.73 22.85
CA MET B 276 33.18 -12.75 21.79
C MET B 276 33.92 -11.44 22.02
N LYS B 277 34.41 -11.21 23.25
CA LYS B 277 35.31 -10.08 23.47
C LYS B 277 36.65 -10.30 22.78
N GLU B 278 37.10 -11.55 22.72
CA GLU B 278 38.26 -11.88 21.91
C GLU B 278 37.95 -11.77 20.43
N ALA B 279 36.68 -11.93 20.04
CA ALA B 279 36.30 -11.69 18.65
C ALA B 279 36.37 -10.22 18.30
N ALA B 280 35.90 -9.36 19.20
CA ALA B 280 36.02 -7.92 18.99
C ALA B 280 37.47 -7.48 19.00
N ASN B 281 38.31 -8.09 19.85
CA ASN B 281 39.73 -7.76 19.86
C ASN B 281 40.44 -8.28 18.61
N ALA B 282 39.98 -9.42 18.06
CA ALA B 282 40.52 -9.92 16.82
C ALA B 282 40.17 -9.00 15.65
N LEU B 283 38.92 -8.52 15.61
CA LEU B 283 38.54 -7.55 14.59
C LEU B 283 39.26 -6.23 14.77
N ARG B 284 39.56 -5.85 16.02
CA ARG B 284 40.33 -4.63 16.28
C ARG B 284 41.77 -4.77 15.81
N TRP B 285 42.37 -5.95 16.03
CA TRP B 285 43.68 -6.24 15.48
C TRP B 285 43.64 -6.25 13.96
N SER B 286 42.54 -6.71 13.38
CA SER B 286 42.42 -6.72 11.93
C SER B 286 42.30 -5.32 11.36
N VAL B 287 41.60 -4.43 12.06
CA VAL B 287 41.52 -3.03 11.65
C VAL B 287 42.88 -2.36 11.76
N ALA B 288 43.61 -2.63 12.85
CA ALA B 288 44.95 -2.06 13.00
C ALA B 288 45.93 -2.65 11.99
N GLU B 289 45.74 -3.91 11.61
CA GLU B 289 46.56 -4.51 10.56
C GLU B 289 46.26 -3.88 9.22
N MET B 290 44.98 -3.56 8.95
CA MET B 290 44.59 -2.82 7.77
C MET B 290 45.24 -1.45 7.73
N GLU B 291 45.25 -0.76 8.88
CA GLU B 291 45.85 0.57 8.98
C GLU B 291 47.36 0.51 8.73
N ARG B 292 48.04 -0.47 9.33
CA ARG B 292 49.49 -0.53 9.14
C ARG B 292 49.86 -1.06 7.76
N ARG B 293 49.00 -1.87 7.13
CA ARG B 293 49.28 -2.28 5.76
C ARG B 293 49.07 -1.14 4.78
N TYR B 294 48.08 -0.28 5.03
CA TYR B 294 47.96 0.90 4.16
C TYR B 294 49.04 1.93 4.44
N ARG B 295 49.54 1.99 5.67
CA ARG B 295 50.73 2.79 5.93
C ARG B 295 51.94 2.22 5.21
N LEU B 296 52.04 0.89 5.14
CA LEU B 296 53.09 0.22 4.38
C LEU B 296 52.99 0.52 2.89
N MET B 297 51.77 0.46 2.34
CA MET B 297 51.61 0.68 0.92
C MET B 297 51.74 2.15 0.54
N ALA B 298 51.41 3.07 1.46
CA ALA B 298 51.71 4.47 1.24
C ALA B 298 53.17 4.80 1.45
N ALA B 299 53.89 3.95 2.20
CA ALA B 299 55.35 4.07 2.28
C ALA B 299 56.06 3.40 1.12
N MET B 300 55.36 2.55 0.37
CA MET B 300 55.94 1.85 -0.76
C MET B 300 55.34 2.22 -2.11
N GLY B 301 54.24 2.98 -2.13
CA GLY B 301 53.60 3.36 -3.38
C GLY B 301 52.97 2.18 -4.08
N VAL B 302 52.08 1.48 -3.38
CA VAL B 302 51.54 0.20 -3.83
C VAL B 302 50.01 0.27 -3.77
N ARG B 303 49.36 -0.09 -4.88
CA ARG B 303 47.90 -0.06 -4.93
C ARG B 303 47.28 -1.25 -4.23
N ASN B 304 47.52 -2.47 -4.71
CA ASN B 304 46.95 -3.68 -4.16
C ASN B 304 48.04 -4.64 -3.72
N LEU B 305 47.63 -5.65 -2.95
CA LEU B 305 48.57 -6.45 -2.16
C LEU B 305 49.55 -7.24 -3.03
N ALA B 306 49.10 -7.74 -4.18
CA ALA B 306 49.95 -8.60 -5.01
C ALA B 306 51.10 -7.83 -5.64
N GLY B 307 50.93 -6.53 -5.86
CA GLY B 307 52.05 -5.71 -6.27
C GLY B 307 53.14 -5.65 -5.22
N PHE B 308 52.75 -5.51 -3.95
CA PHE B 308 53.73 -5.56 -2.87
C PHE B 308 54.29 -6.97 -2.69
N ASN B 309 53.52 -8.00 -3.03
CA ASN B 309 54.05 -9.35 -2.98
C ASN B 309 55.13 -9.55 -4.05
N ARG B 310 54.94 -8.95 -5.23
CA ARG B 310 55.99 -9.01 -6.24
C ARG B 310 57.21 -8.18 -5.83
N LYS B 311 56.98 -7.03 -5.19
CA LYS B 311 58.09 -6.21 -4.71
C LYS B 311 58.88 -6.91 -3.61
N VAL B 312 58.20 -7.58 -2.69
CA VAL B 312 58.90 -8.30 -1.63
C VAL B 312 59.49 -9.61 -2.18
N LYS B 313 58.97 -10.12 -3.30
CA LYS B 313 59.63 -11.24 -3.96
C LYS B 313 60.95 -10.79 -4.59
N ASP B 314 60.96 -9.60 -5.19
CA ASP B 314 62.20 -9.04 -5.72
C ASP B 314 63.17 -8.64 -4.62
N ALA B 315 62.65 -8.25 -3.44
CA ALA B 315 63.50 -7.99 -2.29
C ALA B 315 63.95 -9.26 -1.59
N GLU B 316 63.26 -10.38 -1.79
CA GLU B 316 63.67 -11.66 -1.24
C GLU B 316 64.69 -12.35 -2.13
N GLU B 317 64.59 -12.15 -3.45
CA GLU B 317 65.66 -12.59 -4.35
C GLU B 317 66.96 -11.83 -4.07
N ALA B 318 66.85 -10.58 -3.64
CA ALA B 318 68.02 -9.78 -3.30
C ALA B 318 68.38 -9.82 -1.82
N GLY B 319 67.56 -10.46 -0.99
CA GLY B 319 67.80 -10.44 0.44
C GLY B 319 67.58 -9.11 1.10
N THR B 320 66.87 -8.20 0.45
CA THR B 320 66.77 -6.81 0.91
C THR B 320 65.81 -6.69 2.08
N PRO B 321 66.22 -6.13 3.21
CA PRO B 321 65.27 -5.89 4.31
C PRO B 321 64.38 -4.70 3.99
N LEU B 322 63.26 -4.61 4.70
CA LEU B 322 62.29 -3.55 4.47
C LEU B 322 62.17 -2.69 5.72
N THR B 323 61.61 -1.49 5.51
CA THR B 323 61.48 -0.50 6.57
C THR B 323 60.27 -0.81 7.44
N ASP B 324 60.03 0.06 8.43
CA ASP B 324 58.90 -0.07 9.35
C ASP B 324 58.05 1.18 9.28
N PRO B 325 56.89 1.13 8.61
CA PRO B 325 56.02 2.30 8.43
C PRO B 325 55.28 2.70 9.70
N THR B 341 56.79 -12.12 3.13
CA THR B 341 55.63 -11.56 2.43
C THR B 341 54.55 -11.16 3.42
N LEU B 342 53.55 -10.44 2.94
CA LEU B 342 52.39 -10.18 3.79
C LEU B 342 51.36 -11.29 3.60
N PRO B 343 50.83 -11.84 4.68
CA PRO B 343 49.89 -12.96 4.54
C PRO B 343 48.50 -12.48 4.14
N THR B 344 47.89 -13.23 3.23
CA THR B 344 46.50 -12.96 2.89
C THR B 344 45.61 -13.43 4.03
N ILE B 345 44.70 -12.56 4.47
CA ILE B 345 43.88 -12.80 5.64
C ILE B 345 42.44 -12.98 5.20
N VAL B 346 41.82 -14.07 5.62
CA VAL B 346 40.40 -14.31 5.35
C VAL B 346 39.73 -14.56 6.68
N VAL B 347 38.79 -13.69 7.05
CA VAL B 347 38.11 -13.73 8.33
C VAL B 347 36.72 -14.31 8.11
N VAL B 348 36.33 -15.30 8.91
CA VAL B 348 34.99 -15.85 8.84
C VAL B 348 34.28 -15.59 10.17
N VAL B 349 32.98 -15.35 10.08
CA VAL B 349 32.08 -15.34 11.23
C VAL B 349 30.87 -16.18 10.82
N ASP B 350 30.36 -16.99 11.74
CA ASP B 350 29.22 -17.84 11.42
C ASP B 350 27.92 -17.38 12.07
N GLU B 351 28.00 -16.63 13.17
CA GLU B 351 26.80 -16.12 13.85
C GLU B 351 27.04 -14.66 14.28
N PHE B 352 27.31 -13.79 13.31
CA PHE B 352 27.35 -12.37 13.66
C PHE B 352 25.96 -11.76 13.89
N ALA B 353 24.87 -12.52 13.74
CA ALA B 353 23.52 -12.02 13.97
C ALA B 353 23.31 -11.59 15.41
N ASP B 354 23.39 -12.52 16.37
CA ASP B 354 23.31 -12.10 17.76
C ASP B 354 24.59 -11.44 18.26
N MET B 355 25.74 -11.74 17.65
CA MET B 355 27.00 -11.16 18.08
C MET B 355 27.05 -9.66 17.82
N MET B 356 26.64 -9.24 16.63
CA MET B 356 26.73 -7.84 16.23
C MET B 356 25.72 -6.96 16.98
N MET B 357 24.67 -7.56 17.55
CA MET B 357 23.69 -6.79 18.31
C MET B 357 23.88 -6.90 19.82
N ILE B 358 24.56 -7.94 20.30
CA ILE B 358 24.78 -8.08 21.74
C ILE B 358 26.14 -7.53 22.16
N VAL B 359 27.20 -7.89 21.43
CA VAL B 359 28.53 -7.35 21.70
C VAL B 359 28.60 -5.86 21.39
N GLY B 360 27.79 -5.40 20.44
CA GLY B 360 27.72 -3.99 20.13
C GLY B 360 27.69 -3.76 18.64
N LYS B 361 26.93 -2.75 18.21
CA LYS B 361 26.90 -2.40 16.79
C LYS B 361 28.18 -1.69 16.37
N LYS B 362 29.05 -1.35 17.32
CA LYS B 362 30.43 -0.94 17.04
C LYS B 362 31.22 -1.99 16.26
N VAL B 363 30.81 -3.27 16.31
CA VAL B 363 31.38 -4.30 15.45
C VAL B 363 31.09 -4.01 13.99
N GLU B 364 29.90 -3.47 13.70
CA GLU B 364 29.47 -3.28 12.32
C GLU B 364 30.28 -2.20 11.62
N GLU B 365 30.68 -1.15 12.35
CA GLU B 365 31.57 -0.15 11.76
C GLU B 365 32.95 -0.73 11.48
N LEU B 366 33.44 -1.62 12.35
CA LEU B 366 34.71 -2.30 12.09
C LEU B 366 34.62 -3.15 10.83
N ILE B 367 33.52 -3.89 10.68
CA ILE B 367 33.35 -4.78 9.52
C ILE B 367 33.20 -3.97 8.24
N ALA B 368 32.48 -2.84 8.32
CA ALA B 368 32.31 -1.98 7.16
C ALA B 368 33.61 -1.28 6.76
N ARG B 369 34.43 -0.88 7.74
CA ARG B 369 35.72 -0.27 7.42
C ARG B 369 36.68 -1.29 6.81
N ILE B 370 36.63 -2.53 7.28
CA ILE B 370 37.45 -3.59 6.66
C ILE B 370 36.98 -3.86 5.24
N ALA B 371 35.67 -4.04 5.06
CA ALA B 371 35.14 -4.40 3.75
C ALA B 371 35.23 -3.25 2.75
N GLN B 372 35.28 -2.02 3.25
CA GLN B 372 35.52 -0.87 2.37
C GLN B 372 36.99 -0.73 2.03
N LYS B 373 37.83 -0.53 3.05
CA LYS B 373 39.21 -0.12 2.81
C LYS B 373 40.11 -1.29 2.43
N ALA B 374 39.96 -2.44 3.07
CA ALA B 374 40.93 -3.52 2.92
C ALA B 374 40.64 -4.44 1.75
N ARG B 375 39.83 -4.00 0.77
CA ARG B 375 39.63 -4.82 -0.42
C ARG B 375 40.87 -4.86 -1.31
N ALA B 376 41.77 -3.89 -1.17
CA ALA B 376 43.07 -3.95 -1.82
C ALA B 376 44.18 -4.32 -0.86
N ALA B 377 43.86 -4.49 0.43
CA ALA B 377 44.90 -4.85 1.39
C ALA B 377 45.09 -6.36 1.45
N GLY B 378 44.01 -7.13 1.34
CA GLY B 378 44.13 -8.57 1.40
C GLY B 378 43.26 -9.19 2.47
N ILE B 379 42.64 -8.36 3.31
CA ILE B 379 41.78 -8.85 4.38
C ILE B 379 40.38 -9.01 3.80
N HIS B 380 40.03 -10.23 3.43
CA HIS B 380 38.76 -10.56 2.80
C HIS B 380 37.83 -11.20 3.83
N LEU B 381 36.52 -11.15 3.55
CA LEU B 381 35.51 -11.60 4.49
C LEU B 381 34.64 -12.69 3.89
N ILE B 382 34.64 -13.86 4.53
CA ILE B 382 33.58 -14.83 4.28
C ILE B 382 32.62 -14.69 5.46
N LEU B 383 31.64 -13.81 5.32
CA LEU B 383 30.69 -13.58 6.40
C LEU B 383 29.51 -14.53 6.27
N ALA B 384 29.18 -15.20 7.37
CA ALA B 384 28.08 -16.15 7.36
C ALA B 384 27.19 -15.89 8.55
N THR B 385 25.89 -16.08 8.38
CA THR B 385 24.93 -15.97 9.48
C THR B 385 23.88 -17.06 9.35
N GLN B 386 23.38 -17.52 10.50
CA GLN B 386 22.25 -18.43 10.53
C GLN B 386 20.91 -17.70 10.48
N ARG B 387 20.89 -16.40 10.80
CA ARG B 387 19.66 -15.62 10.79
C ARG B 387 19.84 -14.45 9.85
N PRO B 388 19.52 -14.62 8.56
CA PRO B 388 19.50 -13.47 7.64
C PRO B 388 18.35 -12.54 7.96
N SER B 389 18.68 -11.36 8.48
CA SER B 389 17.65 -10.46 8.97
C SER B 389 17.89 -9.07 8.44
N VAL B 390 16.84 -8.25 8.49
CA VAL B 390 16.97 -6.83 8.19
C VAL B 390 17.76 -6.15 9.30
N ASP B 391 17.67 -6.67 10.52
CA ASP B 391 18.36 -6.08 11.67
C ASP B 391 19.87 -6.30 11.58
N VAL B 392 20.29 -7.48 11.11
CA VAL B 392 21.70 -7.83 11.16
C VAL B 392 22.36 -7.88 9.78
N ILE B 393 21.59 -7.99 8.70
CA ILE B 393 22.10 -7.73 7.36
C ILE B 393 21.38 -6.46 6.92
N THR B 394 22.01 -5.32 7.20
CA THR B 394 21.44 -4.03 6.87
C THR B 394 21.91 -3.62 5.47
N GLY B 395 21.65 -2.37 5.10
CA GLY B 395 22.28 -1.83 3.92
C GLY B 395 23.73 -1.49 4.14
N LEU B 396 24.13 -1.28 5.40
CA LEU B 396 25.51 -0.93 5.74
C LEU B 396 26.48 -2.05 5.38
N ILE B 397 26.01 -3.30 5.46
CA ILE B 397 26.81 -4.43 5.03
C ILE B 397 26.56 -4.78 3.58
N LYS B 398 25.37 -4.46 3.04
CA LYS B 398 25.12 -4.59 1.61
C LYS B 398 25.98 -3.67 0.76
N ALA B 399 26.49 -2.58 1.34
CA ALA B 399 27.25 -1.59 0.58
C ALA B 399 28.52 -2.17 -0.01
N ASN B 400 29.44 -2.60 0.84
CA ASN B 400 30.77 -2.99 0.38
C ASN B 400 30.86 -4.42 -0.12
N ILE B 401 29.77 -5.19 -0.05
CA ILE B 401 29.82 -6.59 -0.45
C ILE B 401 28.82 -6.82 -1.57
N PRO B 402 29.25 -6.74 -2.84
CA PRO B 402 28.36 -7.05 -3.96
C PRO B 402 28.40 -8.49 -4.44
N THR B 403 29.07 -9.38 -3.72
CA THR B 403 29.22 -10.78 -4.11
C THR B 403 28.59 -11.63 -3.01
N ARG B 404 27.41 -12.18 -3.29
CA ARG B 404 26.56 -12.74 -2.25
C ARG B 404 26.29 -14.21 -2.52
N ILE B 405 26.08 -14.96 -1.44
CA ILE B 405 25.69 -16.36 -1.49
C ILE B 405 24.48 -16.53 -0.59
N ALA B 406 23.36 -16.98 -1.16
CA ALA B 406 22.15 -17.21 -0.39
C ALA B 406 21.56 -18.55 -0.80
N PHE B 407 21.34 -19.43 0.16
CA PHE B 407 20.75 -20.73 -0.11
C PHE B 407 19.25 -20.75 0.14
N GLN B 408 18.82 -20.53 1.38
CA GLN B 408 17.40 -20.53 1.72
C GLN B 408 17.18 -19.53 2.85
N VAL B 409 16.81 -18.29 2.51
CA VAL B 409 16.47 -17.35 3.57
C VAL B 409 15.05 -17.57 4.11
N SER B 410 14.00 -17.32 3.33
CA SER B 410 12.74 -18.04 3.48
C SER B 410 12.19 -18.39 2.12
N SER B 411 12.28 -17.41 1.20
CA SER B 411 11.66 -17.41 -0.11
C SER B 411 12.21 -16.21 -0.88
N LYS B 412 11.57 -15.88 -2.01
CA LYS B 412 11.97 -14.71 -2.78
C LYS B 412 11.38 -13.40 -2.27
N ILE B 413 10.75 -13.40 -1.10
CA ILE B 413 10.17 -12.21 -0.49
C ILE B 413 11.19 -11.47 0.37
N ASP B 414 11.85 -12.19 1.30
CA ASP B 414 12.91 -11.61 2.11
C ASP B 414 14.28 -11.81 1.47
N SER B 415 14.31 -12.26 0.22
CA SER B 415 15.54 -12.45 -0.54
C SER B 415 16.34 -11.17 -0.71
N ARG B 416 15.64 -10.04 -0.94
CA ARG B 416 16.24 -8.77 -1.28
C ARG B 416 17.15 -8.19 -0.20
N THR B 417 17.11 -8.77 1.00
CA THR B 417 18.07 -8.45 2.04
C THR B 417 19.49 -8.79 1.61
N ILE B 418 19.66 -9.90 0.88
CA ILE B 418 20.99 -10.31 0.46
C ILE B 418 21.10 -10.50 -1.05
N LEU B 419 20.24 -11.32 -1.65
CA LEU B 419 20.22 -11.47 -3.09
C LEU B 419 19.07 -10.67 -3.68
N ASP B 420 19.41 -9.66 -4.47
CA ASP B 420 18.53 -8.51 -4.62
C ASP B 420 17.34 -8.81 -5.53
N GLN B 421 17.37 -9.92 -6.26
CA GLN B 421 16.21 -10.24 -7.09
C GLN B 421 15.28 -11.25 -6.42
N GLY B 422 15.80 -12.41 -6.00
CA GLY B 422 14.96 -13.52 -5.60
C GLY B 422 15.79 -14.74 -5.24
N GLY B 423 15.40 -15.42 -4.16
CA GLY B 423 16.27 -16.42 -3.56
C GLY B 423 15.76 -17.84 -3.69
N ALA B 424 15.32 -18.42 -2.57
CA ALA B 424 14.98 -19.84 -2.52
C ALA B 424 13.64 -20.15 -3.19
N GLU B 425 13.58 -19.95 -4.51
CA GLU B 425 12.39 -20.28 -5.28
C GLU B 425 12.57 -21.63 -5.96
N GLN B 426 13.74 -21.88 -6.54
CA GLN B 426 14.10 -23.17 -7.10
C GLN B 426 15.52 -23.59 -6.70
N LEU B 427 15.93 -23.26 -5.47
CA LEU B 427 17.16 -23.79 -4.89
C LEU B 427 16.75 -25.00 -4.06
N LEU B 428 17.34 -26.16 -4.39
CA LEU B 428 16.86 -27.43 -3.88
C LEU B 428 17.54 -27.79 -2.56
N GLY B 429 17.58 -26.84 -1.62
CA GLY B 429 18.08 -27.10 -0.28
C GLY B 429 19.56 -27.43 -0.27
N HIS B 430 19.84 -28.71 -0.03
CA HIS B 430 21.20 -29.24 -0.04
C HIS B 430 21.73 -29.41 -1.46
N GLY B 431 22.39 -28.39 -1.98
CA GLY B 431 22.83 -28.45 -3.36
C GLY B 431 23.02 -27.12 -4.04
N ASP B 432 22.28 -26.96 -5.14
CA ASP B 432 22.31 -25.78 -6.00
C ASP B 432 22.18 -24.48 -5.22
N MET B 433 22.89 -23.45 -5.68
CA MET B 433 22.88 -22.14 -5.05
C MET B 433 22.86 -21.08 -6.16
N LEU B 434 22.82 -19.82 -5.74
CA LEU B 434 22.95 -18.69 -6.66
C LEU B 434 24.19 -17.90 -6.28
N TYR B 435 25.20 -17.96 -7.16
CA TYR B 435 26.45 -17.23 -7.01
C TYR B 435 26.32 -15.91 -7.76
N LEU B 436 26.27 -14.82 -7.03
CA LEU B 436 26.19 -13.51 -7.64
C LEU B 436 27.60 -13.05 -7.98
N PRO B 437 27.93 -12.84 -9.26
CA PRO B 437 29.32 -12.57 -9.65
C PRO B 437 29.76 -11.19 -9.22
N PRO B 438 31.05 -10.83 -9.36
CA PRO B 438 31.46 -9.45 -9.08
C PRO B 438 30.88 -8.43 -10.04
N GLY B 439 30.47 -8.82 -11.24
CA GLY B 439 29.61 -7.99 -12.05
C GLY B 439 28.16 -8.29 -11.73
N THR B 440 27.30 -8.28 -12.74
CA THR B 440 25.91 -8.70 -12.58
C THR B 440 25.48 -9.41 -13.87
N GLY B 441 24.17 -9.51 -14.07
CA GLY B 441 23.59 -10.28 -15.14
C GLY B 441 22.75 -11.39 -14.53
N LEU B 442 22.53 -12.45 -15.26
CA LEU B 442 21.96 -13.65 -14.65
C LEU B 442 23.04 -14.28 -13.77
N PRO B 443 22.82 -14.41 -12.47
CA PRO B 443 23.86 -14.94 -11.59
C PRO B 443 24.11 -16.41 -11.84
N ILE B 444 25.25 -16.90 -11.37
CA ILE B 444 25.75 -18.19 -11.81
C ILE B 444 24.98 -19.30 -11.11
N ARG B 445 24.62 -20.33 -11.88
CA ARG B 445 24.00 -21.53 -11.31
C ARG B 445 25.10 -22.47 -10.83
N VAL B 446 25.24 -22.57 -9.51
CA VAL B 446 26.34 -23.28 -8.89
C VAL B 446 25.76 -24.40 -8.02
N HIS B 447 26.17 -25.63 -8.30
CA HIS B 447 25.80 -26.79 -7.49
C HIS B 447 26.80 -26.94 -6.35
N GLY B 448 26.31 -26.87 -5.12
CA GLY B 448 27.17 -26.96 -3.96
C GLY B 448 27.84 -28.32 -3.82
N ALA B 449 29.15 -28.35 -4.05
CA ALA B 449 29.89 -29.61 -4.01
C ALA B 449 30.00 -30.11 -2.58
N PHE B 450 29.84 -31.42 -2.41
CA PHE B 450 29.74 -32.01 -1.09
C PHE B 450 31.11 -32.24 -0.48
N VAL B 451 31.20 -32.01 0.82
CA VAL B 451 32.35 -32.42 1.62
C VAL B 451 31.81 -33.12 2.85
N SER B 452 32.54 -34.13 3.33
CA SER B 452 32.13 -34.92 4.48
C SER B 452 33.12 -34.71 5.63
N ASP B 453 32.66 -35.04 6.83
CA ASP B 453 33.44 -34.77 8.04
C ASP B 453 34.67 -35.66 8.13
N ASP B 454 34.66 -36.82 7.48
CA ASP B 454 35.88 -37.60 7.35
C ASP B 454 36.92 -36.88 6.50
N GLU B 455 36.49 -36.27 5.38
CA GLU B 455 37.39 -35.51 4.54
C GLU B 455 37.90 -34.27 5.24
N VAL B 456 37.01 -33.57 5.96
CA VAL B 456 37.38 -32.38 6.71
C VAL B 456 38.40 -32.71 7.78
N HIS B 457 38.11 -33.73 8.60
CA HIS B 457 39.02 -34.11 9.67
C HIS B 457 40.32 -34.68 9.14
N ARG B 458 40.30 -35.31 7.97
CA ARG B 458 41.51 -35.88 7.41
C ARG B 458 42.42 -34.80 6.85
N VAL B 459 41.85 -33.77 6.22
CA VAL B 459 42.66 -32.65 5.77
C VAL B 459 43.17 -31.84 6.96
N VAL B 460 42.37 -31.73 8.03
CA VAL B 460 42.82 -31.07 9.26
C VAL B 460 44.00 -31.80 9.87
N GLU B 461 43.92 -33.14 9.96
CA GLU B 461 45.03 -33.91 10.50
C GLU B 461 46.25 -33.92 9.58
N ALA B 462 46.03 -33.86 8.26
CA ALA B 462 47.15 -33.81 7.33
C ALA B 462 47.89 -32.48 7.42
N TRP B 463 47.16 -31.40 7.67
CA TRP B 463 47.83 -30.12 7.93
C TRP B 463 48.42 -30.05 9.34
N LYS B 464 47.83 -30.74 10.31
CA LYS B 464 48.42 -30.81 11.64
C LYS B 464 49.67 -31.67 11.65
N LEU B 465 49.87 -32.53 10.64
CA LEU B 465 51.18 -33.13 10.43
C LEU B 465 52.20 -32.10 9.98
N ARG B 466 51.76 -31.02 9.33
CA ARG B 466 52.70 -29.99 8.88
C ARG B 466 53.07 -29.01 9.99
N GLY B 467 52.28 -28.94 11.06
CA GLY B 467 52.65 -28.09 12.18
C GLY B 467 51.52 -27.26 12.76
N ALA B 468 51.77 -26.67 13.95
CA ALA B 468 50.89 -25.77 14.67
C ALA B 468 51.29 -24.33 14.46
N PRO B 469 50.36 -23.42 14.24
CA PRO B 469 50.69 -22.07 13.77
C PRO B 469 51.13 -21.16 14.91
N ASP B 470 51.36 -19.90 14.54
CA ASP B 470 51.64 -18.85 15.50
C ASP B 470 50.34 -18.32 16.06
N TYR B 471 50.35 -17.99 17.36
CA TYR B 471 49.17 -17.50 18.05
C TYR B 471 49.53 -16.17 18.72
N ILE B 472 48.77 -15.12 18.42
CA ILE B 472 49.05 -13.78 18.93
C ILE B 472 48.05 -13.46 20.03
N GLU B 473 48.56 -13.07 21.20
CA GLU B 473 47.71 -12.77 22.35
C GLU B 473 47.00 -11.42 22.19
N ASP B 474 47.59 -10.49 21.43
CA ASP B 474 46.92 -9.22 21.15
C ASP B 474 45.66 -9.41 20.31
N ILE B 475 45.64 -10.43 19.46
CA ILE B 475 44.41 -10.82 18.77
C ILE B 475 43.36 -11.28 19.78
N LEU B 476 43.77 -12.14 20.71
CA LEU B 476 42.89 -12.64 21.75
C LEU B 476 42.56 -11.55 22.77
N LEU C 70 49.15 22.85 -21.28
CA LEU C 70 48.00 21.98 -21.53
C LEU C 70 48.42 20.69 -22.22
N PRO C 71 47.77 19.58 -21.85
CA PRO C 71 48.09 18.31 -22.49
C PRO C 71 47.59 18.29 -23.92
N PRO C 72 48.30 17.63 -24.82
CA PRO C 72 47.83 17.52 -26.20
C PRO C 72 46.74 16.46 -26.33
N LEU C 73 46.20 16.36 -27.54
CA LEU C 73 45.25 15.30 -27.86
C LEU C 73 45.93 14.05 -28.40
N SER C 74 47.23 13.92 -28.19
CA SER C 74 47.98 12.73 -28.63
C SER C 74 48.38 11.82 -27.46
N LEU C 75 47.99 12.14 -26.24
CA LEU C 75 48.28 11.25 -25.12
C LEU C 75 47.44 9.98 -25.20
N LEU C 76 46.27 10.07 -25.81
CA LEU C 76 45.36 8.94 -25.88
C LEU C 76 45.87 7.88 -26.85
N ASP C 77 45.28 6.71 -26.78
CA ASP C 77 45.45 5.74 -27.85
C ASP C 77 44.67 6.26 -29.06
N PRO C 78 45.30 6.48 -30.21
CA PRO C 78 44.67 7.28 -31.27
C PRO C 78 43.54 6.58 -32.01
N ALA C 79 43.05 7.24 -33.06
CA ALA C 79 41.88 6.76 -33.80
C ALA C 79 42.20 5.47 -34.55
N GLU C 80 41.44 4.43 -34.27
CA GLU C 80 41.68 3.12 -34.83
C GLU C 80 40.92 2.95 -36.14
N VAL C 81 41.18 1.84 -36.82
CA VAL C 81 40.47 1.48 -38.04
C VAL C 81 39.26 0.64 -37.64
N LYS C 82 38.08 1.07 -38.06
CA LYS C 82 36.85 0.39 -37.72
C LYS C 82 36.52 -0.68 -38.75
N GLN C 83 35.80 -1.71 -38.31
CA GLN C 83 35.34 -2.78 -39.19
C GLN C 83 33.99 -2.37 -39.76
N LYS C 84 34.05 -1.61 -40.85
CA LYS C 84 32.87 -0.98 -41.44
C LYS C 84 32.18 -1.87 -42.48
N SER C 85 32.42 -3.18 -42.44
CA SER C 85 31.84 -4.08 -43.43
C SER C 85 30.35 -4.28 -43.18
N TYR C 86 29.53 -3.32 -43.62
CA TYR C 86 28.07 -3.42 -43.56
C TYR C 86 27.53 -2.96 -44.91
N SER C 87 27.42 -3.91 -45.82
CA SER C 87 27.07 -3.66 -47.21
C SER C 87 25.59 -3.30 -47.34
N PRO C 88 25.21 -2.61 -48.42
CA PRO C 88 23.78 -2.38 -48.67
C PRO C 88 22.99 -3.65 -48.95
N GLU C 89 23.62 -4.71 -49.46
CA GLU C 89 22.89 -5.97 -49.59
C GLU C 89 22.64 -6.61 -48.24
N SER C 90 23.53 -6.38 -47.27
CA SER C 90 23.26 -6.84 -45.90
C SER C 90 22.12 -6.05 -45.28
N LEU C 91 22.04 -4.76 -45.60
CA LEU C 91 20.93 -3.94 -45.11
C LEU C 91 19.61 -4.37 -45.73
N GLU C 92 19.63 -4.72 -47.02
CA GLU C 92 18.41 -5.18 -47.67
C GLU C 92 18.00 -6.54 -47.15
N ALA C 93 18.97 -7.42 -46.87
CA ALA C 93 18.67 -8.72 -46.29
C ALA C 93 18.09 -8.59 -44.90
N MET C 94 18.65 -7.69 -44.07
CA MET C 94 18.11 -7.49 -42.73
C MET C 94 16.75 -6.82 -42.76
N SER C 95 16.51 -5.95 -43.75
CA SER C 95 15.21 -5.33 -43.90
C SER C 95 14.14 -6.36 -44.26
N ARG C 96 14.44 -7.24 -45.22
CA ARG C 96 13.48 -8.27 -45.57
C ARG C 96 13.32 -9.30 -44.45
N LEU C 97 14.38 -9.55 -43.69
CA LEU C 97 14.28 -10.46 -42.55
C LEU C 97 13.40 -9.88 -41.46
N LEU C 98 13.48 -8.57 -41.22
CA LEU C 98 12.60 -7.96 -40.24
C LEU C 98 11.16 -7.93 -40.72
N GLU C 99 10.95 -7.70 -42.03
CA GLU C 99 9.61 -7.77 -42.60
C GLU C 99 8.98 -9.14 -42.41
N ILE C 100 9.75 -10.20 -42.67
CA ILE C 100 9.23 -11.56 -42.50
C ILE C 100 8.98 -11.86 -41.02
N LYS C 101 9.93 -11.51 -40.14
CA LYS C 101 9.78 -11.89 -38.74
C LYS C 101 8.75 -11.06 -38.00
N LEU C 102 8.35 -9.91 -38.54
CA LEU C 102 7.16 -9.26 -37.97
C LEU C 102 5.89 -9.66 -38.69
N LYS C 103 5.96 -10.13 -39.93
CA LYS C 103 4.79 -10.67 -40.59
C LYS C 103 4.36 -11.99 -39.96
N GLU C 104 5.30 -12.74 -39.39
CA GLU C 104 4.97 -14.03 -38.79
C GLU C 104 4.18 -13.85 -37.50
N PHE C 105 4.31 -12.72 -36.84
CA PHE C 105 3.43 -12.38 -35.73
C PHE C 105 2.16 -11.73 -36.28
N GLY C 106 1.40 -11.07 -35.41
CA GLY C 106 0.13 -10.50 -35.83
C GLY C 106 0.26 -9.32 -36.78
N VAL C 107 1.32 -8.54 -36.64
CA VAL C 107 1.40 -7.26 -37.35
C VAL C 107 1.90 -7.46 -38.77
N GLU C 108 1.79 -6.41 -39.59
CA GLU C 108 2.36 -6.37 -40.92
C GLU C 108 2.95 -4.98 -41.13
N VAL C 109 4.18 -4.92 -41.59
CA VAL C 109 4.93 -3.68 -41.59
C VAL C 109 5.91 -3.68 -42.76
N SER C 110 6.20 -2.51 -43.29
CA SER C 110 7.11 -2.37 -44.42
C SER C 110 8.24 -1.43 -44.05
N VAL C 111 9.48 -1.87 -44.29
CA VAL C 111 10.66 -1.09 -43.95
C VAL C 111 10.78 0.10 -44.90
N ASP C 112 10.92 1.30 -44.34
CA ASP C 112 11.00 2.50 -45.16
C ASP C 112 12.45 2.87 -45.47
N SER C 113 13.27 3.07 -44.44
CA SER C 113 14.66 3.45 -44.65
C SER C 113 15.51 2.95 -43.49
N VAL C 114 16.82 2.96 -43.70
CA VAL C 114 17.79 2.37 -42.79
C VAL C 114 18.79 3.43 -42.38
N HIS C 115 19.00 3.60 -41.07
CA HIS C 115 20.08 4.41 -40.56
C HIS C 115 21.16 3.50 -39.96
N PRO C 116 22.25 3.25 -40.66
CA PRO C 116 23.34 2.45 -40.08
C PRO C 116 24.13 3.25 -39.08
N GLY C 117 24.61 2.55 -38.05
CA GLY C 117 25.30 3.20 -36.96
C GLY C 117 26.47 2.39 -36.45
N PRO C 118 27.16 2.92 -35.44
CA PRO C 118 28.34 2.23 -34.88
C PRO C 118 27.99 0.96 -34.14
N VAL C 119 27.06 1.07 -33.19
CA VAL C 119 26.69 -0.03 -32.32
C VAL C 119 25.33 -0.60 -32.68
N ILE C 120 24.35 0.28 -32.91
CA ILE C 120 23.02 -0.17 -33.27
C ILE C 120 22.76 0.24 -34.70
N THR C 121 21.58 -0.10 -35.23
CA THR C 121 21.22 0.22 -36.60
C THR C 121 19.73 0.53 -36.61
N ARG C 122 19.38 1.82 -36.66
CA ARG C 122 17.99 2.21 -36.60
C ARG C 122 17.27 1.86 -37.89
N PHE C 123 16.15 1.16 -37.77
CA PHE C 123 15.26 0.91 -38.89
C PHE C 123 14.01 1.74 -38.73
N GLU C 124 13.66 2.48 -39.78
CA GLU C 124 12.42 3.25 -39.81
C GLU C 124 11.41 2.39 -40.53
N ILE C 125 10.48 1.82 -39.78
CA ILE C 125 9.47 0.92 -40.33
C ILE C 125 8.12 1.62 -40.30
N GLN C 126 7.43 1.59 -41.45
CA GLN C 126 6.12 2.20 -41.58
C GLN C 126 5.07 1.13 -41.36
N PRO C 127 4.26 1.23 -40.31
CA PRO C 127 3.23 0.22 -40.07
C PRO C 127 2.13 0.27 -41.12
N ALA C 128 1.34 -0.79 -41.14
CA ALA C 128 0.23 -0.89 -42.10
C ALA C 128 -0.93 0.00 -41.64
N ALA C 129 -1.95 0.08 -42.49
CA ALA C 129 -3.10 0.93 -42.22
C ALA C 129 -3.95 0.26 -41.15
N GLY C 130 -3.92 0.82 -39.94
CA GLY C 130 -4.77 0.35 -38.86
C GLY C 130 -4.13 -0.58 -37.87
N VAL C 131 -2.83 -0.45 -37.60
CA VAL C 131 -2.14 -1.25 -36.60
C VAL C 131 -1.43 -0.30 -35.63
N LYS C 132 -1.57 -0.58 -34.35
CA LYS C 132 -1.09 0.34 -33.32
C LYS C 132 0.40 0.16 -33.09
N VAL C 133 0.92 0.80 -32.05
CA VAL C 133 2.33 0.71 -31.71
C VAL C 133 2.57 -0.10 -30.44
N SER C 134 1.59 -0.15 -29.53
CA SER C 134 1.70 -1.07 -28.40
C SER C 134 1.72 -2.52 -28.86
N ARG C 135 1.10 -2.83 -29.99
CA ARG C 135 1.28 -4.11 -30.66
C ARG C 135 2.61 -4.23 -31.41
N ILE C 136 3.54 -3.30 -31.24
CA ILE C 136 4.93 -3.52 -31.57
C ILE C 136 5.78 -3.57 -30.30
N SER C 137 5.41 -2.77 -29.30
CA SER C 137 6.17 -2.69 -28.06
C SER C 137 5.99 -3.91 -27.19
N ASN C 138 4.83 -4.59 -27.25
CA ASN C 138 4.62 -5.75 -26.40
C ASN C 138 5.20 -7.04 -26.96
N LEU C 139 5.98 -6.98 -28.03
CA LEU C 139 6.72 -8.15 -28.49
C LEU C 139 8.12 -7.78 -28.95
N ALA C 140 8.72 -6.77 -28.32
CA ALA C 140 10.11 -6.43 -28.60
C ALA C 140 11.05 -7.55 -28.16
N LYS C 141 10.71 -8.23 -27.05
CA LYS C 141 11.51 -9.37 -26.59
C LYS C 141 11.48 -10.50 -27.61
N ASP C 142 10.31 -10.79 -28.18
CA ASP C 142 10.19 -11.90 -29.12
C ASP C 142 10.80 -11.56 -30.46
N LEU C 143 10.70 -10.29 -30.87
CA LEU C 143 11.38 -9.87 -32.08
C LEU C 143 12.89 -9.88 -31.91
N ALA C 144 13.36 -9.61 -30.69
CA ALA C 144 14.79 -9.75 -30.42
C ALA C 144 15.22 -11.20 -30.41
N ARG C 145 14.35 -12.09 -29.95
CA ARG C 145 14.70 -13.51 -29.94
C ARG C 145 14.74 -14.09 -31.34
N SER C 146 13.80 -13.70 -32.20
CA SER C 146 13.74 -14.30 -33.53
C SER C 146 14.70 -13.67 -34.52
N LEU C 147 15.64 -12.84 -34.06
CA LEU C 147 16.66 -12.27 -34.92
C LEU C 147 18.08 -12.58 -34.43
N ALA C 148 18.20 -13.41 -33.39
CA ALA C 148 19.48 -13.80 -32.77
C ALA C 148 20.26 -12.58 -32.28
N VAL C 149 19.57 -11.64 -31.65
CA VAL C 149 20.23 -10.51 -31.02
C VAL C 149 19.93 -10.56 -29.53
N ILE C 150 20.51 -9.64 -28.76
CA ILE C 150 20.31 -9.66 -27.32
C ILE C 150 19.02 -8.95 -26.93
N SER C 151 18.82 -7.72 -27.42
CA SER C 151 17.61 -6.96 -27.12
C SER C 151 17.45 -5.88 -28.18
N VAL C 152 16.21 -5.64 -28.58
CA VAL C 152 15.91 -4.62 -29.58
C VAL C 152 15.26 -3.46 -28.83
N ARG C 153 15.29 -2.29 -29.45
CA ARG C 153 14.69 -1.10 -28.86
C ARG C 153 13.71 -0.47 -29.83
N VAL C 154 12.49 -0.25 -29.38
CA VAL C 154 11.42 0.28 -30.21
C VAL C 154 11.23 1.75 -29.85
N VAL C 155 11.56 2.64 -30.79
CA VAL C 155 11.32 4.07 -30.61
C VAL C 155 9.89 4.34 -31.06
N GLU C 156 9.05 4.78 -30.13
CA GLU C 156 7.63 4.85 -30.43
C GLU C 156 7.21 6.13 -31.16
N VAL C 157 8.11 7.10 -31.29
CA VAL C 157 7.80 8.32 -32.03
C VAL C 157 9.10 8.89 -32.60
N ILE C 158 9.09 9.20 -33.89
CA ILE C 158 10.20 9.87 -34.57
C ILE C 158 9.74 11.27 -34.95
N PRO C 159 10.45 12.32 -34.56
CA PRO C 159 9.95 13.69 -34.75
C PRO C 159 9.89 14.11 -36.20
N GLY C 160 8.68 14.26 -36.73
CA GLY C 160 8.49 14.75 -38.08
C GLY C 160 8.11 13.70 -39.10
N LYS C 161 8.02 12.43 -38.72
CA LYS C 161 7.65 11.38 -39.64
C LYS C 161 6.60 10.48 -39.02
N THR C 162 5.93 9.71 -39.88
CA THR C 162 4.94 8.74 -39.46
C THR C 162 5.55 7.37 -39.20
N THR C 163 6.86 7.25 -39.25
CA THR C 163 7.52 5.96 -39.13
C THR C 163 7.84 5.67 -37.67
N VAL C 164 7.84 4.39 -37.33
CA VAL C 164 8.20 3.90 -36.01
C VAL C 164 9.62 3.37 -36.07
N GLY C 165 10.43 3.69 -35.07
CA GLY C 165 11.83 3.30 -35.09
C GLY C 165 12.05 1.96 -34.41
N ILE C 166 12.97 1.18 -34.98
CA ILE C 166 13.45 -0.07 -34.39
C ILE C 166 14.97 -0.07 -34.52
N GLU C 167 15.66 -0.27 -33.40
CA GLU C 167 17.12 -0.19 -33.37
C GLU C 167 17.67 -1.55 -32.99
N ILE C 168 18.36 -2.20 -33.92
CA ILE C 168 18.88 -3.55 -33.74
C ILE C 168 20.38 -3.46 -33.50
N PRO C 169 20.92 -4.14 -32.49
CA PRO C 169 22.38 -4.20 -32.33
C PRO C 169 23.04 -4.96 -33.46
N ASN C 170 24.27 -4.56 -33.78
CA ASN C 170 25.03 -5.22 -34.82
C ASN C 170 25.78 -6.41 -34.24
N GLU C 171 26.68 -6.99 -35.02
CA GLU C 171 27.52 -8.09 -34.56
C GLU C 171 28.90 -7.60 -34.14
N ASP C 172 29.62 -6.96 -35.07
CA ASP C 172 30.94 -6.40 -34.79
C ASP C 172 30.75 -5.05 -34.12
N ARG C 173 30.52 -5.09 -32.81
CA ARG C 173 30.23 -3.90 -32.04
C ARG C 173 31.49 -3.05 -31.91
N GLN C 174 31.53 -1.94 -32.63
CA GLN C 174 32.69 -1.06 -32.62
C GLN C 174 32.84 -0.36 -31.28
N MET C 175 34.03 -0.45 -30.70
CA MET C 175 34.35 0.33 -29.51
C MET C 175 34.49 1.79 -29.90
N VAL C 176 33.76 2.66 -29.18
CA VAL C 176 33.76 4.08 -29.50
C VAL C 176 35.08 4.69 -29.03
N ARG C 177 35.88 5.16 -29.99
CA ARG C 177 37.20 5.70 -29.67
C ARG C 177 37.05 7.10 -29.08
N PHE C 178 37.64 7.30 -27.90
CA PHE C 178 37.49 8.58 -27.20
C PHE C 178 38.23 9.70 -27.91
N SER C 179 39.32 9.38 -28.61
CA SER C 179 40.02 10.37 -29.41
C SER C 179 39.19 10.82 -30.60
N GLU C 180 38.36 9.92 -31.15
CA GLU C 180 37.42 10.32 -32.20
C GLU C 180 36.32 11.21 -31.64
N VAL C 181 36.00 11.06 -30.36
CA VAL C 181 34.99 11.91 -29.74
C VAL C 181 35.56 13.30 -29.49
N LEU C 182 36.82 13.39 -29.06
CA LEU C 182 37.40 14.70 -28.80
C LEU C 182 37.77 15.45 -30.08
N SER C 183 37.85 14.77 -31.22
CA SER C 183 38.30 15.38 -32.46
C SER C 183 37.18 16.05 -33.24
N SER C 184 36.13 16.46 -32.57
CA SER C 184 34.97 17.02 -33.24
C SER C 184 35.14 18.51 -33.46
N PRO C 185 34.43 19.08 -34.45
CA PRO C 185 34.32 20.55 -34.51
C PRO C 185 33.40 21.13 -33.45
N GLU C 186 32.64 20.32 -32.71
CA GLU C 186 31.89 20.87 -31.58
C GLU C 186 32.80 21.10 -30.39
N TYR C 187 33.55 20.07 -29.99
CA TYR C 187 34.36 20.13 -28.78
C TYR C 187 35.57 21.06 -28.94
N ASP C 188 36.08 21.22 -30.16
CA ASP C 188 37.33 21.95 -30.35
C ASP C 188 37.12 23.44 -30.13
N GLU C 189 35.99 23.97 -30.57
CA GLU C 189 35.66 25.38 -30.35
C GLU C 189 34.50 25.54 -29.37
N HIS C 190 34.39 24.63 -28.41
CA HIS C 190 33.41 24.75 -27.33
C HIS C 190 34.00 25.67 -26.27
N LYS C 191 33.43 26.87 -26.15
CA LYS C 191 34.07 27.92 -25.36
C LYS C 191 33.98 27.67 -23.86
N SER C 192 32.94 26.99 -23.41
CA SER C 192 32.66 26.85 -21.98
C SER C 192 33.72 26.00 -21.28
N THR C 193 33.97 26.35 -20.01
CA THR C 193 35.06 25.73 -19.26
C THR C 193 34.71 24.35 -18.72
N VAL C 194 33.46 23.93 -18.82
CA VAL C 194 33.09 22.57 -18.41
C VAL C 194 32.37 21.85 -19.54
N PRO C 195 33.08 21.34 -20.54
CA PRO C 195 32.42 20.49 -21.54
C PRO C 195 32.33 19.06 -21.03
N LEU C 196 31.50 18.28 -21.72
CA LEU C 196 31.38 16.85 -21.42
C LEU C 196 31.34 16.11 -22.75
N ALA C 197 32.40 15.39 -23.06
CA ALA C 197 32.40 14.52 -24.23
C ALA C 197 31.79 13.20 -23.81
N LEU C 198 30.49 13.04 -24.09
CA LEU C 198 29.82 11.80 -23.74
C LEU C 198 30.20 10.67 -24.69
N GLY C 199 30.08 10.92 -25.99
CA GLY C 199 30.40 9.94 -26.98
C GLY C 199 29.54 10.14 -28.22
N HIS C 200 29.69 9.23 -29.16
CA HIS C 200 28.92 9.27 -30.38
C HIS C 200 27.53 8.71 -30.14
N ASP C 201 26.54 9.30 -30.80
CA ASP C 201 25.18 8.80 -30.67
C ASP C 201 24.92 7.71 -31.70
N ILE C 202 23.63 7.42 -31.95
CA ILE C 202 23.23 6.29 -32.78
C ILE C 202 23.61 6.41 -34.25
N GLY C 203 24.10 7.57 -34.69
CA GLY C 203 24.39 7.74 -36.11
C GLY C 203 25.81 8.10 -36.45
N GLY C 204 26.70 8.18 -35.46
CA GLY C 204 28.11 8.37 -35.68
C GLY C 204 28.68 9.68 -35.18
N ARG C 205 27.89 10.76 -35.22
CA ARG C 205 28.45 12.03 -34.78
C ARG C 205 28.44 12.12 -33.26
N PRO C 206 29.38 12.85 -32.66
CA PRO C 206 29.44 12.89 -31.21
C PRO C 206 28.42 13.85 -30.61
N ILE C 207 28.21 13.70 -29.31
CA ILE C 207 27.34 14.57 -28.54
C ILE C 207 28.19 15.16 -27.42
N ILE C 208 28.46 16.46 -27.52
CA ILE C 208 29.22 17.18 -26.51
C ILE C 208 28.26 18.14 -25.82
N THR C 209 28.11 17.98 -24.51
CA THR C 209 27.13 18.73 -23.74
C THR C 209 27.83 19.61 -22.73
N ASP C 210 27.44 20.87 -22.68
CA ASP C 210 27.98 21.79 -21.70
C ASP C 210 27.47 21.43 -20.32
N LEU C 211 28.38 21.28 -19.37
CA LEU C 211 28.00 20.91 -18.02
C LEU C 211 27.47 22.09 -17.22
N ALA C 212 27.73 23.32 -17.68
CA ALA C 212 27.23 24.49 -16.98
C ALA C 212 25.71 24.62 -17.14
N LYS C 213 25.15 24.14 -18.25
CA LYS C 213 23.75 24.35 -18.55
C LYS C 213 22.85 23.24 -18.03
N MET C 214 23.39 22.24 -17.34
CA MET C 214 22.53 21.13 -16.94
C MET C 214 21.65 21.42 -15.72
N PRO C 215 22.17 21.96 -14.60
CA PRO C 215 23.50 22.25 -14.05
C PRO C 215 24.09 21.07 -13.30
N HIS C 216 23.27 20.08 -13.00
CA HIS C 216 23.71 18.93 -12.23
C HIS C 216 23.46 17.66 -13.05
N LEU C 217 23.69 16.51 -12.45
CA LEU C 217 23.61 15.28 -13.24
C LEU C 217 23.35 14.09 -12.32
N LEU C 218 22.52 13.16 -12.79
CA LEU C 218 22.31 11.88 -12.13
C LEU C 218 22.73 10.76 -13.06
N VAL C 219 23.53 9.83 -12.54
CA VAL C 219 24.01 8.68 -13.29
C VAL C 219 23.55 7.43 -12.56
N ALA C 220 22.99 6.47 -13.28
CA ALA C 220 22.59 5.22 -12.66
C ALA C 220 22.80 4.06 -13.63
N GLY C 221 22.44 2.88 -13.18
CA GLY C 221 22.64 1.65 -13.93
C GLY C 221 23.29 0.64 -12.99
N THR C 222 23.01 -0.64 -13.25
CA THR C 222 23.56 -1.70 -12.42
C THR C 222 25.05 -1.87 -12.69
N THR C 223 25.70 -2.70 -11.87
CA THR C 223 27.15 -2.81 -11.93
C THR C 223 27.58 -3.59 -13.16
N GLY C 224 28.76 -3.24 -13.67
CA GLY C 224 29.24 -3.81 -14.91
C GLY C 224 28.58 -3.28 -16.15
N SER C 225 27.70 -2.30 -16.04
CA SER C 225 27.03 -1.69 -17.18
C SER C 225 27.70 -0.42 -17.64
N GLY C 226 28.97 -0.23 -17.32
CA GLY C 226 29.75 0.86 -17.88
C GLY C 226 29.39 2.22 -17.32
N LYS C 227 29.65 2.43 -16.03
CA LYS C 227 29.27 3.66 -15.35
C LYS C 227 30.46 4.46 -14.85
N SER C 228 31.40 3.79 -14.18
CA SER C 228 32.66 4.44 -13.81
C SER C 228 33.45 4.83 -15.04
N VAL C 229 33.32 4.08 -16.13
CA VAL C 229 33.91 4.48 -17.40
C VAL C 229 33.31 5.79 -17.91
N GLY C 230 32.00 5.95 -17.74
CA GLY C 230 31.36 7.19 -18.13
C GLY C 230 31.77 8.37 -17.26
N VAL C 231 31.89 8.16 -15.95
CA VAL C 231 32.30 9.25 -15.07
C VAL C 231 33.76 9.62 -15.32
N ASN C 232 34.60 8.63 -15.62
CA ASN C 232 35.98 8.92 -16.00
C ASN C 232 36.06 9.65 -17.33
N ALA C 233 35.15 9.34 -18.26
CA ALA C 233 35.10 10.07 -19.52
C ALA C 233 34.69 11.52 -19.30
N MET C 234 33.78 11.76 -18.34
CA MET C 234 33.38 13.12 -18.04
C MET C 234 34.51 13.90 -17.36
N LEU C 235 35.23 13.26 -16.44
CA LEU C 235 36.32 13.96 -15.76
C LEU C 235 37.50 14.22 -16.69
N LEU C 236 37.80 13.30 -17.59
CA LEU C 236 38.79 13.60 -18.62
C LEU C 236 38.28 14.60 -19.64
N SER C 237 36.97 14.72 -19.81
CA SER C 237 36.45 15.78 -20.66
C SER C 237 36.66 17.14 -20.03
N ILE C 238 36.55 17.21 -18.70
CA ILE C 238 36.88 18.43 -17.98
C ILE C 238 38.36 18.74 -18.08
N LEU C 239 39.22 17.71 -17.96
CA LEU C 239 40.65 17.94 -17.81
C LEU C 239 41.32 18.42 -19.11
N PHE C 240 40.82 18.02 -20.27
CA PHE C 240 41.48 18.43 -21.52
C PHE C 240 41.16 19.85 -21.95
N LYS C 241 40.48 20.65 -21.16
CA LYS C 241 40.27 22.01 -21.62
C LYS C 241 40.67 23.07 -20.61
N SER C 242 40.44 22.83 -19.32
CA SER C 242 40.45 23.89 -18.33
C SER C 242 41.64 23.76 -17.38
N THR C 243 42.32 24.88 -17.14
CA THR C 243 43.37 24.97 -16.15
C THR C 243 42.77 24.95 -14.75
N PRO C 244 43.58 24.71 -13.71
CA PRO C 244 43.06 24.86 -12.33
C PRO C 244 42.64 26.28 -11.95
N SER C 245 42.99 27.29 -12.73
CA SER C 245 42.40 28.61 -12.56
C SER C 245 41.07 28.75 -13.26
N GLU C 246 40.70 27.80 -14.12
CA GLU C 246 39.42 27.85 -14.82
C GLU C 246 38.41 26.85 -14.30
N ALA C 247 38.84 25.65 -13.90
CA ALA C 247 37.96 24.67 -13.28
C ALA C 247 38.65 24.08 -12.07
N ARG C 248 37.88 23.36 -11.28
CA ARG C 248 38.34 22.88 -9.98
C ARG C 248 37.35 21.83 -9.50
N LEU C 249 37.84 20.78 -8.87
CA LEU C 249 37.02 19.61 -8.59
C LEU C 249 36.96 19.31 -7.10
N ILE C 250 35.93 18.57 -6.72
CA ILE C 250 35.80 17.94 -5.41
C ILE C 250 35.33 16.51 -5.64
N MET C 251 36.06 15.54 -5.10
CA MET C 251 35.76 14.14 -5.35
C MET C 251 35.38 13.45 -4.05
N ILE C 252 34.44 12.52 -4.14
CA ILE C 252 34.01 11.69 -3.03
C ILE C 252 34.00 10.24 -3.51
N ASP C 253 34.65 9.36 -2.77
CA ASP C 253 34.79 7.96 -3.18
C ASP C 253 34.74 7.05 -1.96
N PRO C 254 33.62 6.37 -1.72
CA PRO C 254 33.59 5.29 -0.73
C PRO C 254 34.17 3.97 -1.23
N LYS C 255 34.62 3.89 -2.47
CA LYS C 255 35.17 2.63 -3.01
C LYS C 255 36.42 2.99 -3.79
N MET C 256 37.57 2.86 -3.15
CA MET C 256 38.82 3.49 -3.58
C MET C 256 39.46 2.84 -4.81
N LEU C 257 38.74 2.04 -5.58
CA LEU C 257 39.30 1.49 -6.81
C LEU C 257 39.32 2.55 -7.91
N GLU C 258 38.20 3.25 -8.10
CA GLU C 258 38.02 4.08 -9.28
C GLU C 258 38.64 5.47 -9.15
N LEU C 259 38.16 6.27 -8.20
CA LEU C 259 38.55 7.68 -8.15
C LEU C 259 39.87 7.93 -7.45
N SER C 260 40.50 6.91 -6.86
CA SER C 260 41.80 7.11 -6.23
C SER C 260 42.93 7.28 -7.22
N ILE C 261 42.68 7.05 -8.52
CA ILE C 261 43.69 7.28 -9.53
C ILE C 261 43.93 8.77 -9.75
N TYR C 262 43.00 9.60 -9.30
CA TYR C 262 43.02 11.04 -9.54
C TYR C 262 43.75 11.83 -8.46
N GLU C 263 44.17 11.19 -7.38
CA GLU C 263 44.78 11.89 -6.25
C GLU C 263 46.16 12.39 -6.64
N GLY C 264 46.27 13.69 -6.91
CA GLY C 264 47.53 14.29 -7.29
C GLY C 264 47.38 15.37 -8.33
N ILE C 265 46.21 15.44 -8.96
CA ILE C 265 45.97 16.41 -10.03
C ILE C 265 45.79 17.79 -9.41
N PRO C 266 46.15 18.87 -10.11
CA PRO C 266 46.01 20.21 -9.52
C PRO C 266 44.61 20.78 -9.58
N HIS C 267 43.63 20.05 -10.11
CA HIS C 267 42.26 20.51 -10.16
C HIS C 267 41.46 20.13 -8.92
N LEU C 268 42.11 19.71 -7.85
CA LEU C 268 41.41 19.29 -6.64
C LEU C 268 41.48 20.35 -5.56
N LEU C 269 40.48 20.32 -4.68
CA LEU C 269 40.47 21.10 -3.45
C LEU C 269 40.77 20.26 -2.22
N CYS C 270 40.56 18.95 -2.31
CA CYS C 270 40.63 18.06 -1.17
C CYS C 270 41.32 16.79 -1.60
N PRO C 271 41.82 16.00 -0.65
CA PRO C 271 42.09 14.59 -0.95
C PRO C 271 40.80 13.87 -1.28
N VAL C 272 40.92 12.80 -2.07
CA VAL C 272 39.78 12.02 -2.52
C VAL C 272 39.08 11.41 -1.31
N VAL C 273 37.86 11.88 -1.06
CA VAL C 273 37.23 11.69 0.24
C VAL C 273 36.75 10.25 0.37
N THR C 274 37.19 9.58 1.43
CA THR C 274 36.83 8.19 1.68
C THR C 274 35.60 8.07 2.58
N ASP C 275 35.68 8.61 3.79
CA ASP C 275 34.61 8.40 4.76
C ASP C 275 33.46 9.35 4.48
N MET C 276 32.29 9.02 5.03
CA MET C 276 31.08 9.80 4.75
C MET C 276 30.94 11.01 5.63
N LYS C 277 31.52 10.99 6.84
CA LYS C 277 31.53 12.20 7.66
C LYS C 277 32.40 13.27 7.03
N GLU C 278 33.52 12.85 6.43
CA GLU C 278 34.37 13.77 5.68
C GLU C 278 33.66 14.28 4.43
N ALA C 279 32.84 13.45 3.80
CA ALA C 279 32.06 13.90 2.65
C ALA C 279 30.98 14.89 3.06
N ALA C 280 30.38 14.68 4.23
CA ALA C 280 29.42 15.63 4.75
C ALA C 280 30.09 16.96 5.08
N ASN C 281 31.33 16.90 5.59
CA ASN C 281 32.10 18.13 5.80
C ASN C 281 32.41 18.83 4.49
N ALA C 282 32.72 18.07 3.43
CA ALA C 282 33.01 18.67 2.13
C ALA C 282 31.77 19.32 1.52
N LEU C 283 30.61 18.68 1.67
CA LEU C 283 29.40 19.26 1.12
C LEU C 283 28.93 20.46 1.92
N ARG C 284 29.16 20.47 3.24
CA ARG C 284 28.86 21.69 4.01
C ARG C 284 29.83 22.82 3.67
N TRP C 285 31.09 22.49 3.38
CA TRP C 285 32.01 23.49 2.86
C TRP C 285 31.54 24.05 1.53
N SER C 286 30.96 23.20 0.69
CA SER C 286 30.44 23.66 -0.59
C SER C 286 29.21 24.55 -0.41
N VAL C 287 28.37 24.27 0.59
CA VAL C 287 27.27 25.17 0.94
C VAL C 287 27.80 26.53 1.36
N ALA C 288 28.82 26.54 2.22
CA ALA C 288 29.40 27.80 2.69
C ALA C 288 30.08 28.56 1.54
N GLU C 289 30.68 27.85 0.60
CA GLU C 289 31.29 28.51 -0.55
C GLU C 289 30.24 29.09 -1.48
N MET C 290 29.12 28.38 -1.65
CA MET C 290 28.00 28.92 -2.43
C MET C 290 27.45 30.18 -1.79
N GLU C 291 27.29 30.18 -0.45
CA GLU C 291 26.73 31.34 0.24
C GLU C 291 27.66 32.54 0.16
N ARG C 292 28.98 32.32 0.34
CA ARG C 292 29.88 33.45 0.27
C ARG C 292 30.07 33.93 -1.18
N ARG C 293 29.90 33.05 -2.17
CA ARG C 293 29.96 33.53 -3.55
C ARG C 293 28.73 34.34 -3.91
N TYR C 294 27.54 33.96 -3.42
CA TYR C 294 26.37 34.78 -3.64
C TYR C 294 26.47 36.12 -2.92
N ARG C 295 27.04 36.13 -1.71
CA ARG C 295 27.21 37.40 -1.02
C ARG C 295 28.27 38.27 -1.69
N LEU C 296 29.29 37.66 -2.31
CA LEU C 296 30.28 38.47 -3.02
C LEU C 296 29.74 38.98 -4.35
N MET C 297 28.89 38.19 -5.02
CA MET C 297 28.24 38.69 -6.23
C MET C 297 27.22 39.78 -5.91
N ALA C 298 26.61 39.72 -4.73
CA ALA C 298 25.79 40.84 -4.29
C ALA C 298 26.64 42.06 -3.98
N ALA C 299 27.83 41.85 -3.38
CA ALA C 299 28.71 42.96 -3.06
C ALA C 299 29.34 43.59 -4.30
N MET C 300 29.44 42.86 -5.40
CA MET C 300 29.87 43.46 -6.65
C MET C 300 28.71 43.75 -7.61
N GLY C 301 27.50 43.32 -7.27
CA GLY C 301 26.34 43.67 -8.07
C GLY C 301 26.25 43.00 -9.42
N VAL C 302 26.70 41.76 -9.53
CA VAL C 302 26.57 40.98 -10.76
C VAL C 302 25.49 39.93 -10.55
N ARG C 303 25.14 39.25 -11.64
CA ARG C 303 24.00 38.34 -11.63
C ARG C 303 24.41 36.87 -11.57
N ASN C 304 25.41 36.45 -12.34
CA ASN C 304 25.81 35.05 -12.40
C ASN C 304 27.32 34.97 -12.27
N LEU C 305 27.87 33.77 -12.39
CA LEU C 305 29.31 33.58 -12.24
C LEU C 305 30.08 34.14 -13.43
N ALA C 306 29.60 33.85 -14.65
CA ALA C 306 30.29 34.32 -15.84
C ALA C 306 30.27 35.83 -15.96
N GLY C 307 29.23 36.48 -15.43
CA GLY C 307 29.23 37.92 -15.34
C GLY C 307 30.30 38.45 -14.41
N PHE C 308 30.54 37.75 -13.30
CA PHE C 308 31.60 38.17 -12.39
C PHE C 308 32.97 37.92 -12.99
N ASN C 309 33.14 36.81 -13.72
CA ASN C 309 34.42 36.56 -14.36
C ASN C 309 34.69 37.54 -15.49
N ARG C 310 33.66 37.97 -16.21
CA ARG C 310 33.86 39.01 -17.20
C ARG C 310 34.04 40.38 -16.56
N LYS C 311 33.49 40.60 -15.36
CA LYS C 311 33.74 41.84 -14.63
C LYS C 311 35.20 41.95 -14.20
N VAL C 312 35.73 40.88 -13.60
CA VAL C 312 37.14 40.91 -13.22
C VAL C 312 38.04 40.81 -14.46
N LYS C 313 37.54 40.27 -15.56
CA LYS C 313 38.28 40.33 -16.81
C LYS C 313 38.34 41.75 -17.35
N ASP C 314 37.24 42.51 -17.21
CA ASP C 314 37.26 43.92 -17.60
C ASP C 314 38.15 44.74 -16.68
N ALA C 315 38.27 44.34 -15.41
CA ALA C 315 39.28 44.93 -14.54
C ALA C 315 40.69 44.61 -15.03
N GLU C 316 40.89 43.40 -15.56
CA GLU C 316 42.19 43.03 -16.13
C GLU C 316 42.47 43.76 -17.44
N GLU C 317 41.43 44.14 -18.18
CA GLU C 317 41.62 44.74 -19.50
C GLU C 317 42.03 46.20 -19.40
N ALA C 318 41.44 46.94 -18.47
CA ALA C 318 41.81 48.33 -18.25
C ALA C 318 43.04 48.47 -17.36
N GLY C 319 43.59 47.36 -16.87
CA GLY C 319 44.66 47.40 -15.90
C GLY C 319 44.25 47.89 -14.54
N THR C 320 42.96 47.99 -14.26
CA THR C 320 42.47 48.61 -13.05
C THR C 320 42.29 47.55 -11.97
N PRO C 321 42.94 47.68 -10.81
CA PRO C 321 42.71 46.74 -9.71
C PRO C 321 41.39 47.03 -8.99
N LEU C 322 40.41 46.16 -9.21
CA LEU C 322 39.18 46.21 -8.43
C LEU C 322 39.40 45.37 -7.18
N THR C 323 39.47 46.03 -6.03
CA THR C 323 39.88 45.39 -4.80
C THR C 323 38.77 44.52 -4.24
N ASP C 324 39.05 43.92 -3.09
CA ASP C 324 38.10 43.08 -2.39
C ASP C 324 36.94 43.93 -1.90
N PRO C 325 35.70 43.59 -2.25
CA PRO C 325 34.56 44.35 -1.71
C PRO C 325 34.24 43.98 -0.27
N LEU C 326 34.74 42.85 0.20
CA LEU C 326 34.45 42.35 1.54
C LEU C 326 35.77 42.17 2.30
N PHE C 327 36.24 43.23 2.95
CA PHE C 327 37.31 43.10 3.93
C PHE C 327 37.23 44.22 4.96
N GLN C 338 42.54 41.82 -3.25
CA GLN C 338 42.11 42.01 -4.62
C GLN C 338 41.46 40.73 -5.14
N LEU C 339 40.39 40.88 -5.91
CA LEU C 339 39.64 39.73 -6.42
C LEU C 339 40.43 38.98 -7.48
N SER C 340 39.98 37.74 -7.73
CA SER C 340 40.55 36.88 -8.76
C SER C 340 39.42 36.23 -9.54
N THR C 341 39.77 35.63 -10.68
CA THR C 341 38.82 34.89 -11.49
C THR C 341 38.46 33.60 -10.76
N LEU C 342 37.25 33.52 -10.25
CA LEU C 342 36.82 32.33 -9.52
C LEU C 342 36.61 31.17 -10.47
N PRO C 343 37.29 30.04 -10.28
CA PRO C 343 37.09 28.90 -11.16
C PRO C 343 35.78 28.16 -10.84
N THR C 344 35.42 27.25 -11.72
CA THR C 344 34.15 26.55 -11.64
C THR C 344 34.32 25.29 -10.80
N ILE C 345 33.73 25.28 -9.61
CA ILE C 345 33.76 24.11 -8.75
C ILE C 345 32.84 23.05 -9.33
N VAL C 346 33.31 21.80 -9.39
CA VAL C 346 32.48 20.67 -9.78
C VAL C 346 32.64 19.62 -8.70
N VAL C 347 31.53 19.20 -8.10
CA VAL C 347 31.53 18.22 -7.02
C VAL C 347 31.01 16.90 -7.60
N VAL C 348 31.90 15.93 -7.75
CA VAL C 348 31.49 14.62 -8.23
C VAL C 348 31.34 13.70 -7.04
N VAL C 349 30.42 12.74 -7.16
CA VAL C 349 30.20 11.73 -6.14
C VAL C 349 30.13 10.37 -6.81
N ASP C 350 30.93 9.42 -6.35
CA ASP C 350 30.94 8.11 -6.97
C ASP C 350 29.69 7.32 -6.59
N GLU C 351 29.30 7.34 -5.32
CA GLU C 351 28.17 6.53 -4.87
C GLU C 351 27.52 7.26 -3.71
N PHE C 352 26.48 8.03 -4.00
CA PHE C 352 25.77 8.75 -2.95
C PHE C 352 24.69 7.91 -2.29
N ALA C 353 24.41 6.71 -2.82
CA ALA C 353 23.50 5.78 -2.16
C ALA C 353 24.08 5.33 -0.83
N ASP C 354 25.39 5.02 -0.81
CA ASP C 354 26.07 4.71 0.44
C ASP C 354 26.08 5.90 1.38
N MET C 355 26.12 7.12 0.83
CA MET C 355 26.15 8.32 1.66
C MET C 355 24.83 8.52 2.39
N MET C 356 23.72 8.48 1.66
CA MET C 356 22.41 8.63 2.31
C MET C 356 22.03 7.41 3.13
N MET C 357 22.61 6.25 2.85
CA MET C 357 22.31 5.06 3.63
C MET C 357 23.08 5.03 4.94
N ILE C 358 24.31 5.53 4.94
CA ILE C 358 25.08 5.62 6.19
C ILE C 358 24.57 6.78 7.03
N VAL C 359 24.60 8.00 6.49
CA VAL C 359 24.36 9.16 7.35
C VAL C 359 22.86 9.39 7.53
N GLY C 360 22.13 9.57 6.44
CA GLY C 360 20.69 9.68 6.57
C GLY C 360 20.04 10.82 5.80
N LYS C 361 18.89 11.30 6.30
CA LYS C 361 18.06 12.25 5.58
C LYS C 361 18.67 13.65 5.51
N LYS C 362 19.56 14.00 6.44
CA LYS C 362 20.12 15.35 6.42
C LYS C 362 21.13 15.52 5.29
N VAL C 363 21.78 14.44 4.85
CA VAL C 363 22.60 14.51 3.65
C VAL C 363 21.75 14.72 2.42
N GLU C 364 20.57 14.08 2.37
CA GLU C 364 19.63 14.32 1.29
C GLU C 364 19.16 15.77 1.28
N GLU C 365 18.89 16.35 2.44
CA GLU C 365 18.54 17.76 2.48
C GLU C 365 19.73 18.66 2.17
N LEU C 366 20.95 18.19 2.41
CA LEU C 366 22.14 18.96 2.06
C LEU C 366 22.35 19.00 0.55
N ILE C 367 22.16 17.87 -0.11
CA ILE C 367 22.20 17.83 -1.58
C ILE C 367 21.03 18.62 -2.16
N ALA C 368 19.89 18.63 -1.46
CA ALA C 368 18.77 19.46 -1.87
C ALA C 368 19.12 20.95 -1.82
N ARG C 369 19.76 21.38 -0.73
CA ARG C 369 20.15 22.78 -0.61
C ARG C 369 21.31 23.15 -1.52
N ILE C 370 22.11 22.18 -1.96
CA ILE C 370 23.08 22.44 -3.02
C ILE C 370 22.38 22.62 -4.36
N ALA C 371 21.54 21.64 -4.74
CA ALA C 371 20.93 21.64 -6.07
C ALA C 371 19.90 22.74 -6.23
N GLN C 372 19.38 23.28 -5.13
CA GLN C 372 18.36 24.31 -5.19
C GLN C 372 18.89 25.64 -5.74
N LYS C 373 20.15 25.95 -5.46
CA LYS C 373 20.63 27.32 -5.68
C LYS C 373 21.94 27.43 -6.45
N ALA C 374 22.78 26.39 -6.48
CA ALA C 374 24.15 26.51 -6.96
C ALA C 374 24.29 26.52 -8.48
N ARG C 375 23.24 26.79 -9.25
CA ARG C 375 23.40 26.88 -10.70
C ARG C 375 24.17 28.14 -11.08
N ALA C 376 23.78 29.28 -10.52
CA ALA C 376 24.44 30.53 -10.88
C ALA C 376 25.77 30.72 -10.16
N ALA C 377 25.99 30.03 -9.05
CA ALA C 377 27.25 30.20 -8.33
C ALA C 377 28.39 29.40 -8.93
N GLY C 378 28.10 28.48 -9.86
CA GLY C 378 29.16 27.73 -10.51
C GLY C 378 29.62 26.51 -9.75
N ILE C 379 28.76 25.94 -8.90
CA ILE C 379 29.05 24.69 -8.20
C ILE C 379 28.11 23.64 -8.77
N HIS C 380 28.68 22.61 -9.38
CA HIS C 380 27.90 21.65 -10.15
C HIS C 380 28.12 20.25 -9.60
N LEU C 381 27.10 19.41 -9.77
CA LEU C 381 27.07 18.08 -9.19
C LEU C 381 27.05 16.99 -10.25
N ILE C 382 27.88 15.98 -10.06
CA ILE C 382 27.80 14.73 -10.79
C ILE C 382 27.54 13.64 -9.78
N LEU C 383 26.38 13.01 -9.89
CA LEU C 383 25.96 11.99 -8.94
C LEU C 383 25.81 10.66 -9.67
N ALA C 384 26.45 9.63 -9.15
CA ALA C 384 26.36 8.30 -9.71
C ALA C 384 25.86 7.34 -8.64
N THR C 385 25.05 6.37 -9.05
CA THR C 385 24.50 5.41 -8.09
C THR C 385 24.34 4.06 -8.77
N GLN C 386 24.22 3.02 -7.94
CA GLN C 386 24.04 1.66 -8.41
C GLN C 386 22.72 1.07 -7.95
N ARG C 387 21.89 1.86 -7.27
CA ARG C 387 20.67 1.35 -6.65
C ARG C 387 19.56 2.34 -6.96
N PRO C 388 18.90 2.20 -8.11
CA PRO C 388 17.76 3.07 -8.42
C PRO C 388 16.53 2.60 -7.64
N SER C 389 16.02 3.46 -6.77
CA SER C 389 14.86 3.12 -5.96
C SER C 389 14.18 4.41 -5.52
N VAL C 390 13.13 4.25 -4.71
CA VAL C 390 12.51 5.40 -4.06
C VAL C 390 13.37 5.87 -2.89
N ASP C 391 14.17 4.98 -2.31
CA ASP C 391 14.98 5.35 -1.15
C ASP C 391 16.17 6.21 -1.54
N VAL C 392 16.79 5.94 -2.69
CA VAL C 392 17.97 6.67 -3.09
C VAL C 392 17.59 7.82 -4.02
N ILE C 393 17.04 7.51 -5.18
CA ILE C 393 16.66 8.56 -6.10
C ILE C 393 15.28 9.06 -5.66
N THR C 394 15.26 10.05 -4.79
CA THR C 394 14.04 10.48 -4.12
C THR C 394 13.38 11.61 -4.90
N GLY C 395 12.37 12.23 -4.27
CA GLY C 395 11.80 13.44 -4.84
C GLY C 395 12.68 14.65 -4.68
N LEU C 396 13.44 14.71 -3.58
CA LEU C 396 14.29 15.87 -3.32
C LEU C 396 15.47 15.92 -4.29
N ILE C 397 16.02 14.76 -4.64
CA ILE C 397 17.13 14.74 -5.58
C ILE C 397 16.64 15.00 -7.00
N LYS C 398 15.47 14.46 -7.34
CA LYS C 398 14.89 14.73 -8.65
C LYS C 398 14.22 16.09 -8.74
N ALA C 399 14.19 16.86 -7.64
CA ALA C 399 13.57 18.17 -7.66
C ALA C 399 14.35 19.15 -8.54
N ASN C 400 15.65 19.26 -8.31
CA ASN C 400 16.43 20.31 -8.95
C ASN C 400 17.56 19.76 -9.81
N ILE C 401 17.59 18.45 -10.06
CA ILE C 401 18.60 17.85 -10.92
C ILE C 401 17.85 17.23 -12.10
N PRO C 402 17.64 17.98 -13.19
CA PRO C 402 16.79 17.50 -14.27
C PRO C 402 17.51 16.76 -15.38
N THR C 403 18.84 16.68 -15.35
CA THR C 403 19.60 16.03 -16.39
C THR C 403 20.02 14.65 -15.90
N ARG C 404 19.60 13.60 -16.60
CA ARG C 404 19.76 12.24 -16.11
C ARG C 404 20.52 11.40 -17.14
N ILE C 405 21.55 10.71 -16.67
CA ILE C 405 22.20 9.65 -17.44
C ILE C 405 21.71 8.33 -16.89
N ALA C 406 21.20 7.47 -17.78
CA ALA C 406 20.77 6.15 -17.37
C ALA C 406 21.40 5.12 -18.29
N PHE C 407 22.23 4.27 -17.73
CA PHE C 407 22.78 3.13 -18.43
C PHE C 407 21.78 1.98 -18.36
N GLN C 408 22.22 0.76 -18.65
CA GLN C 408 21.32 -0.38 -18.59
C GLN C 408 20.89 -0.68 -17.17
N VAL C 409 19.58 -0.68 -16.94
CA VAL C 409 19.00 -0.95 -15.63
C VAL C 409 18.14 -2.20 -15.72
N SER C 410 17.64 -2.63 -14.57
CA SER C 410 17.03 -3.95 -14.48
C SER C 410 15.58 -3.96 -14.94
N SER C 411 14.76 -3.05 -14.43
CA SER C 411 13.33 -3.09 -14.64
C SER C 411 12.84 -1.84 -15.35
N LYS C 412 11.61 -1.92 -15.86
CA LYS C 412 10.94 -0.73 -16.37
C LYS C 412 10.53 0.19 -15.24
N ILE C 413 10.33 -0.35 -14.04
CA ILE C 413 10.04 0.47 -12.87
C ILE C 413 11.23 1.34 -12.51
N ASP C 414 12.45 0.80 -12.65
CA ASP C 414 13.62 1.64 -12.42
C ASP C 414 13.84 2.64 -13.53
N SER C 415 13.39 2.32 -14.75
CA SER C 415 13.41 3.29 -15.84
C SER C 415 12.47 4.45 -15.55
N ARG C 416 11.29 4.15 -15.01
CA ARG C 416 10.39 5.21 -14.57
C ARG C 416 10.85 5.86 -13.27
N THR C 417 11.81 5.26 -12.56
CA THR C 417 12.39 5.89 -11.39
C THR C 417 13.39 6.96 -11.79
N ILE C 418 14.29 6.66 -12.73
CA ILE C 418 15.28 7.67 -13.10
C ILE C 418 14.85 8.52 -14.31
N LEU C 419 14.57 7.90 -15.46
CA LEU C 419 14.20 8.68 -16.63
C LEU C 419 12.74 9.07 -16.65
N ASP C 420 11.96 8.65 -15.65
CA ASP C 420 10.54 8.93 -15.48
C ASP C 420 9.69 8.39 -16.63
N GLN C 421 10.22 7.40 -17.37
CA GLN C 421 9.53 6.75 -18.47
C GLN C 421 10.25 5.45 -18.78
N GLY C 422 9.56 4.55 -19.45
CA GLY C 422 10.15 3.30 -19.85
C GLY C 422 11.16 3.49 -20.97
N GLY C 423 12.05 2.51 -21.09
CA GLY C 423 12.99 2.52 -22.19
C GLY C 423 14.45 2.39 -21.79
N ALA C 424 14.75 2.56 -20.51
CA ALA C 424 16.14 2.44 -20.07
C ALA C 424 16.60 1.00 -19.99
N GLU C 425 15.67 0.06 -19.89
CA GLU C 425 16.03 -1.34 -19.71
C GLU C 425 16.51 -2.00 -21.00
N GLN C 426 16.24 -1.40 -22.15
CA GLN C 426 16.49 -2.03 -23.44
C GLN C 426 17.92 -1.86 -23.92
N LEU C 427 18.81 -1.34 -23.09
CA LEU C 427 20.15 -1.03 -23.53
C LEU C 427 21.02 -2.30 -23.52
N LEU C 428 22.32 -2.13 -23.78
CA LEU C 428 23.18 -3.25 -24.09
C LEU C 428 24.35 -3.42 -23.14
N GLY C 429 24.50 -2.57 -22.14
CA GLY C 429 25.72 -2.59 -21.38
C GLY C 429 26.85 -1.96 -22.16
N HIS C 430 28.05 -2.05 -21.56
CA HIS C 430 29.29 -1.47 -22.10
C HIS C 430 29.17 0.01 -22.40
N GLY C 431 28.42 0.73 -21.56
CA GLY C 431 28.37 2.18 -21.63
C GLY C 431 27.32 2.78 -22.52
N ASP C 432 26.27 2.05 -22.89
CA ASP C 432 25.16 2.67 -23.60
C ASP C 432 24.31 3.44 -22.61
N MET C 433 24.19 4.75 -22.82
CA MET C 433 23.40 5.59 -21.95
C MET C 433 22.26 6.23 -22.74
N LEU C 434 21.21 6.58 -22.03
CA LEU C 434 20.13 7.38 -22.59
C LEU C 434 20.27 8.77 -21.99
N TYR C 435 20.91 9.68 -22.74
CA TYR C 435 21.08 11.05 -22.29
C TYR C 435 19.73 11.74 -22.30
N LEU C 436 19.33 12.27 -21.15
CA LEU C 436 18.10 13.05 -21.06
C LEU C 436 18.50 14.51 -20.87
N PRO C 437 18.30 15.36 -21.87
CA PRO C 437 18.73 16.76 -21.75
C PRO C 437 17.83 17.52 -20.79
N PRO C 438 18.25 18.69 -20.31
CA PRO C 438 17.36 19.48 -19.46
C PRO C 438 16.16 20.00 -20.25
N GLY C 439 14.98 19.79 -19.70
CA GLY C 439 13.74 20.03 -20.41
C GLY C 439 13.16 18.73 -20.95
N THR C 440 11.87 18.82 -21.30
CA THR C 440 11.16 17.65 -21.79
C THR C 440 11.64 17.29 -23.20
N GLY C 441 12.01 16.03 -23.38
CA GLY C 441 12.41 15.58 -24.70
C GLY C 441 12.53 14.08 -24.72
N LEU C 442 12.51 13.54 -25.93
CA LEU C 442 12.89 12.15 -26.13
C LEU C 442 14.35 11.97 -25.75
N PRO C 443 14.71 10.88 -25.06
CA PRO C 443 16.08 10.74 -24.58
C PRO C 443 17.04 10.43 -25.72
N ILE C 444 18.12 11.18 -25.78
CA ILE C 444 19.12 11.00 -26.83
C ILE C 444 19.97 9.80 -26.46
N ARG C 445 19.92 8.75 -27.30
CA ARG C 445 20.68 7.54 -27.04
C ARG C 445 22.12 7.77 -27.47
N VAL C 446 23.03 7.85 -26.52
CA VAL C 446 24.43 8.15 -26.78
C VAL C 446 25.26 6.98 -26.29
N HIS C 447 26.18 6.52 -27.12
CA HIS C 447 27.09 5.44 -26.73
C HIS C 447 28.28 6.06 -26.02
N GLY C 448 28.50 5.66 -24.77
CA GLY C 448 29.55 6.27 -23.97
C GLY C 448 30.92 5.81 -24.43
N ALA C 449 31.84 6.76 -24.59
CA ALA C 449 33.15 6.45 -25.14
C ALA C 449 33.99 5.70 -24.13
N PHE C 450 34.66 4.64 -24.59
CA PHE C 450 35.51 3.85 -23.72
C PHE C 450 36.81 4.60 -23.44
N VAL C 451 37.15 4.71 -22.16
CA VAL C 451 38.43 5.24 -21.74
C VAL C 451 39.16 4.15 -20.97
N SER C 452 40.46 4.03 -21.21
CA SER C 452 41.27 2.97 -20.63
C SER C 452 42.01 3.48 -19.41
N ASP C 453 42.50 2.55 -18.60
CA ASP C 453 43.28 2.91 -17.43
C ASP C 453 44.63 3.52 -17.81
N ASP C 454 45.15 3.15 -18.97
CA ASP C 454 46.42 3.70 -19.44
C ASP C 454 46.27 5.18 -19.81
N GLU C 455 45.18 5.53 -20.49
CA GLU C 455 44.94 6.92 -20.87
C GLU C 455 44.64 7.78 -19.65
N VAL C 456 43.85 7.26 -18.70
CA VAL C 456 43.54 7.99 -17.47
C VAL C 456 44.81 8.21 -16.66
N HIS C 457 45.63 7.16 -16.53
CA HIS C 457 46.87 7.28 -15.78
C HIS C 457 47.85 8.22 -16.47
N ARG C 458 47.82 8.29 -17.81
CA ARG C 458 48.70 9.21 -18.51
C ARG C 458 48.24 10.66 -18.34
N VAL C 459 46.93 10.90 -18.32
CA VAL C 459 46.43 12.25 -18.06
C VAL C 459 46.76 12.68 -16.63
N VAL C 460 46.64 11.74 -15.67
CA VAL C 460 46.96 12.04 -14.28
C VAL C 460 48.44 12.36 -14.11
N GLU C 461 49.32 11.58 -14.75
CA GLU C 461 50.75 11.86 -14.62
C GLU C 461 51.16 13.13 -15.35
N ALA C 462 50.49 13.45 -16.46
CA ALA C 462 50.78 14.71 -17.14
C ALA C 462 50.36 15.91 -16.30
N TRP C 463 49.23 15.80 -15.58
CA TRP C 463 48.86 16.90 -14.71
C TRP C 463 49.66 16.94 -13.42
N LYS C 464 50.20 15.80 -12.97
CA LYS C 464 51.08 15.83 -11.81
C LYS C 464 52.45 16.39 -12.17
N LEU C 465 52.87 16.23 -13.43
CA LEU C 465 54.06 16.91 -13.92
C LEU C 465 53.78 18.32 -14.39
N ARG C 466 52.51 18.74 -14.45
CA ARG C 466 52.15 20.11 -14.81
C ARG C 466 51.15 20.66 -13.79
N GLY C 467 51.49 20.52 -12.50
CA GLY C 467 50.62 21.07 -11.48
C GLY C 467 50.83 20.55 -10.06
N ALA C 468 50.68 21.45 -9.09
CA ALA C 468 50.82 21.21 -7.67
C ALA C 468 49.46 21.24 -6.99
N PRO C 469 49.27 20.46 -5.91
CA PRO C 469 47.96 20.48 -5.23
C PRO C 469 47.69 21.79 -4.51
N ASP C 470 46.40 22.04 -4.29
CA ASP C 470 45.88 23.32 -3.83
C ASP C 470 44.88 23.09 -2.69
N TYR C 471 45.30 22.32 -1.70
CA TYR C 471 44.37 21.77 -0.71
C TYR C 471 43.93 22.83 0.29
N ILE C 472 42.82 22.53 0.97
CA ILE C 472 42.26 23.34 2.04
C ILE C 472 41.92 22.41 3.21
N GLU C 473 42.38 22.75 4.41
CA GLU C 473 42.17 21.87 5.56
C GLU C 473 40.71 21.88 6.02
N ASP C 474 40.00 22.99 5.81
CA ASP C 474 38.67 23.16 6.38
C ASP C 474 37.62 22.27 5.72
N ILE C 475 37.88 21.79 4.50
CA ILE C 475 36.88 21.02 3.77
C ILE C 475 36.68 19.62 4.37
N LEU C 476 37.64 19.11 5.13
CA LEU C 476 37.50 17.79 5.72
C LEU C 476 36.98 17.84 7.15
N ALA C 477 37.16 18.96 7.85
CA ALA C 477 36.64 19.11 9.19
C ALA C 477 35.34 19.91 9.16
N LEU D 70 2.31 57.08 -15.88
CA LEU D 70 2.12 55.66 -16.07
C LEU D 70 2.70 55.24 -17.42
N PRO D 71 3.42 54.13 -17.45
CA PRO D 71 4.03 53.67 -18.71
C PRO D 71 2.97 53.16 -19.67
N PRO D 72 2.92 53.74 -20.88
CA PRO D 72 1.92 53.29 -21.86
C PRO D 72 2.27 51.91 -22.40
N LEU D 73 1.23 51.24 -22.91
CA LEU D 73 1.38 49.88 -23.43
C LEU D 73 2.09 49.84 -24.79
N SER D 74 2.43 50.98 -25.37
CA SER D 74 3.16 51.05 -26.62
C SER D 74 4.68 50.90 -26.44
N LEU D 75 5.14 50.54 -25.25
CA LEU D 75 6.56 50.26 -25.05
C LEU D 75 6.93 48.86 -25.54
N LEU D 76 5.96 48.01 -25.77
CA LEU D 76 6.20 46.61 -26.09
C LEU D 76 6.63 46.45 -27.54
N ASP D 77 7.06 45.23 -27.88
CA ASP D 77 7.49 44.94 -29.24
C ASP D 77 6.30 44.94 -30.18
N PRO D 78 6.51 45.34 -31.45
CA PRO D 78 5.37 45.44 -32.38
C PRO D 78 4.79 44.09 -32.81
N ALA D 79 3.75 44.15 -33.63
CA ALA D 79 3.09 42.94 -34.11
C ALA D 79 3.92 42.31 -35.23
N GLU D 80 3.40 41.24 -35.82
CA GLU D 80 4.13 40.46 -36.80
C GLU D 80 3.29 40.30 -38.06
N VAL D 81 3.95 40.31 -39.22
CA VAL D 81 3.30 39.93 -40.46
C VAL D 81 3.06 38.43 -40.35
N LYS D 82 1.84 38.08 -39.98
CA LYS D 82 1.50 36.72 -39.56
C LYS D 82 1.39 35.80 -40.77
N GLN D 83 1.43 34.50 -40.48
CA GLN D 83 1.30 33.46 -41.50
C GLN D 83 -0.18 33.08 -41.67
N LYS D 84 -0.99 34.10 -41.94
CA LYS D 84 -2.43 34.01 -41.94
C LYS D 84 -2.94 33.28 -43.18
N SER D 85 -4.25 33.04 -43.18
CA SER D 85 -5.03 32.53 -44.31
C SER D 85 -4.52 31.17 -44.81
N TYR D 86 -4.62 30.17 -43.95
CA TYR D 86 -4.46 28.80 -44.42
C TYR D 86 -5.65 28.42 -45.27
N SER D 87 -5.36 27.87 -46.45
CA SER D 87 -6.35 27.77 -47.51
C SER D 87 -7.40 26.71 -47.18
N PRO D 88 -8.65 26.94 -47.60
CA PRO D 88 -9.69 25.93 -47.39
C PRO D 88 -9.47 24.65 -48.18
N GLU D 89 -8.66 24.68 -49.24
CA GLU D 89 -8.27 23.42 -49.88
C GLU D 89 -7.33 22.62 -48.98
N SER D 90 -6.46 23.30 -48.23
CA SER D 90 -5.60 22.61 -47.26
C SER D 90 -6.43 22.07 -46.10
N LEU D 91 -7.45 22.83 -45.68
CA LEU D 91 -8.32 22.36 -44.62
C LEU D 91 -9.14 21.17 -45.07
N GLU D 92 -9.59 21.16 -46.32
CA GLU D 92 -10.36 20.04 -46.83
C GLU D 92 -9.48 18.81 -46.99
N ALA D 93 -8.23 19.02 -47.41
CA ALA D 93 -7.28 17.90 -47.51
C ALA D 93 -6.96 17.32 -46.15
N MET D 94 -6.75 18.17 -45.14
CA MET D 94 -6.47 17.68 -43.79
C MET D 94 -7.69 17.02 -43.16
N SER D 95 -8.89 17.52 -43.45
CA SER D 95 -10.10 16.89 -42.92
C SER D 95 -10.33 15.52 -43.53
N ARG D 96 -10.13 15.39 -44.85
CA ARG D 96 -10.27 14.08 -45.45
C ARG D 96 -9.15 13.14 -45.02
N LEU D 97 -7.96 13.69 -44.75
CA LEU D 97 -6.88 12.87 -44.22
C LEU D 97 -7.22 12.34 -42.83
N LEU D 98 -7.85 13.17 -41.98
CA LEU D 98 -8.26 12.70 -40.66
C LEU D 98 -9.37 11.67 -40.75
N GLU D 99 -10.32 11.86 -41.68
CA GLU D 99 -11.37 10.87 -41.87
C GLU D 99 -10.81 9.52 -42.32
N ILE D 100 -9.83 9.55 -43.24
CA ILE D 100 -9.22 8.30 -43.72
C ILE D 100 -8.40 7.65 -42.61
N LYS D 101 -7.62 8.44 -41.86
CA LYS D 101 -6.77 7.84 -40.83
C LYS D 101 -7.58 7.33 -39.64
N LEU D 102 -8.75 7.91 -39.36
CA LEU D 102 -9.60 7.28 -38.36
C LEU D 102 -10.34 6.07 -38.92
N LYS D 103 -10.68 6.09 -40.21
CA LYS D 103 -11.36 4.94 -40.80
C LYS D 103 -10.44 3.74 -40.91
N GLU D 104 -9.11 3.98 -40.98
CA GLU D 104 -8.15 2.87 -40.98
C GLU D 104 -8.17 2.10 -39.67
N PHE D 105 -8.46 2.76 -38.56
CA PHE D 105 -8.66 2.07 -37.30
C PHE D 105 -10.10 1.58 -37.22
N GLY D 106 -10.54 1.17 -36.04
CA GLY D 106 -11.88 0.63 -35.90
C GLY D 106 -12.99 1.65 -36.02
N VAL D 107 -12.69 2.93 -35.85
CA VAL D 107 -13.73 3.93 -35.72
C VAL D 107 -14.11 4.48 -37.09
N GLU D 108 -15.25 5.15 -37.14
CA GLU D 108 -15.77 5.78 -38.35
C GLU D 108 -16.27 7.16 -37.96
N VAL D 109 -15.95 8.16 -38.78
CA VAL D 109 -16.02 9.55 -38.36
C VAL D 109 -16.45 10.40 -39.55
N SER D 110 -16.84 11.64 -39.28
CA SER D 110 -17.16 12.61 -40.31
C SER D 110 -16.82 13.99 -39.79
N VAL D 111 -15.91 14.68 -40.47
CA VAL D 111 -15.51 16.02 -40.05
C VAL D 111 -16.66 17.00 -40.29
N ASP D 112 -17.17 17.57 -39.20
CA ASP D 112 -18.30 18.48 -39.33
C ASP D 112 -17.84 19.89 -39.70
N SER D 113 -17.06 20.53 -38.83
CA SER D 113 -16.59 21.88 -39.08
C SER D 113 -15.10 21.96 -38.74
N VAL D 114 -14.49 23.06 -39.14
CA VAL D 114 -13.07 23.31 -38.94
C VAL D 114 -12.91 24.71 -38.35
N HIS D 115 -12.22 24.80 -37.22
CA HIS D 115 -11.95 26.07 -36.55
C HIS D 115 -10.45 26.30 -36.52
N PRO D 116 -9.89 27.03 -37.49
CA PRO D 116 -8.45 27.27 -37.50
C PRO D 116 -8.06 28.32 -36.47
N GLY D 117 -6.98 28.03 -35.74
CA GLY D 117 -6.53 28.88 -34.68
C GLY D 117 -5.08 29.27 -34.83
N PRO D 118 -4.55 29.98 -33.83
CA PRO D 118 -3.15 30.44 -33.95
C PRO D 118 -2.13 29.33 -33.80
N VAL D 119 -2.32 28.42 -32.84
CA VAL D 119 -1.35 27.38 -32.56
C VAL D 119 -1.89 26.00 -32.93
N ILE D 120 -3.13 25.71 -32.56
CA ILE D 120 -3.76 24.45 -32.93
C ILE D 120 -4.96 24.72 -33.82
N THR D 121 -5.62 23.66 -34.27
CA THR D 121 -6.74 23.78 -35.20
C THR D 121 -7.80 22.77 -34.80
N ARG D 122 -8.89 23.25 -34.21
CA ARG D 122 -9.94 22.35 -33.75
C ARG D 122 -10.73 21.77 -34.91
N PHE D 123 -10.80 20.44 -34.96
CA PHE D 123 -11.65 19.73 -35.91
C PHE D 123 -12.82 19.15 -35.12
N GLU D 124 -13.96 19.84 -35.15
CA GLU D 124 -15.17 19.30 -34.55
C GLU D 124 -15.68 18.16 -35.41
N ILE D 125 -15.51 16.93 -34.95
CA ILE D 125 -15.91 15.75 -35.69
C ILE D 125 -17.15 15.15 -35.06
N GLN D 126 -18.05 14.65 -35.90
CA GLN D 126 -19.22 13.91 -35.46
C GLN D 126 -18.94 12.43 -35.61
N PRO D 127 -18.82 11.67 -34.53
CA PRO D 127 -18.57 10.23 -34.66
C PRO D 127 -19.82 9.51 -35.15
N ALA D 128 -19.60 8.34 -35.74
CA ALA D 128 -20.69 7.59 -36.33
C ALA D 128 -21.57 6.96 -35.25
N ALA D 129 -22.68 6.38 -35.70
CA ALA D 129 -23.63 5.75 -34.79
C ALA D 129 -23.02 4.48 -34.21
N GLY D 130 -22.92 4.45 -32.88
CA GLY D 130 -22.38 3.29 -32.19
C GLY D 130 -20.92 3.40 -31.80
N VAL D 131 -20.30 4.55 -32.01
CA VAL D 131 -18.90 4.74 -31.67
C VAL D 131 -18.83 5.56 -30.39
N LYS D 132 -18.20 5.01 -29.36
CA LYS D 132 -18.07 5.73 -28.12
C LYS D 132 -16.96 6.77 -28.22
N VAL D 133 -16.78 7.53 -27.13
CA VAL D 133 -15.73 8.53 -27.12
C VAL D 133 -14.40 7.92 -26.72
N SER D 134 -14.42 6.90 -25.85
CA SER D 134 -13.18 6.26 -25.43
C SER D 134 -12.48 5.54 -26.57
N ARG D 135 -13.23 5.12 -27.60
CA ARG D 135 -12.61 4.61 -28.81
C ARG D 135 -11.95 5.69 -29.65
N ILE D 136 -12.10 6.97 -29.30
CA ILE D 136 -11.35 8.05 -29.95
C ILE D 136 -10.25 8.47 -28.99
N SER D 137 -10.51 8.32 -27.69
CA SER D 137 -9.57 8.79 -26.69
C SER D 137 -8.36 7.88 -26.59
N ASN D 138 -8.57 6.56 -26.61
CA ASN D 138 -7.50 5.63 -26.30
C ASN D 138 -6.58 5.33 -27.47
N LEU D 139 -6.61 6.13 -28.55
CA LEU D 139 -5.66 5.89 -29.63
C LEU D 139 -5.04 7.21 -30.10
N ALA D 140 -5.04 8.24 -29.25
CA ALA D 140 -4.56 9.56 -29.64
C ALA D 140 -3.07 9.57 -29.95
N LYS D 141 -2.30 8.66 -29.36
CA LYS D 141 -0.89 8.48 -29.73
C LYS D 141 -0.75 8.11 -31.19
N ASP D 142 -1.54 7.15 -31.65
CA ASP D 142 -1.44 6.70 -33.03
C ASP D 142 -2.14 7.64 -33.99
N LEU D 143 -3.15 8.35 -33.52
CA LEU D 143 -3.78 9.36 -34.35
C LEU D 143 -2.84 10.54 -34.56
N ALA D 144 -1.98 10.84 -33.58
CA ALA D 144 -0.98 11.88 -33.76
C ALA D 144 0.20 11.36 -34.57
N ARG D 145 0.52 10.08 -34.44
CA ARG D 145 1.66 9.53 -35.17
C ARG D 145 1.35 9.39 -36.65
N SER D 146 0.14 8.95 -36.99
CA SER D 146 -0.19 8.74 -38.39
C SER D 146 -0.43 10.04 -39.15
N LEU D 147 -0.68 11.14 -38.45
CA LEU D 147 -0.86 12.44 -39.09
C LEU D 147 0.42 13.25 -39.18
N ALA D 148 1.56 12.65 -38.81
CA ALA D 148 2.87 13.29 -38.83
C ALA D 148 2.93 14.55 -37.96
N VAL D 149 2.25 14.52 -36.82
CA VAL D 149 2.34 15.61 -35.86
C VAL D 149 2.91 15.04 -34.57
N ILE D 150 3.12 15.90 -33.57
CA ILE D 150 3.77 15.47 -32.35
C ILE D 150 2.77 14.92 -31.32
N SER D 151 1.65 15.60 -31.11
CA SER D 151 0.67 15.15 -30.12
C SER D 151 -0.67 15.79 -30.44
N VAL D 152 -1.71 14.98 -30.45
CA VAL D 152 -3.05 15.44 -30.76
C VAL D 152 -3.86 15.38 -29.46
N ARG D 153 -4.89 16.20 -29.38
CA ARG D 153 -5.69 16.33 -28.16
C ARG D 153 -7.16 16.14 -28.50
N VAL D 154 -7.83 15.30 -27.72
CA VAL D 154 -9.22 14.93 -27.96
C VAL D 154 -10.07 15.54 -26.87
N VAL D 155 -10.80 16.60 -27.21
CA VAL D 155 -11.80 17.15 -26.29
C VAL D 155 -12.98 16.19 -26.29
N GLU D 156 -13.26 15.58 -25.15
CA GLU D 156 -14.28 14.53 -25.13
C GLU D 156 -15.69 15.06 -25.18
N VAL D 157 -15.91 16.34 -24.87
CA VAL D 157 -17.26 16.90 -24.92
C VAL D 157 -17.16 18.40 -25.19
N ILE D 158 -17.93 18.85 -26.17
CA ILE D 158 -18.10 20.28 -26.46
C ILE D 158 -19.44 20.72 -25.88
N PRO D 159 -19.48 21.77 -25.06
CA PRO D 159 -20.74 22.19 -24.44
C PRO D 159 -21.69 22.79 -25.47
N GLY D 160 -22.82 22.11 -25.68
CA GLY D 160 -23.84 22.63 -26.56
C GLY D 160 -24.14 21.80 -27.78
N LYS D 161 -23.11 21.26 -28.42
CA LYS D 161 -23.29 20.45 -29.61
C LYS D 161 -23.02 18.99 -29.31
N THR D 162 -23.15 18.16 -30.33
CA THR D 162 -23.03 16.71 -30.20
C THR D 162 -21.74 16.18 -30.79
N THR D 163 -20.70 16.99 -30.85
CA THR D 163 -19.48 16.64 -31.57
C THR D 163 -18.31 16.52 -30.62
N VAL D 164 -17.46 15.54 -30.87
CA VAL D 164 -16.18 15.38 -30.18
C VAL D 164 -15.17 16.28 -30.87
N GLY D 165 -14.37 17.00 -30.08
CA GLY D 165 -13.40 17.93 -30.62
C GLY D 165 -12.00 17.33 -30.64
N ILE D 166 -11.38 17.36 -31.83
CA ILE D 166 -10.01 16.93 -32.02
C ILE D 166 -9.19 18.13 -32.47
N GLU D 167 -8.14 18.45 -31.72
CA GLU D 167 -7.34 19.65 -31.94
C GLU D 167 -5.94 19.24 -32.38
N ILE D 168 -5.54 19.67 -33.57
CA ILE D 168 -4.30 19.26 -34.20
C ILE D 168 -3.37 20.48 -34.27
N PRO D 169 -2.10 20.35 -33.91
CA PRO D 169 -1.16 21.46 -34.10
C PRO D 169 -0.90 21.76 -35.57
N ASN D 170 -0.42 22.96 -35.83
CA ASN D 170 -0.10 23.38 -37.19
C ASN D 170 1.33 22.98 -37.53
N GLU D 171 1.83 23.47 -38.66
CA GLU D 171 3.24 23.35 -38.99
C GLU D 171 4.00 24.60 -38.53
N ASP D 172 3.59 25.77 -39.01
CA ASP D 172 4.18 27.03 -38.63
C ASP D 172 3.39 27.62 -37.46
N ARG D 173 3.99 27.57 -36.27
CA ARG D 173 3.38 28.11 -35.07
C ARG D 173 3.31 29.63 -35.15
N GLN D 174 2.12 30.15 -35.34
CA GLN D 174 1.90 31.59 -35.28
C GLN D 174 2.03 32.02 -33.83
N MET D 175 3.15 32.65 -33.49
CA MET D 175 3.46 32.95 -32.10
C MET D 175 2.60 34.09 -31.57
N VAL D 176 2.01 33.87 -30.40
CA VAL D 176 1.18 34.88 -29.76
C VAL D 176 2.07 35.95 -29.15
N ARG D 177 1.79 37.21 -29.47
CA ARG D 177 2.55 38.32 -28.94
C ARG D 177 1.75 39.05 -27.86
N PHE D 178 2.47 39.57 -26.87
CA PHE D 178 1.85 40.08 -25.64
C PHE D 178 1.18 41.42 -25.85
N SER D 179 1.71 42.24 -26.76
CA SER D 179 1.08 43.52 -27.07
C SER D 179 -0.21 43.31 -27.84
N GLU D 180 -0.31 42.20 -28.57
CA GLU D 180 -1.57 41.84 -29.21
C GLU D 180 -2.60 41.37 -28.20
N VAL D 181 -2.16 40.96 -27.01
CA VAL D 181 -3.08 40.57 -25.95
C VAL D 181 -3.52 41.80 -25.16
N LEU D 182 -2.59 42.71 -24.85
CA LEU D 182 -2.96 43.88 -24.05
C LEU D 182 -3.77 44.90 -24.83
N SER D 183 -3.77 44.84 -26.17
CA SER D 183 -4.53 45.77 -26.99
C SER D 183 -5.98 45.35 -27.17
N SER D 184 -6.47 44.45 -26.33
CA SER D 184 -7.82 43.94 -26.44
C SER D 184 -8.83 44.97 -25.95
N PRO D 185 -10.10 44.83 -26.33
CA PRO D 185 -11.15 45.59 -25.63
C PRO D 185 -11.36 45.14 -24.20
N GLU D 186 -11.03 43.89 -23.87
CA GLU D 186 -11.26 43.38 -22.53
C GLU D 186 -10.29 43.99 -21.53
N TYR D 187 -8.99 44.00 -21.88
CA TYR D 187 -7.98 44.41 -20.91
C TYR D 187 -8.02 45.91 -20.67
N ASP D 188 -8.21 46.71 -21.72
CA ASP D 188 -8.15 48.14 -21.57
C ASP D 188 -9.43 48.69 -20.92
N GLU D 189 -10.50 47.91 -20.92
CA GLU D 189 -11.73 48.28 -20.22
C GLU D 189 -11.94 47.44 -18.96
N HIS D 190 -10.89 46.83 -18.44
CA HIS D 190 -11.03 45.96 -17.27
C HIS D 190 -10.99 46.84 -16.02
N LYS D 191 -12.08 46.78 -15.25
CA LYS D 191 -12.27 47.73 -14.15
C LYS D 191 -11.36 47.43 -12.97
N SER D 192 -10.95 46.17 -12.80
CA SER D 192 -10.22 45.76 -11.61
C SER D 192 -8.79 46.31 -11.62
N THR D 193 -8.11 46.11 -10.51
CA THR D 193 -6.75 46.62 -10.33
C THR D 193 -5.69 45.54 -10.36
N VAL D 194 -6.07 44.26 -10.36
CA VAL D 194 -5.13 43.17 -10.57
C VAL D 194 -5.65 42.22 -11.65
N PRO D 195 -5.53 42.56 -12.93
CA PRO D 195 -5.92 41.62 -13.99
C PRO D 195 -4.76 40.72 -14.35
N LEU D 196 -5.06 39.68 -15.12
CA LEU D 196 -4.06 38.78 -15.66
C LEU D 196 -4.35 38.56 -17.13
N ALA D 197 -3.43 39.01 -17.98
CA ALA D 197 -3.47 38.65 -19.39
C ALA D 197 -2.67 37.38 -19.58
N LEU D 198 -3.31 36.33 -20.09
CA LEU D 198 -2.68 35.04 -20.26
C LEU D 198 -2.32 34.75 -21.69
N GLY D 199 -3.22 35.04 -22.62
CA GLY D 199 -2.98 34.79 -24.03
C GLY D 199 -4.28 34.51 -24.72
N HIS D 200 -4.17 34.10 -25.99
CA HIS D 200 -5.36 33.77 -26.74
C HIS D 200 -5.83 32.37 -26.41
N ASP D 201 -7.09 32.10 -26.72
CA ASP D 201 -7.64 30.77 -26.61
C ASP D 201 -7.42 30.03 -27.93
N ILE D 202 -8.13 28.92 -28.14
CA ILE D 202 -7.95 28.11 -29.34
C ILE D 202 -8.42 28.80 -30.61
N GLY D 203 -9.24 29.84 -30.48
CA GLY D 203 -9.75 30.57 -31.63
C GLY D 203 -9.10 31.89 -31.92
N GLY D 204 -8.18 32.35 -31.06
CA GLY D 204 -7.50 33.61 -31.26
C GLY D 204 -8.04 34.77 -30.47
N ARG D 205 -9.02 34.54 -29.61
CA ARG D 205 -9.60 35.60 -28.77
C ARG D 205 -8.84 35.67 -27.46
N PRO D 206 -8.52 36.86 -26.95
CA PRO D 206 -7.73 36.95 -25.73
C PRO D 206 -8.56 36.62 -24.50
N ILE D 207 -7.90 36.03 -23.51
CA ILE D 207 -8.52 35.65 -22.25
C ILE D 207 -7.83 36.41 -21.14
N ILE D 208 -8.54 37.37 -20.54
CA ILE D 208 -8.05 38.14 -19.41
C ILE D 208 -9.07 37.96 -18.29
N THR D 209 -8.67 37.26 -17.24
CA THR D 209 -9.54 37.00 -16.11
C THR D 209 -8.98 37.66 -14.86
N ASP D 210 -9.88 38.04 -13.97
CA ASP D 210 -9.53 38.85 -12.82
C ASP D 210 -8.86 37.99 -11.75
N LEU D 211 -7.69 38.43 -11.30
CA LEU D 211 -6.99 37.71 -10.25
C LEU D 211 -7.59 37.97 -8.88
N ALA D 212 -8.39 39.02 -8.73
CA ALA D 212 -9.15 39.25 -7.51
C ALA D 212 -10.42 38.42 -7.44
N LYS D 213 -10.69 37.58 -8.45
CA LYS D 213 -11.84 36.70 -8.45
C LYS D 213 -11.47 35.23 -8.51
N MET D 214 -10.17 34.91 -8.52
CA MET D 214 -9.76 33.51 -8.58
C MET D 214 -9.89 32.78 -7.24
N PRO D 215 -9.43 33.33 -6.10
CA PRO D 215 -8.59 34.46 -5.69
C PRO D 215 -7.16 34.04 -5.41
N HIS D 216 -6.76 32.89 -5.94
CA HIS D 216 -5.39 32.39 -5.81
C HIS D 216 -5.07 31.68 -7.12
N LEU D 217 -3.83 31.19 -7.24
CA LEU D 217 -3.44 30.62 -8.53
C LEU D 217 -2.32 29.60 -8.36
N LEU D 218 -2.59 28.37 -8.78
CA LEU D 218 -1.56 27.37 -8.91
C LEU D 218 -1.03 27.35 -10.34
N VAL D 219 0.28 27.17 -10.48
CA VAL D 219 0.94 27.10 -11.78
C VAL D 219 1.90 25.92 -11.73
N ALA D 220 1.79 25.00 -12.67
CA ALA D 220 2.72 23.88 -12.68
C ALA D 220 2.98 23.46 -14.12
N GLY D 221 3.82 22.45 -14.27
CA GLY D 221 4.25 21.96 -15.56
C GLY D 221 5.75 21.77 -15.46
N THR D 222 6.26 20.78 -16.18
CA THR D 222 7.67 20.44 -16.10
C THR D 222 8.52 21.49 -16.80
N THR D 223 9.83 21.28 -16.74
CA THR D 223 10.77 22.30 -17.19
C THR D 223 10.75 22.46 -18.70
N GLY D 224 11.02 23.67 -19.16
CA GLY D 224 10.97 23.98 -20.57
C GLY D 224 9.60 24.01 -21.16
N SER D 225 8.55 24.13 -20.35
CA SER D 225 7.17 24.16 -20.82
C SER D 225 6.57 25.55 -20.71
N GLY D 226 7.38 26.59 -20.58
CA GLY D 226 6.88 27.95 -20.64
C GLY D 226 6.17 28.41 -19.39
N LYS D 227 6.90 28.53 -18.30
CA LYS D 227 6.29 28.81 -17.01
C LYS D 227 6.82 30.07 -16.35
N SER D 228 8.13 30.30 -16.39
CA SER D 228 8.68 31.56 -15.93
C SER D 228 8.23 32.72 -16.81
N VAL D 229 8.08 32.46 -18.11
CA VAL D 229 7.49 33.43 -19.03
C VAL D 229 6.03 33.69 -18.68
N GLY D 230 5.33 32.66 -18.20
CA GLY D 230 3.96 32.85 -17.75
C GLY D 230 3.86 33.73 -16.52
N VAL D 231 4.73 33.50 -15.53
CA VAL D 231 4.72 34.31 -14.32
C VAL D 231 5.15 35.74 -14.64
N ASN D 232 6.07 35.92 -15.58
CA ASN D 232 6.46 37.25 -16.01
C ASN D 232 5.34 37.96 -16.75
N ALA D 233 4.54 37.21 -17.53
CA ALA D 233 3.39 37.80 -18.21
C ALA D 233 2.33 38.23 -17.20
N MET D 234 2.16 37.44 -16.13
CA MET D 234 1.22 37.83 -15.08
C MET D 234 1.69 39.08 -14.34
N LEU D 235 2.99 39.16 -14.06
CA LEU D 235 3.51 40.33 -13.36
C LEU D 235 3.45 41.58 -14.22
N LEU D 236 3.71 41.45 -15.52
CA LEU D 236 3.52 42.59 -16.41
C LEU D 236 2.05 42.95 -16.57
N SER D 237 1.16 41.98 -16.47
CA SER D 237 -0.28 42.28 -16.49
C SER D 237 -0.67 43.07 -15.26
N ILE D 238 -0.02 42.80 -14.12
CA ILE D 238 -0.21 43.65 -12.95
C ILE D 238 0.35 45.05 -13.21
N LEU D 239 1.58 45.12 -13.72
CA LEU D 239 2.34 46.37 -13.77
C LEU D 239 1.87 47.37 -14.83
N PHE D 240 1.07 46.96 -15.82
CA PHE D 240 0.59 47.90 -16.82
C PHE D 240 -0.68 48.63 -16.42
N LYS D 241 -1.21 48.41 -15.24
CA LYS D 241 -2.47 49.08 -14.98
C LYS D 241 -2.50 49.86 -13.67
N SER D 242 -1.83 49.37 -12.63
CA SER D 242 -2.06 49.89 -11.28
C SER D 242 -0.85 50.65 -10.77
N THR D 243 -1.13 51.79 -10.15
CA THR D 243 -0.13 52.55 -9.40
C THR D 243 0.28 51.78 -8.16
N PRO D 244 1.47 52.06 -7.60
CA PRO D 244 1.87 51.39 -6.35
C PRO D 244 1.01 51.73 -5.14
N SER D 245 0.14 52.74 -5.23
CA SER D 245 -0.76 53.02 -4.12
C SER D 245 -1.89 52.01 -4.03
N GLU D 246 -2.35 51.48 -5.17
CA GLU D 246 -3.51 50.60 -5.16
C GLU D 246 -3.18 49.12 -5.32
N ALA D 247 -2.04 48.78 -5.91
CA ALA D 247 -1.57 47.41 -5.94
C ALA D 247 -0.11 47.39 -5.52
N ARG D 248 0.34 46.23 -5.07
CA ARG D 248 1.65 46.14 -4.43
C ARG D 248 2.07 44.68 -4.39
N LEU D 249 3.32 44.40 -4.77
CA LEU D 249 3.78 43.04 -4.96
C LEU D 249 4.74 42.62 -3.86
N ILE D 250 4.81 41.31 -3.62
CA ILE D 250 5.83 40.70 -2.78
C ILE D 250 6.37 39.50 -3.55
N MET D 251 7.67 39.49 -3.80
CA MET D 251 8.28 38.47 -4.66
C MET D 251 9.17 37.57 -3.84
N ILE D 252 8.89 36.28 -3.87
CA ILE D 252 9.70 35.25 -3.24
C ILE D 252 10.32 34.42 -4.36
N ASP D 253 11.65 34.48 -4.47
CA ASP D 253 12.38 33.83 -5.56
C ASP D 253 13.45 32.92 -4.96
N PRO D 254 13.15 31.64 -4.79
CA PRO D 254 14.17 30.71 -4.27
C PRO D 254 15.31 30.46 -5.24
N LYS D 255 15.01 30.23 -6.51
CA LYS D 255 16.03 30.12 -7.55
C LYS D 255 16.25 31.52 -8.12
N MET D 256 17.23 32.24 -7.57
CA MET D 256 17.40 33.64 -7.93
C MET D 256 17.96 33.79 -9.33
N LEU D 257 17.14 33.51 -10.33
CA LEU D 257 17.53 33.65 -11.73
C LEU D 257 16.61 34.59 -12.49
N GLU D 258 15.29 34.44 -12.34
CA GLU D 258 14.33 35.18 -13.14
C GLU D 258 13.75 36.39 -12.44
N LEU D 259 13.28 36.24 -11.20
CA LEU D 259 12.58 37.34 -10.55
C LEU D 259 13.50 38.38 -9.93
N SER D 260 14.82 38.25 -10.10
CA SER D 260 15.72 39.34 -9.75
C SER D 260 15.72 40.45 -10.77
N ILE D 261 14.99 40.31 -11.87
CA ILE D 261 14.92 41.34 -12.89
C ILE D 261 14.02 42.49 -12.44
N TYR D 262 13.19 42.28 -11.42
CA TYR D 262 12.32 43.32 -10.87
C TYR D 262 12.95 44.05 -9.70
N GLU D 263 14.29 44.01 -9.58
CA GLU D 263 14.98 44.51 -8.41
C GLU D 263 14.88 46.03 -8.35
N GLY D 264 14.07 46.53 -7.43
CA GLY D 264 13.95 47.95 -7.22
C GLY D 264 12.76 48.60 -7.89
N ILE D 265 11.76 47.84 -8.30
CA ILE D 265 10.55 48.42 -8.86
C ILE D 265 9.74 49.02 -7.71
N PRO D 266 8.94 50.07 -7.95
CA PRO D 266 8.21 50.69 -6.82
C PRO D 266 6.98 49.95 -6.38
N HIS D 267 6.61 48.84 -7.03
CA HIS D 267 5.48 48.05 -6.60
C HIS D 267 5.86 46.96 -5.61
N LEU D 268 6.99 47.08 -4.92
CA LEU D 268 7.40 46.07 -3.96
C LEU D 268 7.21 46.53 -2.53
N LEU D 269 7.35 45.58 -1.62
CA LEU D 269 7.46 45.82 -0.18
C LEU D 269 8.78 45.38 0.40
N CYS D 270 9.27 44.22 0.00
CA CYS D 270 10.52 43.67 0.49
C CYS D 270 11.54 43.62 -0.64
N PRO D 271 12.83 43.47 -0.33
CA PRO D 271 13.77 42.99 -1.34
C PRO D 271 13.33 41.62 -1.83
N VAL D 272 13.58 41.36 -3.11
CA VAL D 272 13.13 40.15 -3.79
C VAL D 272 13.78 38.94 -3.12
N VAL D 273 12.95 38.14 -2.45
CA VAL D 273 13.43 37.25 -1.39
C VAL D 273 14.18 36.09 -2.00
N THR D 274 15.48 36.04 -1.76
CA THR D 274 16.31 34.94 -2.19
C THR D 274 16.45 33.88 -1.10
N ASP D 275 16.52 34.29 0.16
CA ASP D 275 16.67 33.36 1.27
C ASP D 275 15.34 32.66 1.57
N MET D 276 15.34 31.86 2.63
CA MET D 276 14.20 31.01 2.93
C MET D 276 13.53 31.37 4.25
N LYS D 277 14.32 31.57 5.31
CA LYS D 277 13.76 32.07 6.55
C LYS D 277 13.32 33.52 6.40
N GLU D 278 13.96 34.25 5.48
CA GLU D 278 13.49 35.57 5.09
C GLU D 278 12.11 35.48 4.45
N ALA D 279 11.87 34.43 3.66
CA ALA D 279 10.54 34.20 3.10
C ALA D 279 9.54 33.77 4.17
N ALA D 280 10.00 33.06 5.19
CA ALA D 280 9.13 32.70 6.31
C ALA D 280 8.70 33.93 7.08
N ASN D 281 9.62 34.89 7.30
CA ASN D 281 9.26 36.16 7.91
C ASN D 281 8.30 36.94 7.03
N ALA D 282 8.47 36.85 5.70
CA ALA D 282 7.54 37.49 4.78
C ALA D 282 6.13 36.93 4.89
N LEU D 283 6.01 35.61 4.98
CA LEU D 283 4.69 35.00 5.11
C LEU D 283 4.06 35.28 6.47
N ARG D 284 4.88 35.34 7.54
CA ARG D 284 4.32 35.71 8.84
C ARG D 284 3.85 37.15 8.85
N TRP D 285 4.56 38.04 8.15
CA TRP D 285 4.08 39.41 7.98
C TRP D 285 2.79 39.45 7.18
N SER D 286 2.65 38.55 6.20
CA SER D 286 1.42 38.51 5.42
C SER D 286 0.24 38.05 6.26
N VAL D 287 0.45 37.07 7.14
CA VAL D 287 -0.60 36.62 8.06
C VAL D 287 -0.98 37.75 9.01
N ALA D 288 0.02 38.47 9.54
CA ALA D 288 -0.25 39.58 10.45
C ALA D 288 -0.96 40.73 9.73
N GLU D 289 -0.64 40.95 8.46
CA GLU D 289 -1.30 41.98 7.69
C GLU D 289 -2.74 41.63 7.40
N MET D 290 -3.00 40.35 7.12
CA MET D 290 -4.39 39.88 6.92
C MET D 290 -5.21 40.06 8.21
N GLU D 291 -4.61 39.70 9.35
CA GLU D 291 -5.31 39.84 10.62
C GLU D 291 -5.59 41.30 10.96
N ARG D 292 -4.61 42.19 10.77
CA ARG D 292 -4.86 43.59 11.11
C ARG D 292 -5.80 44.25 10.10
N ARG D 293 -5.83 43.78 8.85
CA ARG D 293 -6.80 44.34 7.92
C ARG D 293 -8.22 43.87 8.22
N TYR D 294 -8.40 42.63 8.68
CA TYR D 294 -9.74 42.22 9.10
C TYR D 294 -10.18 42.95 10.36
N ARG D 295 -9.25 43.18 11.30
CA ARG D 295 -9.61 44.01 12.46
C ARG D 295 -9.94 45.44 12.05
N LEU D 296 -9.24 45.98 11.05
CA LEU D 296 -9.51 47.35 10.63
C LEU D 296 -10.83 47.46 9.87
N MET D 297 -11.16 46.43 9.07
CA MET D 297 -12.44 46.45 8.38
C MET D 297 -13.60 46.16 9.32
N ALA D 298 -13.35 45.43 10.40
CA ALA D 298 -14.38 45.27 11.41
C ALA D 298 -14.54 46.54 12.24
N ALA D 299 -13.47 47.32 12.40
CA ALA D 299 -13.58 48.62 13.05
C ALA D 299 -14.34 49.61 12.18
N MET D 300 -14.06 49.61 10.87
CA MET D 300 -14.76 50.51 9.97
C MET D 300 -16.19 50.02 9.71
N GLY D 301 -16.39 48.72 9.55
CA GLY D 301 -17.70 48.17 9.37
C GLY D 301 -18.10 47.88 7.94
N VAL D 302 -17.14 47.50 7.09
CA VAL D 302 -17.39 47.11 5.71
C VAL D 302 -16.66 45.79 5.47
N ARG D 303 -17.31 44.87 4.73
CA ARG D 303 -16.81 43.51 4.52
C ARG D 303 -15.44 43.42 3.87
N ASN D 304 -15.33 43.83 2.61
CA ASN D 304 -14.14 43.56 1.82
C ASN D 304 -13.35 44.84 1.56
N LEU D 305 -12.32 44.73 0.74
CA LEU D 305 -11.41 45.85 0.54
C LEU D 305 -11.99 46.92 -0.36
N ALA D 306 -12.81 46.53 -1.35
CA ALA D 306 -13.32 47.49 -2.32
C ALA D 306 -14.29 48.48 -1.67
N GLY D 307 -15.18 47.99 -0.80
CA GLY D 307 -16.05 48.87 -0.08
C GLY D 307 -15.32 49.75 0.92
N PHE D 308 -14.23 49.23 1.49
CA PHE D 308 -13.39 50.05 2.37
C PHE D 308 -12.69 51.16 1.61
N ASN D 309 -12.25 50.88 0.38
CA ASN D 309 -11.65 51.95 -0.41
C ASN D 309 -12.71 52.94 -0.90
N ARG D 310 -13.95 52.48 -1.09
CA ARG D 310 -15.03 53.40 -1.37
C ARG D 310 -15.33 54.32 -0.18
N LYS D 311 -15.28 53.77 1.04
CA LYS D 311 -15.48 54.58 2.23
C LYS D 311 -14.34 55.58 2.43
N VAL D 312 -13.09 55.17 2.22
CA VAL D 312 -11.98 56.10 2.38
C VAL D 312 -11.89 57.07 1.21
N LYS D 313 -12.55 56.78 0.09
CA LYS D 313 -12.72 57.77 -0.96
C LYS D 313 -13.76 58.82 -0.56
N ASP D 314 -14.91 58.35 -0.06
CA ASP D 314 -16.00 59.26 0.29
C ASP D 314 -15.66 60.12 1.51
N ALA D 315 -14.78 59.64 2.38
CA ALA D 315 -14.33 60.47 3.49
C ALA D 315 -13.43 61.59 3.02
N GLU D 316 -12.55 61.32 2.05
CA GLU D 316 -11.67 62.34 1.52
C GLU D 316 -12.38 63.31 0.59
N GLU D 317 -13.50 62.89 -0.01
CA GLU D 317 -14.28 63.83 -0.81
C GLU D 317 -15.05 64.79 0.08
N ALA D 318 -15.85 64.26 1.00
CA ALA D 318 -16.82 65.06 1.77
C ALA D 318 -16.12 65.81 2.91
N GLY D 319 -15.33 66.81 2.52
CA GLY D 319 -14.78 67.76 3.46
C GLY D 319 -13.65 67.25 4.33
N THR D 320 -13.97 66.35 5.26
CA THR D 320 -13.03 65.90 6.27
C THR D 320 -12.84 64.40 6.19
N PRO D 321 -11.61 63.91 6.08
CA PRO D 321 -11.39 62.46 6.05
C PRO D 321 -11.58 61.84 7.43
N LEU D 322 -11.75 60.52 7.42
CA LEU D 322 -11.79 59.76 8.66
C LEU D 322 -10.37 59.45 9.09
N THR D 323 -10.03 59.78 10.33
CA THR D 323 -8.70 59.50 10.84
C THR D 323 -8.57 58.02 11.20
N ASP D 324 -7.34 57.62 11.54
CA ASP D 324 -6.97 56.24 11.82
C ASP D 324 -7.70 55.73 13.07
N PRO D 325 -8.56 54.71 12.93
CA PRO D 325 -9.24 54.15 14.10
C PRO D 325 -8.37 53.13 14.82
N LEU D 326 -8.94 52.46 15.81
CA LEU D 326 -8.23 51.47 16.60
C LEU D 326 -7.89 50.23 15.78
N LEU D 339 -5.46 56.95 7.80
CA LEU D 339 -6.09 56.11 6.77
C LEU D 339 -5.75 56.58 5.38
N SER D 340 -5.83 55.65 4.43
CA SER D 340 -5.63 55.95 3.01
C SER D 340 -6.35 54.86 2.22
N THR D 341 -6.12 54.83 0.91
CA THR D 341 -6.55 53.71 0.09
C THR D 341 -5.54 52.59 0.28
N LEU D 342 -5.96 51.46 0.88
CA LEU D 342 -5.00 50.39 1.09
C LEU D 342 -4.71 49.67 -0.22
N PRO D 343 -3.48 49.22 -0.42
CA PRO D 343 -3.13 48.52 -1.66
C PRO D 343 -3.57 47.06 -1.63
N THR D 344 -3.76 46.52 -2.82
CA THR D 344 -4.06 45.10 -3.00
C THR D 344 -2.74 44.35 -3.07
N ILE D 345 -2.37 43.69 -1.97
CA ILE D 345 -1.11 42.96 -1.92
C ILE D 345 -1.23 41.71 -2.79
N VAL D 346 -0.22 41.49 -3.62
CA VAL D 346 -0.12 40.27 -4.41
C VAL D 346 1.21 39.60 -4.07
N VAL D 347 1.13 38.42 -3.45
CA VAL D 347 2.32 37.70 -3.01
C VAL D 347 2.60 36.60 -4.02
N VAL D 348 3.64 36.74 -4.80
CA VAL D 348 3.97 35.76 -5.82
C VAL D 348 5.08 34.87 -5.28
N VAL D 349 5.11 33.63 -5.76
CA VAL D 349 6.14 32.66 -5.40
C VAL D 349 6.63 32.01 -6.69
N ASP D 350 7.95 32.01 -6.90
CA ASP D 350 8.49 31.39 -8.10
C ASP D 350 8.49 29.87 -8.01
N GLU D 351 8.87 29.33 -6.85
CA GLU D 351 8.92 27.87 -6.72
C GLU D 351 8.65 27.52 -5.25
N PHE D 352 7.39 27.24 -4.93
CA PHE D 352 7.09 26.89 -3.55
C PHE D 352 7.44 25.44 -3.24
N ALA D 353 7.75 24.65 -4.28
CA ALA D 353 8.38 23.36 -4.06
C ALA D 353 9.68 23.51 -3.28
N ASP D 354 10.50 24.51 -3.63
CA ASP D 354 11.73 24.76 -2.91
C ASP D 354 11.47 25.25 -1.49
N MET D 355 10.36 25.96 -1.27
CA MET D 355 10.05 26.42 0.08
C MET D 355 9.65 25.26 0.98
N MET D 356 8.83 24.34 0.49
CA MET D 356 8.54 23.15 1.29
C MET D 356 9.61 22.06 1.15
N MET D 357 10.69 22.33 0.43
CA MET D 357 11.91 21.57 0.58
C MET D 357 12.77 22.07 1.73
N ILE D 358 13.05 23.37 1.76
CA ILE D 358 14.02 23.90 2.71
C ILE D 358 13.38 24.19 4.07
N VAL D 359 12.30 24.98 4.11
CA VAL D 359 11.80 25.45 5.40
C VAL D 359 11.01 24.36 6.11
N GLY D 360 9.91 23.91 5.49
CA GLY D 360 9.17 22.80 6.07
C GLY D 360 7.67 22.98 6.17
N LYS D 361 7.11 22.37 7.22
CA LYS D 361 5.66 22.25 7.36
C LYS D 361 5.00 23.59 7.68
N LYS D 362 5.74 24.49 8.32
CA LYS D 362 5.16 25.76 8.74
C LYS D 362 4.84 26.65 7.54
N VAL D 363 5.60 26.51 6.44
CA VAL D 363 5.24 27.21 5.20
C VAL D 363 3.92 26.68 4.65
N GLU D 364 3.70 25.37 4.73
CA GLU D 364 2.43 24.81 4.30
C GLU D 364 1.28 25.31 5.14
N GLU D 365 1.49 25.44 6.45
CA GLU D 365 0.43 25.94 7.33
C GLU D 365 0.15 27.42 7.10
N LEU D 366 1.20 28.21 6.83
CA LEU D 366 1.00 29.64 6.59
C LEU D 366 0.34 29.89 5.24
N ILE D 367 0.71 29.14 4.21
CA ILE D 367 0.04 29.26 2.92
C ILE D 367 -1.41 28.80 3.03
N ALA D 368 -1.65 27.77 3.84
CA ALA D 368 -3.02 27.31 4.08
C ALA D 368 -3.86 28.38 4.76
N ARG D 369 -3.35 29.00 5.80
CA ARG D 369 -4.14 30.01 6.51
C ARG D 369 -4.08 31.39 5.88
N ILE D 370 -3.26 31.60 4.84
CA ILE D 370 -3.43 32.78 4.01
C ILE D 370 -4.52 32.54 2.97
N ALA D 371 -4.43 31.43 2.23
CA ALA D 371 -5.43 31.15 1.21
C ALA D 371 -6.78 30.76 1.78
N GLN D 372 -6.86 30.50 3.08
CA GLN D 372 -8.13 30.22 3.73
C GLN D 372 -9.00 31.46 3.84
N LYS D 373 -8.41 32.63 3.98
CA LYS D 373 -9.16 33.80 4.44
C LYS D 373 -8.96 35.07 3.63
N ALA D 374 -7.86 35.21 2.90
CA ALA D 374 -7.42 36.50 2.38
C ALA D 374 -8.12 36.91 1.08
N ARG D 375 -9.29 36.35 0.75
CA ARG D 375 -9.99 36.81 -0.44
C ARG D 375 -10.55 38.22 -0.23
N ALA D 376 -11.21 38.45 0.90
CA ALA D 376 -11.80 39.76 1.16
C ALA D 376 -10.79 40.78 1.63
N ALA D 377 -9.59 40.36 2.02
CA ALA D 377 -8.59 41.27 2.54
C ALA D 377 -7.68 41.85 1.46
N GLY D 378 -7.72 41.32 0.25
CA GLY D 378 -6.88 41.85 -0.80
C GLY D 378 -5.46 41.31 -0.81
N ILE D 379 -5.27 40.07 -0.40
CA ILE D 379 -3.97 39.41 -0.44
C ILE D 379 -4.12 38.13 -1.24
N HIS D 380 -3.31 37.98 -2.29
CA HIS D 380 -3.48 36.93 -3.26
C HIS D 380 -2.16 36.21 -3.48
N LEU D 381 -2.24 35.00 -4.04
CA LEU D 381 -1.08 34.16 -4.26
C LEU D 381 -0.95 33.74 -5.72
N ILE D 382 0.27 33.77 -6.21
CA ILE D 382 0.63 33.16 -7.49
C ILE D 382 1.65 32.07 -7.15
N LEU D 383 1.18 30.85 -6.94
CA LEU D 383 2.05 29.74 -6.59
C LEU D 383 2.47 29.01 -7.85
N ALA D 384 3.76 29.03 -8.16
CA ALA D 384 4.30 28.29 -9.29
C ALA D 384 5.20 27.18 -8.80
N THR D 385 5.25 26.09 -9.56
CA THR D 385 6.07 24.95 -9.18
C THR D 385 6.45 24.14 -10.40
N GLN D 386 7.47 23.30 -10.25
CA GLN D 386 7.92 22.41 -11.30
C GLN D 386 7.57 20.95 -11.05
N ARG D 387 7.08 20.61 -9.86
CA ARG D 387 6.74 19.23 -9.53
C ARG D 387 5.27 19.15 -9.21
N PRO D 388 4.43 18.79 -10.18
CA PRO D 388 3.00 18.53 -9.90
C PRO D 388 2.79 17.21 -9.19
N SER D 389 3.25 17.12 -7.95
CA SER D 389 3.26 15.88 -7.21
C SER D 389 2.57 16.07 -5.88
N VAL D 390 2.24 14.95 -5.22
CA VAL D 390 1.53 15.00 -3.96
C VAL D 390 2.46 15.50 -2.85
N ASP D 391 3.77 15.33 -3.04
CA ASP D 391 4.75 15.88 -2.10
C ASP D 391 4.69 17.41 -2.07
N VAL D 392 4.69 18.02 -3.25
CA VAL D 392 4.65 19.48 -3.32
C VAL D 392 3.22 19.97 -3.15
N ILE D 393 2.34 19.58 -4.06
CA ILE D 393 0.93 19.97 -4.00
C ILE D 393 0.25 19.01 -3.04
N THR D 394 -0.01 19.46 -1.83
CA THR D 394 -0.67 18.65 -0.82
C THR D 394 -2.18 18.84 -0.93
N GLY D 395 -2.94 18.24 -0.02
CA GLY D 395 -4.37 18.48 0.01
C GLY D 395 -4.75 19.83 0.55
N LEU D 396 -3.94 20.36 1.48
CA LEU D 396 -4.22 21.65 2.08
C LEU D 396 -4.09 22.78 1.06
N ILE D 397 -3.12 22.64 0.14
CA ILE D 397 -2.97 23.63 -0.92
C ILE D 397 -4.15 23.54 -1.89
N LYS D 398 -4.62 22.32 -2.17
CA LYS D 398 -5.73 22.15 -3.09
C LYS D 398 -7.06 22.60 -2.51
N ALA D 399 -7.19 22.61 -1.19
CA ALA D 399 -8.49 22.88 -0.58
C ALA D 399 -8.90 24.33 -0.73
N ASN D 400 -7.96 25.26 -0.58
CA ASN D 400 -8.29 26.67 -0.60
C ASN D 400 -8.05 27.34 -1.94
N ILE D 401 -7.35 26.68 -2.87
CA ILE D 401 -6.97 27.31 -4.13
C ILE D 401 -7.72 26.62 -5.26
N PRO D 402 -8.78 27.22 -5.78
CA PRO D 402 -9.58 26.53 -6.80
C PRO D 402 -9.07 26.70 -8.22
N THR D 403 -8.35 27.79 -8.50
CA THR D 403 -7.96 28.14 -9.87
C THR D 403 -6.58 27.59 -10.17
N ARG D 404 -6.46 26.83 -11.25
CA ARG D 404 -5.22 26.16 -11.60
C ARG D 404 -4.77 26.58 -12.99
N ILE D 405 -3.45 26.54 -13.19
CA ILE D 405 -2.84 26.68 -14.51
C ILE D 405 -1.93 25.48 -14.72
N ALA D 406 -2.22 24.69 -15.74
CA ALA D 406 -1.43 23.51 -16.04
C ALA D 406 -0.79 23.68 -17.40
N PHE D 407 0.53 23.72 -17.43
CA PHE D 407 1.29 23.68 -18.67
C PHE D 407 1.54 22.20 -19.02
N GLN D 408 2.47 21.94 -19.92
CA GLN D 408 2.79 20.56 -20.27
C GLN D 408 3.44 19.84 -19.08
N VAL D 409 2.86 18.70 -18.70
CA VAL D 409 3.30 17.96 -17.53
C VAL D 409 3.83 16.60 -17.98
N SER D 410 4.21 15.77 -17.01
CA SER D 410 4.80 14.47 -17.34
C SER D 410 3.77 13.52 -17.95
N SER D 411 2.75 13.17 -17.20
CA SER D 411 1.77 12.20 -17.66
C SER D 411 0.46 12.44 -16.92
N LYS D 412 -0.44 11.45 -17.02
CA LYS D 412 -1.79 11.59 -16.47
C LYS D 412 -1.82 11.61 -14.96
N ILE D 413 -0.80 11.05 -14.30
CA ILE D 413 -0.74 11.07 -12.84
C ILE D 413 -0.56 12.49 -12.33
N ASP D 414 0.38 13.23 -12.93
CA ASP D 414 0.58 14.61 -12.49
C ASP D 414 -0.54 15.53 -12.97
N SER D 415 -1.18 15.19 -14.09
CA SER D 415 -2.36 15.94 -14.52
C SER D 415 -3.51 15.78 -13.55
N ARG D 416 -3.73 14.56 -13.05
CA ARG D 416 -4.72 14.38 -12.00
C ARG D 416 -4.23 14.91 -10.67
N THR D 417 -2.93 15.15 -10.51
CA THR D 417 -2.46 15.77 -9.29
C THR D 417 -2.78 17.26 -9.27
N ILE D 418 -2.61 17.96 -10.39
CA ILE D 418 -2.92 19.39 -10.37
C ILE D 418 -4.37 19.69 -10.74
N LEU D 419 -4.82 19.28 -11.92
CA LEU D 419 -6.15 19.66 -12.37
C LEU D 419 -7.25 18.78 -11.80
N ASP D 420 -6.89 17.73 -11.07
CA ASP D 420 -7.81 16.68 -10.57
C ASP D 420 -8.57 15.99 -11.69
N GLN D 421 -8.00 15.99 -12.90
CA GLN D 421 -8.56 15.33 -14.08
C GLN D 421 -7.46 15.22 -15.11
N GLY D 422 -7.75 14.51 -16.18
CA GLY D 422 -6.79 14.33 -17.25
C GLY D 422 -6.82 15.46 -18.25
N GLY D 423 -5.89 15.40 -19.20
CA GLY D 423 -5.84 16.31 -20.32
C GLY D 423 -4.60 17.17 -20.38
N ALA D 424 -3.88 17.34 -19.27
CA ALA D 424 -2.74 18.25 -19.28
C ALA D 424 -1.50 17.65 -19.91
N GLU D 425 -1.48 16.36 -20.18
CA GLU D 425 -0.28 15.74 -20.75
C GLU D 425 -0.21 15.91 -22.26
N GLN D 426 -1.30 16.29 -22.90
CA GLN D 426 -1.38 16.35 -24.35
C GLN D 426 -1.06 17.73 -24.90
N LEU D 427 -0.30 18.53 -24.17
CA LEU D 427 -0.03 19.90 -24.58
C LEU D 427 1.24 19.92 -25.43
N LEU D 428 1.75 21.13 -25.70
CA LEU D 428 2.91 21.29 -26.57
C LEU D 428 4.08 21.98 -25.91
N GLY D 429 3.94 22.47 -24.70
CA GLY D 429 4.96 23.31 -24.12
C GLY D 429 4.92 24.69 -24.73
N HIS D 430 5.99 25.45 -24.47
CA HIS D 430 6.19 26.82 -24.96
C HIS D 430 5.03 27.73 -24.56
N GLY D 431 4.53 27.55 -23.36
CA GLY D 431 3.39 28.33 -22.91
C GLY D 431 2.09 27.93 -23.55
N ASP D 432 1.72 26.66 -23.45
CA ASP D 432 0.44 26.17 -23.95
C ASP D 432 -0.32 25.61 -22.76
N MET D 433 -1.02 26.48 -22.05
CA MET D 433 -1.59 26.10 -20.77
C MET D 433 -3.03 25.62 -20.92
N LEU D 434 -3.54 25.03 -19.84
CA LEU D 434 -4.97 24.79 -19.67
C LEU D 434 -5.42 25.64 -18.50
N TYR D 435 -6.30 26.59 -18.76
CA TYR D 435 -6.82 27.49 -17.73
C TYR D 435 -8.06 26.85 -17.13
N LEU D 436 -7.90 26.24 -15.97
CA LEU D 436 -9.06 25.84 -15.22
C LEU D 436 -9.70 27.09 -14.61
N PRO D 437 -10.94 27.40 -14.92
CA PRO D 437 -11.56 28.60 -14.37
C PRO D 437 -11.88 28.41 -12.90
N PRO D 438 -12.11 29.49 -12.15
CA PRO D 438 -12.58 29.32 -10.77
C PRO D 438 -13.98 28.71 -10.75
N GLY D 439 -14.16 27.72 -9.90
CA GLY D 439 -15.39 26.94 -9.92
C GLY D 439 -15.16 25.62 -10.60
N THR D 440 -16.22 25.03 -11.14
CA THR D 440 -16.12 23.73 -11.81
C THR D 440 -16.57 23.89 -13.25
N GLY D 441 -15.72 23.47 -14.17
CA GLY D 441 -16.05 23.54 -15.58
C GLY D 441 -14.97 22.85 -16.38
N LEU D 442 -15.19 22.82 -17.69
CA LEU D 442 -14.18 22.29 -18.58
C LEU D 442 -13.04 23.30 -18.70
N PRO D 443 -11.79 22.82 -18.75
CA PRO D 443 -10.67 23.76 -18.80
C PRO D 443 -10.53 24.39 -20.16
N ILE D 444 -10.29 25.70 -20.17
CA ILE D 444 -10.14 26.46 -21.40
C ILE D 444 -8.68 26.42 -21.80
N ARG D 445 -8.39 25.93 -23.00
CA ARG D 445 -7.01 25.86 -23.46
C ARG D 445 -6.55 27.23 -23.90
N VAL D 446 -5.46 27.70 -23.31
CA VAL D 446 -4.95 29.05 -23.52
C VAL D 446 -3.49 28.94 -23.93
N HIS D 447 -3.11 29.65 -24.98
CA HIS D 447 -1.72 29.69 -25.41
C HIS D 447 -1.06 30.90 -24.77
N GLY D 448 -0.06 30.65 -23.94
CA GLY D 448 0.52 31.74 -23.15
C GLY D 448 1.31 32.69 -24.01
N ALA D 449 1.13 33.98 -23.74
CA ALA D 449 1.77 35.01 -24.56
C ALA D 449 3.25 35.06 -24.24
N PHE D 450 4.06 35.12 -25.28
CA PHE D 450 5.51 35.21 -25.10
C PHE D 450 5.89 36.62 -24.72
N VAL D 451 6.79 36.73 -23.74
CA VAL D 451 7.34 38.00 -23.31
C VAL D 451 8.86 37.86 -23.34
N SER D 452 9.54 38.99 -23.52
CA SER D 452 10.98 38.97 -23.74
C SER D 452 11.66 39.93 -22.78
N ASP D 453 12.99 39.73 -22.64
CA ASP D 453 13.78 40.51 -21.69
C ASP D 453 13.85 41.98 -22.05
N ASP D 454 13.70 42.29 -23.35
CA ASP D 454 13.63 43.67 -23.81
C ASP D 454 12.44 44.39 -23.19
N GLU D 455 11.26 43.77 -23.28
CA GLU D 455 10.05 44.37 -22.75
C GLU D 455 10.07 44.40 -21.23
N VAL D 456 10.62 43.37 -20.59
CA VAL D 456 10.60 43.30 -19.13
C VAL D 456 11.56 44.32 -18.54
N HIS D 457 12.78 44.42 -19.10
CA HIS D 457 13.71 45.47 -18.68
C HIS D 457 13.16 46.86 -18.97
N ARG D 458 12.41 47.02 -20.07
CA ARG D 458 11.85 48.32 -20.39
C ARG D 458 10.77 48.73 -19.40
N VAL D 459 9.92 47.78 -18.99
CA VAL D 459 8.86 48.08 -18.03
C VAL D 459 9.44 48.31 -16.64
N VAL D 460 10.47 47.53 -16.26
CA VAL D 460 11.13 47.72 -14.97
C VAL D 460 11.81 49.08 -14.90
N GLU D 461 12.50 49.49 -15.97
CA GLU D 461 13.11 50.82 -15.94
C GLU D 461 12.06 51.93 -16.04
N ALA D 462 10.95 51.68 -16.75
CA ALA D 462 9.89 52.68 -16.85
C ALA D 462 9.21 52.91 -15.51
N TRP D 463 9.10 51.89 -14.67
CA TRP D 463 8.60 52.11 -13.32
C TRP D 463 9.67 52.62 -12.37
N LYS D 464 10.94 52.30 -12.60
CA LYS D 464 11.99 52.87 -11.76
C LYS D 464 12.21 54.35 -12.04
N LEU D 465 11.79 54.84 -13.20
CA LEU D 465 11.84 56.28 -13.45
C LEU D 465 10.80 57.01 -12.61
N ARG D 466 9.58 56.49 -12.56
CA ARG D 466 8.48 57.18 -11.90
C ARG D 466 8.50 57.03 -10.39
N GLY D 467 8.98 55.90 -9.87
CA GLY D 467 8.94 55.64 -8.45
C GLY D 467 10.30 55.27 -7.90
N ALA D 468 10.34 55.09 -6.59
CA ALA D 468 11.54 54.79 -5.84
C ALA D 468 11.29 53.52 -5.02
N PRO D 469 12.36 52.83 -4.58
CA PRO D 469 12.18 51.75 -3.60
C PRO D 469 11.52 52.20 -2.31
N ASP D 470 10.36 51.65 -2.02
CA ASP D 470 9.50 52.05 -0.90
C ASP D 470 9.39 50.93 0.13
N TYR D 471 10.53 50.35 0.49
CA TYR D 471 10.53 49.16 1.35
C TYR D 471 10.13 49.52 2.77
N ILE D 472 9.27 48.70 3.36
CA ILE D 472 9.02 48.71 4.80
C ILE D 472 9.64 47.42 5.33
N GLU D 473 10.75 47.55 6.05
CA GLU D 473 11.59 46.41 6.39
C GLU D 473 11.09 45.64 7.61
N ASP D 474 9.90 45.98 8.12
CA ASP D 474 9.27 45.19 9.18
C ASP D 474 8.80 43.83 8.67
N ILE D 475 8.69 43.65 7.35
CA ILE D 475 8.25 42.39 6.77
C ILE D 475 9.29 41.29 6.96
N LEU D 476 10.57 41.63 7.08
CA LEU D 476 11.63 40.63 7.13
C LEU D 476 12.32 40.57 8.48
N ALA D 477 11.94 41.41 9.44
CA ALA D 477 12.56 41.42 10.75
C ALA D 477 12.17 40.19 11.56
N LEU E 70 -43.46 36.91 15.29
CA LEU E 70 -43.00 36.00 14.25
C LEU E 70 -43.25 36.64 12.87
N PRO E 71 -42.27 36.54 11.98
CA PRO E 71 -42.36 37.22 10.68
C PRO E 71 -43.38 36.55 9.78
N PRO E 72 -44.14 37.32 9.02
CA PRO E 72 -45.12 36.72 8.11
C PRO E 72 -44.45 36.09 6.90
N LEU E 73 -45.19 35.17 6.27
CA LEU E 73 -44.66 34.43 5.12
C LEU E 73 -44.51 35.30 3.88
N SER E 74 -45.27 36.39 3.78
CA SER E 74 -45.29 37.21 2.58
C SER E 74 -44.13 38.19 2.51
N LEU E 75 -43.09 38.02 3.30
CA LEU E 75 -41.93 38.88 3.26
C LEU E 75 -41.02 38.57 2.07
N LEU E 76 -41.19 37.42 1.45
CA LEU E 76 -40.26 36.94 0.43
C LEU E 76 -40.66 37.45 -0.95
N ASP E 77 -39.76 37.24 -1.91
CA ASP E 77 -40.05 37.55 -3.29
C ASP E 77 -41.08 36.56 -3.85
N PRO E 78 -41.97 36.99 -4.74
CA PRO E 78 -43.02 36.10 -5.23
C PRO E 78 -42.45 35.05 -6.19
N ALA E 79 -43.27 34.04 -6.45
CA ALA E 79 -42.93 33.05 -7.46
C ALA E 79 -43.05 33.67 -8.84
N GLU E 80 -42.04 33.46 -9.67
CA GLU E 80 -42.03 34.03 -11.01
C GLU E 80 -43.03 33.31 -11.90
N VAL E 81 -43.29 33.89 -13.07
CA VAL E 81 -44.17 33.27 -14.03
C VAL E 81 -43.47 32.04 -14.61
N LYS E 82 -44.08 30.87 -14.42
CA LYS E 82 -43.46 29.62 -14.80
C LYS E 82 -43.39 29.48 -16.31
N GLN E 83 -42.39 28.73 -16.77
CA GLN E 83 -42.28 28.36 -18.17
C GLN E 83 -42.86 26.96 -18.36
N LYS E 84 -44.18 26.93 -18.33
CA LYS E 84 -44.94 25.68 -18.40
C LYS E 84 -45.10 25.33 -19.88
N SER E 85 -46.00 24.40 -20.20
CA SER E 85 -46.28 23.87 -21.53
C SER E 85 -45.03 23.19 -22.12
N TYR E 86 -44.51 22.25 -21.34
CA TYR E 86 -43.57 21.25 -21.87
C TYR E 86 -44.41 20.27 -22.67
N SER E 87 -44.46 20.48 -23.98
CA SER E 87 -45.52 19.90 -24.81
C SER E 87 -45.36 18.40 -24.96
N PRO E 88 -46.48 17.65 -25.02
CA PRO E 88 -46.39 16.19 -25.21
C PRO E 88 -45.81 15.79 -26.55
N GLU E 89 -45.89 16.65 -27.58
CA GLU E 89 -45.22 16.37 -28.84
C GLU E 89 -43.71 16.42 -28.68
N SER E 90 -43.19 17.35 -27.87
CA SER E 90 -41.75 17.42 -27.66
C SER E 90 -41.28 16.29 -26.76
N LEU E 91 -42.10 15.89 -25.79
CA LEU E 91 -41.77 14.73 -24.97
C LEU E 91 -41.77 13.45 -25.80
N GLU E 92 -42.70 13.35 -26.75
CA GLU E 92 -42.76 12.16 -27.60
C GLU E 92 -41.58 12.12 -28.56
N ALA E 93 -41.19 13.29 -29.10
CA ALA E 93 -40.02 13.34 -29.97
C ALA E 93 -38.75 13.03 -29.19
N MET E 94 -38.66 13.49 -27.94
CA MET E 94 -37.50 13.17 -27.11
C MET E 94 -37.47 11.69 -26.73
N SER E 95 -38.64 11.07 -26.53
CA SER E 95 -38.68 9.65 -26.23
C SER E 95 -38.23 8.82 -27.42
N ARG E 96 -38.69 9.19 -28.63
CA ARG E 96 -38.25 8.47 -29.81
C ARG E 96 -36.77 8.70 -30.11
N LEU E 97 -36.27 9.92 -29.83
CA LEU E 97 -34.85 10.16 -29.99
C LEU E 97 -34.02 9.38 -28.99
N LEU E 98 -34.52 9.20 -27.77
CA LEU E 98 -33.82 8.38 -26.79
C LEU E 98 -33.79 6.92 -27.20
N GLU E 99 -34.91 6.40 -27.73
CA GLU E 99 -34.95 5.03 -28.22
C GLU E 99 -33.97 4.83 -29.36
N ILE E 100 -33.88 5.78 -30.29
CA ILE E 100 -32.98 5.63 -31.42
C ILE E 100 -31.52 5.77 -30.98
N LYS E 101 -31.22 6.71 -30.08
CA LYS E 101 -29.84 6.90 -29.67
C LYS E 101 -29.34 5.78 -28.78
N LEU E 102 -30.24 5.07 -28.08
CA LEU E 102 -29.78 3.86 -27.41
C LEU E 102 -29.78 2.66 -28.35
N LYS E 103 -30.60 2.68 -29.39
CA LYS E 103 -30.58 1.59 -30.37
C LYS E 103 -29.31 1.64 -31.22
N GLU E 104 -28.70 2.82 -31.35
CA GLU E 104 -27.43 2.93 -32.08
C GLU E 104 -26.31 2.19 -31.37
N PHE E 105 -26.35 2.15 -30.05
CA PHE E 105 -25.40 1.34 -29.28
C PHE E 105 -25.95 -0.08 -29.19
N GLY E 106 -25.38 -0.87 -28.27
CA GLY E 106 -25.73 -2.29 -28.22
C GLY E 106 -27.13 -2.58 -27.72
N VAL E 107 -27.71 -1.67 -26.96
CA VAL E 107 -28.94 -1.97 -26.23
C VAL E 107 -30.16 -1.66 -27.08
N GLU E 108 -31.29 -2.22 -26.67
CA GLU E 108 -32.58 -1.97 -27.30
C GLU E 108 -33.62 -1.80 -26.20
N VAL E 109 -34.38 -0.73 -26.26
CA VAL E 109 -35.23 -0.35 -25.15
C VAL E 109 -36.37 0.55 -25.66
N SER E 110 -37.57 0.30 -25.15
CA SER E 110 -38.73 1.11 -25.47
C SER E 110 -39.07 2.02 -24.30
N VAL E 111 -39.36 3.29 -24.60
CA VAL E 111 -39.78 4.23 -23.57
C VAL E 111 -41.17 3.87 -23.07
N ASP E 112 -41.30 3.68 -21.76
CA ASP E 112 -42.59 3.33 -21.18
C ASP E 112 -43.41 4.58 -20.86
N SER E 113 -42.88 5.45 -20.01
CA SER E 113 -43.61 6.64 -19.58
C SER E 113 -42.66 7.82 -19.45
N VAL E 114 -43.24 9.00 -19.28
CA VAL E 114 -42.50 10.26 -19.22
C VAL E 114 -42.94 11.01 -17.98
N HIS E 115 -41.99 11.40 -17.14
CA HIS E 115 -42.27 12.24 -15.98
C HIS E 115 -41.54 13.57 -16.11
N PRO E 116 -42.24 14.64 -16.44
CA PRO E 116 -41.60 15.95 -16.55
C PRO E 116 -41.33 16.55 -15.18
N GLY E 117 -40.36 17.46 -15.14
CA GLY E 117 -39.97 18.10 -13.91
C GLY E 117 -39.46 19.50 -14.12
N PRO E 118 -39.20 20.22 -13.02
CA PRO E 118 -38.76 21.61 -13.15
C PRO E 118 -37.36 21.78 -13.68
N VAL E 119 -36.48 20.79 -13.49
CA VAL E 119 -35.11 20.86 -13.97
C VAL E 119 -34.79 19.68 -14.89
N ILE E 120 -35.05 18.46 -14.43
CA ILE E 120 -34.78 17.28 -15.23
C ILE E 120 -36.10 16.63 -15.62
N THR E 121 -36.03 15.56 -16.38
CA THR E 121 -37.22 14.88 -16.86
C THR E 121 -36.97 13.38 -16.80
N ARG E 122 -37.68 12.68 -15.92
CA ARG E 122 -37.47 11.25 -15.77
C ARG E 122 -38.18 10.50 -16.87
N PHE E 123 -37.44 9.66 -17.59
CA PHE E 123 -37.95 8.79 -18.63
C PHE E 123 -37.90 7.36 -18.11
N GLU E 124 -39.02 6.89 -17.59
CA GLU E 124 -39.09 5.49 -17.18
C GLU E 124 -39.10 4.63 -18.44
N ILE E 125 -38.02 3.88 -18.65
CA ILE E 125 -37.87 3.05 -19.83
C ILE E 125 -37.85 1.59 -19.41
N GLN E 126 -38.47 0.74 -20.23
CA GLN E 126 -38.51 -0.69 -19.98
C GLN E 126 -37.47 -1.37 -20.87
N PRO E 127 -36.38 -1.88 -20.31
CA PRO E 127 -35.40 -2.58 -21.14
C PRO E 127 -35.96 -3.90 -21.64
N ALA E 128 -35.34 -4.40 -22.70
CA ALA E 128 -35.83 -5.59 -23.38
C ALA E 128 -35.41 -6.84 -22.61
N ALA E 129 -35.62 -8.00 -23.20
CA ALA E 129 -35.33 -9.26 -22.54
C ALA E 129 -33.83 -9.49 -22.46
N GLY E 130 -33.31 -9.64 -21.25
CA GLY E 130 -31.95 -10.08 -21.07
C GLY E 130 -30.89 -9.02 -21.21
N VAL E 131 -31.26 -7.75 -21.29
CA VAL E 131 -30.28 -6.67 -21.33
C VAL E 131 -30.15 -6.10 -19.92
N LYS E 132 -28.91 -5.89 -19.49
CA LYS E 132 -28.61 -5.57 -18.11
C LYS E 132 -28.74 -4.08 -17.88
N VAL E 133 -28.29 -3.62 -16.70
CA VAL E 133 -28.33 -2.21 -16.37
C VAL E 133 -26.94 -1.59 -16.38
N SER E 134 -25.89 -2.37 -16.15
CA SER E 134 -24.53 -1.86 -16.34
C SER E 134 -24.27 -1.51 -17.80
N ARG E 135 -24.90 -2.22 -18.74
CA ARG E 135 -24.87 -1.83 -20.13
C ARG E 135 -25.78 -0.65 -20.46
N ILE E 136 -26.35 0.02 -19.46
CA ILE E 136 -26.92 1.34 -19.63
C ILE E 136 -26.11 2.38 -18.91
N SER E 137 -25.61 2.06 -17.72
CA SER E 137 -24.92 3.03 -16.88
C SER E 137 -23.44 3.18 -17.22
N ASN E 138 -22.86 2.30 -18.04
CA ASN E 138 -21.48 2.47 -18.44
C ASN E 138 -21.34 3.29 -19.71
N LEU E 139 -22.41 3.90 -20.20
CA LEU E 139 -22.33 4.79 -21.35
C LEU E 139 -23.22 6.01 -21.15
N ALA E 140 -23.37 6.44 -19.90
CA ALA E 140 -24.13 7.66 -19.62
C ALA E 140 -23.46 8.89 -20.21
N LYS E 141 -22.12 8.90 -20.25
CA LYS E 141 -21.38 9.98 -20.90
C LYS E 141 -21.72 10.07 -22.38
N ASP E 142 -21.75 8.93 -23.06
CA ASP E 142 -22.01 8.93 -24.50
C ASP E 142 -23.46 9.17 -24.84
N LEU E 143 -24.38 8.67 -24.00
CA LEU E 143 -25.79 8.97 -24.20
C LEU E 143 -26.08 10.44 -23.96
N ALA E 144 -25.39 11.06 -23.01
CA ALA E 144 -25.57 12.49 -22.80
C ALA E 144 -24.90 13.30 -23.90
N ARG E 145 -23.84 12.76 -24.52
CA ARG E 145 -23.23 13.46 -25.65
C ARG E 145 -24.13 13.41 -26.87
N SER E 146 -24.73 12.26 -27.16
CA SER E 146 -25.55 12.12 -28.34
C SER E 146 -27.00 12.52 -28.11
N LEU E 147 -27.26 13.38 -27.13
CA LEU E 147 -28.57 13.99 -26.96
C LEU E 147 -28.48 15.50 -26.74
N ALA E 148 -27.31 16.09 -27.00
CA ALA E 148 -27.04 17.53 -26.88
C ALA E 148 -27.30 18.07 -25.48
N VAL E 149 -27.11 17.25 -24.46
CA VAL E 149 -27.25 17.72 -23.08
C VAL E 149 -25.88 17.65 -22.43
N ILE E 150 -25.79 18.06 -21.17
CA ILE E 150 -24.48 18.12 -20.54
C ILE E 150 -24.18 16.85 -19.74
N SER E 151 -25.16 16.26 -19.06
CA SER E 151 -24.97 15.04 -18.31
C SER E 151 -26.32 14.40 -18.06
N VAL E 152 -26.38 13.08 -18.16
CA VAL E 152 -27.60 12.34 -17.92
C VAL E 152 -27.40 11.53 -16.64
N ARG E 153 -28.52 11.22 -15.98
CA ARG E 153 -28.49 10.46 -14.74
C ARG E 153 -29.33 9.20 -14.90
N VAL E 154 -28.76 8.06 -14.55
CA VAL E 154 -29.40 6.78 -14.72
C VAL E 154 -29.75 6.23 -13.36
N VAL E 155 -31.05 6.22 -13.03
CA VAL E 155 -31.54 5.56 -11.84
C VAL E 155 -31.54 4.06 -12.13
N GLU E 156 -30.66 3.32 -11.47
CA GLU E 156 -30.53 1.89 -11.78
C GLU E 156 -31.70 1.08 -11.26
N VAL E 157 -32.47 1.60 -10.31
CA VAL E 157 -33.59 0.84 -9.76
C VAL E 157 -34.72 1.76 -9.33
N ILE E 158 -35.90 1.54 -9.88
CA ILE E 158 -37.12 2.24 -9.47
C ILE E 158 -37.91 1.30 -8.59
N PRO E 159 -38.31 1.70 -7.38
CA PRO E 159 -38.99 0.78 -6.47
C PRO E 159 -40.39 0.45 -6.95
N GLY E 160 -40.69 -0.84 -7.03
CA GLY E 160 -42.02 -1.30 -7.32
C GLY E 160 -42.38 -1.45 -8.79
N LYS E 161 -41.46 -1.13 -9.70
CA LYS E 161 -41.71 -1.29 -11.12
C LYS E 161 -40.55 -2.02 -11.77
N THR E 162 -40.75 -2.40 -13.02
CA THR E 162 -39.76 -3.14 -13.80
C THR E 162 -38.94 -2.24 -14.71
N THR E 163 -38.97 -0.93 -14.50
CA THR E 163 -38.36 0.02 -15.40
C THR E 163 -37.07 0.59 -14.81
N VAL E 164 -36.35 1.32 -15.65
CA VAL E 164 -35.09 1.95 -15.29
C VAL E 164 -35.24 3.45 -15.51
N GLY E 165 -34.86 4.25 -14.52
CA GLY E 165 -34.99 5.67 -14.66
C GLY E 165 -33.84 6.32 -15.40
N ILE E 166 -34.12 6.99 -16.51
CA ILE E 166 -33.16 7.83 -17.21
C ILE E 166 -33.68 9.27 -17.12
N GLU E 167 -32.86 10.16 -16.60
CA GLU E 167 -33.28 11.52 -16.29
C GLU E 167 -32.45 12.51 -17.09
N ILE E 168 -33.10 13.21 -18.01
CA ILE E 168 -32.46 14.16 -18.92
C ILE E 168 -32.80 15.56 -18.46
N PRO E 169 -31.84 16.48 -18.41
CA PRO E 169 -32.15 17.88 -18.09
C PRO E 169 -32.97 18.55 -19.19
N ASN E 170 -33.79 19.52 -18.77
CA ASN E 170 -34.62 20.24 -19.72
C ASN E 170 -33.80 21.24 -20.53
N GLU E 171 -34.47 21.86 -21.49
CA GLU E 171 -33.83 22.89 -22.31
C GLU E 171 -33.79 24.23 -21.60
N ASP E 172 -34.79 24.52 -20.77
CA ASP E 172 -34.89 25.80 -20.06
C ASP E 172 -35.07 25.49 -18.58
N ARG E 173 -34.02 25.77 -17.80
CA ARG E 173 -34.05 25.54 -16.36
C ARG E 173 -35.04 26.46 -15.67
N GLN E 174 -35.95 25.89 -14.90
CA GLN E 174 -36.89 26.65 -14.09
C GLN E 174 -36.28 26.81 -12.71
N MET E 175 -36.04 28.06 -12.32
CA MET E 175 -35.50 28.33 -10.99
C MET E 175 -36.55 28.01 -9.93
N VAL E 176 -36.13 27.34 -8.86
CA VAL E 176 -37.05 26.96 -7.81
C VAL E 176 -37.27 28.16 -6.90
N ARG E 177 -38.52 28.54 -6.70
CA ARG E 177 -38.85 29.73 -5.94
C ARG E 177 -39.12 29.35 -4.49
N PHE E 178 -38.49 30.07 -3.56
CA PHE E 178 -38.52 29.66 -2.16
C PHE E 178 -39.86 29.94 -1.52
N SER E 179 -40.57 30.98 -1.98
CA SER E 179 -41.90 31.26 -1.48
C SER E 179 -42.90 30.20 -1.90
N GLU E 180 -42.65 29.53 -3.04
CA GLU E 180 -43.44 28.37 -3.41
C GLU E 180 -43.17 27.20 -2.47
N VAL E 181 -41.94 27.07 -1.99
CA VAL E 181 -41.57 25.97 -1.11
C VAL E 181 -42.21 26.18 0.27
N LEU E 182 -42.14 27.39 0.80
CA LEU E 182 -42.75 27.62 2.10
C LEU E 182 -44.28 27.66 2.06
N SER E 183 -44.88 27.75 0.89
CA SER E 183 -46.33 27.75 0.78
C SER E 183 -46.90 26.34 0.66
N SER E 184 -46.11 25.31 0.93
CA SER E 184 -46.61 23.95 0.92
C SER E 184 -47.50 23.70 2.12
N PRO E 185 -48.45 22.76 2.01
CA PRO E 185 -49.25 22.40 3.19
C PRO E 185 -48.46 21.68 4.27
N GLU E 186 -47.38 20.99 3.90
CA GLU E 186 -46.60 20.23 4.87
C GLU E 186 -45.82 21.16 5.79
N TYR E 187 -45.32 22.27 5.26
CA TYR E 187 -44.50 23.17 6.06
C TYR E 187 -45.35 23.95 7.05
N ASP E 188 -46.52 24.43 6.63
CA ASP E 188 -47.35 25.24 7.50
C ASP E 188 -48.05 24.39 8.56
N GLU E 189 -48.27 23.10 8.28
CA GLU E 189 -48.82 22.17 9.26
C GLU E 189 -47.75 21.28 9.87
N HIS E 190 -46.52 21.79 9.97
CA HIS E 190 -45.42 20.97 10.48
C HIS E 190 -45.33 21.08 11.99
N LYS E 191 -45.08 19.95 12.64
CA LYS E 191 -45.09 19.90 14.09
C LYS E 191 -43.80 20.43 14.70
N SER E 192 -42.65 19.92 14.26
CA SER E 192 -41.39 20.15 14.93
C SER E 192 -40.89 21.57 14.72
N THR E 193 -40.19 22.09 15.72
CA THR E 193 -39.79 23.49 15.75
C THR E 193 -38.53 23.76 14.94
N VAL E 194 -37.87 22.75 14.40
CA VAL E 194 -36.76 22.99 13.48
C VAL E 194 -36.91 22.20 12.18
N PRO E 195 -37.84 22.56 11.30
CA PRO E 195 -37.91 21.89 10.00
C PRO E 195 -36.84 22.43 9.06
N LEU E 196 -36.71 21.76 7.93
CA LEU E 196 -35.86 22.23 6.85
C LEU E 196 -36.65 22.15 5.56
N ALA E 197 -36.62 23.22 4.78
CA ALA E 197 -37.25 23.23 3.47
C ALA E 197 -36.13 23.17 2.44
N LEU E 198 -35.92 22.00 1.85
CA LEU E 198 -34.85 21.82 0.89
C LEU E 198 -35.26 22.31 -0.48
N GLY E 199 -36.37 21.80 -1.01
CA GLY E 199 -36.87 22.24 -2.29
C GLY E 199 -37.82 21.21 -2.87
N HIS E 200 -38.02 21.32 -4.17
CA HIS E 200 -38.85 20.36 -4.88
C HIS E 200 -38.03 19.14 -5.28
N ASP E 201 -38.71 18.01 -5.45
CA ASP E 201 -38.06 16.82 -5.97
C ASP E 201 -38.15 16.85 -7.50
N ILE E 202 -37.91 15.71 -8.15
CA ILE E 202 -37.88 15.66 -9.61
C ILE E 202 -39.24 15.77 -10.24
N GLY E 203 -40.32 15.79 -9.47
CA GLY E 203 -41.65 15.87 -10.02
C GLY E 203 -42.39 17.14 -9.67
N GLY E 204 -41.85 17.91 -8.73
CA GLY E 204 -42.48 19.14 -8.28
C GLY E 204 -43.03 19.08 -6.87
N ARG E 205 -43.05 17.91 -6.25
CA ARG E 205 -43.48 17.78 -4.86
C ARG E 205 -42.45 18.42 -3.95
N PRO E 206 -42.83 19.36 -3.08
CA PRO E 206 -41.84 19.99 -2.21
C PRO E 206 -41.38 19.06 -1.10
N ILE E 207 -40.07 18.95 -0.95
CA ILE E 207 -39.47 18.11 0.09
C ILE E 207 -39.23 18.96 1.32
N ILE E 208 -39.84 18.57 2.44
CA ILE E 208 -39.69 19.27 3.71
C ILE E 208 -39.28 18.24 4.74
N THR E 209 -38.08 18.40 5.30
CA THR E 209 -37.49 17.41 6.17
C THR E 209 -37.30 17.98 7.57
N ASP E 210 -37.78 17.24 8.56
CA ASP E 210 -37.49 17.57 9.95
C ASP E 210 -36.01 17.37 10.23
N LEU E 211 -35.45 18.21 11.08
CA LEU E 211 -34.04 18.09 11.39
C LEU E 211 -33.82 17.22 12.61
N ALA E 212 -34.74 17.28 13.57
CA ALA E 212 -34.57 16.57 14.84
C ALA E 212 -34.72 15.07 14.72
N LYS E 213 -35.05 14.55 13.54
CA LYS E 213 -35.07 13.12 13.32
C LYS E 213 -33.87 12.65 12.51
N MET E 214 -32.99 13.57 12.09
CA MET E 214 -31.87 13.19 11.23
C MET E 214 -30.74 12.49 12.01
N PRO E 215 -30.22 13.05 13.13
CA PRO E 215 -30.30 14.30 13.89
C PRO E 215 -29.10 15.19 13.60
N HIS E 216 -28.43 14.96 12.48
CA HIS E 216 -27.28 15.76 12.07
C HIS E 216 -27.31 15.87 10.56
N LEU E 217 -26.31 16.55 9.99
CA LEU E 217 -26.35 16.80 8.55
C LEU E 217 -24.93 17.03 8.04
N LEU E 218 -24.61 16.40 6.92
CA LEU E 218 -23.41 16.70 6.16
C LEU E 218 -23.79 17.30 4.82
N VAL E 219 -22.99 18.23 4.33
CA VAL E 219 -23.25 18.88 3.05
C VAL E 219 -21.92 18.93 2.30
N ALA E 220 -21.89 18.40 1.08
CA ALA E 220 -20.69 18.38 0.25
C ALA E 220 -20.92 19.20 -1.00
N GLY E 221 -20.00 19.07 -1.94
CA GLY E 221 -20.16 19.73 -3.23
C GLY E 221 -19.00 20.66 -3.53
N THR E 222 -18.50 20.61 -4.76
CA THR E 222 -17.35 21.42 -5.13
C THR E 222 -17.76 22.88 -5.29
N THR E 223 -16.76 23.72 -5.59
CA THR E 223 -16.99 25.16 -5.63
C THR E 223 -17.87 25.53 -6.81
N GLY E 224 -18.74 26.51 -6.58
CA GLY E 224 -19.68 26.89 -7.62
C GLY E 224 -20.78 25.90 -7.87
N SER E 225 -21.13 25.06 -6.90
CA SER E 225 -22.20 24.10 -7.08
C SER E 225 -23.50 24.48 -6.38
N GLY E 226 -23.49 25.52 -5.55
CA GLY E 226 -24.70 25.92 -4.88
C GLY E 226 -24.84 25.33 -3.49
N LYS E 227 -23.81 25.53 -2.66
CA LYS E 227 -23.79 25.02 -1.30
C LYS E 227 -24.31 26.07 -0.32
N SER E 228 -23.82 27.30 -0.47
CA SER E 228 -24.16 28.37 0.46
C SER E 228 -25.63 28.78 0.35
N VAL E 229 -26.21 28.67 -0.84
CA VAL E 229 -27.61 29.00 -1.01
C VAL E 229 -28.49 27.95 -0.34
N GLY E 230 -28.07 26.69 -0.39
CA GLY E 230 -28.77 25.66 0.36
C GLY E 230 -28.66 25.84 1.86
N VAL E 231 -27.49 26.26 2.34
CA VAL E 231 -27.32 26.51 3.77
C VAL E 231 -28.17 27.69 4.21
N ASN E 232 -28.23 28.75 3.39
CA ASN E 232 -29.09 29.89 3.69
C ASN E 232 -30.57 29.51 3.66
N ALA E 233 -30.96 28.59 2.78
CA ALA E 233 -32.34 28.14 2.75
C ALA E 233 -32.69 27.35 4.00
N MET E 234 -31.75 26.53 4.48
CA MET E 234 -31.96 25.81 5.74
C MET E 234 -32.09 26.77 6.92
N LEU E 235 -31.25 27.80 6.95
CA LEU E 235 -31.29 28.70 8.08
C LEU E 235 -32.52 29.60 8.06
N LEU E 236 -33.00 29.97 6.87
CA LEU E 236 -34.29 30.66 6.81
C LEU E 236 -35.45 29.74 7.16
N SER E 237 -35.33 28.44 6.86
CA SER E 237 -36.35 27.49 7.28
C SER E 237 -36.41 27.37 8.80
N ILE E 238 -35.26 27.52 9.45
CA ILE E 238 -35.26 27.67 10.90
C ILE E 238 -35.92 28.99 11.30
N LEU E 239 -35.63 30.06 10.57
CA LEU E 239 -36.04 31.40 11.00
C LEU E 239 -37.54 31.63 10.89
N PHE E 240 -38.19 31.12 9.85
CA PHE E 240 -39.60 31.46 9.63
C PHE E 240 -40.58 30.69 10.50
N LYS E 241 -40.15 29.89 11.46
CA LYS E 241 -41.13 29.16 12.26
C LYS E 241 -40.84 29.28 13.75
N SER E 242 -39.59 29.51 14.11
CA SER E 242 -39.14 29.36 15.49
C SER E 242 -38.91 30.71 16.15
N THR E 243 -39.72 31.01 17.17
CA THR E 243 -39.39 32.07 18.10
C THR E 243 -38.13 31.69 18.88
N PRO E 244 -37.32 32.66 19.30
CA PRO E 244 -36.00 32.33 19.87
C PRO E 244 -36.02 31.58 21.19
N SER E 245 -37.15 31.52 21.89
CA SER E 245 -37.23 30.64 23.04
C SER E 245 -37.42 29.18 22.64
N GLU E 246 -37.89 28.93 21.42
CA GLU E 246 -38.15 27.58 20.94
C GLU E 246 -36.95 26.94 20.29
N ALA E 247 -36.18 27.71 19.51
CA ALA E 247 -34.99 27.21 18.86
C ALA E 247 -33.93 28.30 18.89
N ARG E 248 -32.68 27.91 18.75
CA ARG E 248 -31.58 28.82 18.97
C ARG E 248 -30.35 28.32 18.22
N LEU E 249 -29.59 29.24 17.65
CA LEU E 249 -28.51 28.89 16.74
C LEU E 249 -27.16 29.26 17.34
N ILE E 250 -26.14 28.52 16.95
CA ILE E 250 -24.74 28.91 17.14
C ILE E 250 -24.06 28.73 15.80
N MET E 251 -23.62 29.84 15.21
CA MET E 251 -23.04 29.79 13.88
C MET E 251 -21.53 29.86 13.96
N ILE E 252 -20.86 29.12 13.09
CA ILE E 252 -19.43 29.22 12.93
C ILE E 252 -19.15 29.32 11.45
N ASP E 253 -18.43 30.38 11.04
CA ASP E 253 -18.05 30.57 9.65
C ASP E 253 -16.58 30.97 9.64
N PRO E 254 -15.68 30.06 9.24
CA PRO E 254 -14.25 30.41 9.16
C PRO E 254 -13.91 31.46 8.11
N LYS E 255 -14.81 31.76 7.19
CA LYS E 255 -14.67 32.87 6.28
C LYS E 255 -15.70 33.94 6.65
N MET E 256 -15.56 35.12 6.04
CA MET E 256 -16.62 36.13 6.08
C MET E 256 -17.50 36.10 4.85
N LEU E 257 -17.69 34.92 4.25
CA LEU E 257 -18.29 34.85 2.92
C LEU E 257 -19.80 35.01 2.99
N GLU E 258 -20.47 34.21 3.82
CA GLU E 258 -21.93 34.27 3.91
C GLU E 258 -22.44 34.64 5.28
N LEU E 259 -22.02 33.95 6.34
CA LEU E 259 -22.74 33.99 7.61
C LEU E 259 -22.48 35.25 8.43
N SER E 260 -21.81 36.26 7.87
CA SER E 260 -21.73 37.54 8.56
C SER E 260 -23.06 38.29 8.53
N ILE E 261 -23.95 37.96 7.59
CA ILE E 261 -25.19 38.70 7.44
C ILE E 261 -26.16 38.39 8.58
N TYR E 262 -26.05 37.20 9.18
CA TYR E 262 -26.95 36.78 10.24
C TYR E 262 -26.66 37.40 11.58
N GLU E 263 -25.59 38.18 11.70
CA GLU E 263 -25.25 38.81 12.97
C GLU E 263 -26.23 39.92 13.29
N GLY E 264 -26.98 39.76 14.37
CA GLY E 264 -27.97 40.73 14.75
C GLY E 264 -29.27 40.12 15.23
N ILE E 265 -29.60 38.94 14.72
CA ILE E 265 -30.86 38.27 15.05
C ILE E 265 -30.78 37.74 16.47
N PRO E 266 -31.91 37.59 17.18
CA PRO E 266 -31.84 37.04 18.54
C PRO E 266 -31.61 35.55 18.60
N HIS E 267 -31.61 34.84 17.47
CA HIS E 267 -31.40 33.40 17.49
C HIS E 267 -29.95 32.99 17.68
N LEU E 268 -29.02 33.93 17.73
CA LEU E 268 -27.64 33.56 18.00
C LEU E 268 -27.41 33.46 19.51
N LEU E 269 -26.46 32.62 19.89
CA LEU E 269 -25.90 32.65 21.24
C LEU E 269 -24.55 33.37 21.24
N CYS E 270 -23.68 32.89 20.53
CA CYS E 270 -22.40 33.51 20.30
C CYS E 270 -22.46 34.32 19.02
N PRO E 271 -21.72 35.44 18.94
CA PRO E 271 -21.52 36.11 17.66
C PRO E 271 -20.79 35.19 16.68
N VAL E 272 -20.96 35.49 15.40
CA VAL E 272 -20.57 34.61 14.29
C VAL E 272 -19.07 34.38 14.31
N VAL E 273 -18.67 33.15 14.63
CA VAL E 273 -17.32 32.86 15.08
C VAL E 273 -16.38 32.84 13.87
N THR E 274 -15.31 33.64 13.95
CA THR E 274 -14.28 33.59 12.92
C THR E 274 -13.03 32.87 13.43
N ASP E 275 -12.60 33.21 14.65
CA ASP E 275 -11.43 32.58 15.25
C ASP E 275 -11.68 31.11 15.51
N MET E 276 -10.84 30.25 14.93
CA MET E 276 -11.04 28.82 15.04
C MET E 276 -10.69 28.27 16.40
N LYS E 277 -9.83 28.95 17.16
CA LYS E 277 -9.66 28.59 18.55
C LYS E 277 -10.91 28.93 19.35
N GLU E 278 -11.53 30.07 19.04
CA GLU E 278 -12.83 30.42 19.61
C GLU E 278 -13.91 29.46 19.15
N ALA E 279 -13.80 28.93 17.93
CA ALA E 279 -14.76 27.93 17.46
C ALA E 279 -14.60 26.61 18.20
N ALA E 280 -13.36 26.21 18.47
CA ALA E 280 -13.13 24.99 19.23
C ALA E 280 -13.61 25.14 20.67
N ASN E 281 -13.47 26.34 21.24
CA ASN E 281 -14.00 26.56 22.58
C ASN E 281 -15.53 26.65 22.57
N ALA E 282 -16.13 27.09 21.46
CA ALA E 282 -17.57 27.05 21.35
C ALA E 282 -18.09 25.63 21.26
N LEU E 283 -17.36 24.77 20.55
CA LEU E 283 -17.74 23.35 20.52
C LEU E 283 -17.53 22.68 21.87
N ARG E 284 -16.50 23.09 22.63
CA ARG E 284 -16.35 22.59 23.99
C ARG E 284 -17.47 23.07 24.91
N TRP E 285 -17.96 24.29 24.67
CA TRP E 285 -19.16 24.76 25.37
C TRP E 285 -20.37 23.91 24.99
N SER E 286 -20.45 23.49 23.72
CA SER E 286 -21.55 22.64 23.31
C SER E 286 -21.49 21.27 23.97
N VAL E 287 -20.27 20.72 24.13
CA VAL E 287 -20.09 19.48 24.89
C VAL E 287 -20.54 19.66 26.32
N ALA E 288 -20.14 20.77 26.95
CA ALA E 288 -20.49 21.02 28.35
C ALA E 288 -22.00 21.26 28.51
N GLU E 289 -22.62 21.88 27.52
CA GLU E 289 -24.05 22.16 27.62
C GLU E 289 -24.85 20.89 27.40
N MET E 290 -24.37 20.02 26.52
CA MET E 290 -24.99 18.70 26.35
C MET E 290 -24.87 17.87 27.63
N GLU E 291 -23.73 17.97 28.31
CA GLU E 291 -23.55 17.24 29.56
C GLU E 291 -24.44 17.77 30.67
N ARG E 292 -24.58 19.10 30.78
CA ARG E 292 -25.46 19.61 31.83
C ARG E 292 -26.93 19.38 31.48
N ARG E 293 -27.28 19.27 30.20
CA ARG E 293 -28.65 18.93 29.85
C ARG E 293 -28.95 17.47 30.13
N TYR E 294 -27.98 16.57 29.91
CA TYR E 294 -28.16 15.18 30.33
C TYR E 294 -28.28 15.06 31.83
N ARG E 295 -27.49 15.84 32.58
CA ARG E 295 -27.62 15.82 34.04
C ARG E 295 -28.96 16.35 34.50
N LEU E 296 -29.46 17.40 33.86
CA LEU E 296 -30.75 17.97 34.25
C LEU E 296 -31.91 17.04 33.87
N MET E 297 -31.80 16.35 32.73
CA MET E 297 -32.84 15.41 32.36
C MET E 297 -32.79 14.12 33.17
N ALA E 298 -31.60 13.75 33.67
CA ALA E 298 -31.53 12.64 34.59
C ALA E 298 -32.04 13.01 35.96
N ALA E 299 -31.94 14.29 36.33
CA ALA E 299 -32.55 14.76 37.57
C ALA E 299 -34.08 14.78 37.44
N MET E 300 -34.59 15.31 36.33
CA MET E 300 -36.03 15.34 36.10
C MET E 300 -36.60 13.97 35.75
N GLY E 301 -35.77 13.00 35.39
CA GLY E 301 -36.23 11.67 35.06
C GLY E 301 -36.77 11.47 33.66
N VAL E 302 -36.86 12.54 32.87
CA VAL E 302 -37.45 12.49 31.54
C VAL E 302 -36.33 12.39 30.52
N ARG E 303 -36.53 11.60 29.47
CA ARG E 303 -35.42 11.14 28.64
C ARG E 303 -34.97 12.18 27.62
N ASN E 304 -35.82 12.54 26.68
CA ASN E 304 -35.40 13.46 25.62
C ASN E 304 -35.73 14.91 25.98
N LEU E 305 -35.35 15.83 25.08
CA LEU E 305 -35.55 17.24 25.36
C LEU E 305 -37.00 17.66 25.17
N ALA E 306 -37.65 17.16 24.11
CA ALA E 306 -39.05 17.51 23.85
C ALA E 306 -39.98 16.97 24.92
N GLY E 307 -39.65 15.82 25.49
CA GLY E 307 -40.39 15.34 26.65
C GLY E 307 -40.23 16.24 27.85
N PHE E 308 -39.03 16.80 28.05
CA PHE E 308 -38.80 17.75 29.13
C PHE E 308 -39.59 19.04 28.93
N ASN E 309 -39.64 19.52 27.68
CA ASN E 309 -40.45 20.70 27.38
C ASN E 309 -41.93 20.42 27.59
N ARG E 310 -42.37 19.20 27.27
CA ARG E 310 -43.76 18.82 27.51
C ARG E 310 -44.08 18.76 29.00
N LYS E 311 -43.14 18.24 29.80
CA LYS E 311 -43.35 18.16 31.25
C LYS E 311 -43.39 19.54 31.89
N VAL E 312 -42.47 20.43 31.50
CA VAL E 312 -42.48 21.76 32.12
C VAL E 312 -43.66 22.58 31.61
N LYS E 313 -44.15 22.31 30.39
CA LYS E 313 -45.34 23.01 29.91
C LYS E 313 -46.60 22.50 30.62
N ASP E 314 -46.67 21.20 30.90
CA ASP E 314 -47.79 20.65 31.66
C ASP E 314 -47.78 21.14 33.10
N ALA E 315 -46.59 21.31 33.68
CA ALA E 315 -46.51 21.79 35.06
C ALA E 315 -46.86 23.26 35.15
N GLU E 316 -46.37 24.07 34.21
CA GLU E 316 -46.70 25.50 34.22
C GLU E 316 -48.13 25.76 33.78
N GLU E 317 -48.77 24.80 33.09
CA GLU E 317 -50.18 24.96 32.76
C GLU E 317 -51.06 24.88 33.99
N ALA E 318 -50.81 23.89 34.86
CA ALA E 318 -51.67 23.61 36.00
C ALA E 318 -51.34 24.48 37.22
N GLY E 319 -50.62 25.59 37.04
CA GLY E 319 -50.32 26.49 38.12
C GLY E 319 -49.31 25.99 39.13
N THR E 320 -48.57 24.94 38.81
CA THR E 320 -47.58 24.38 39.73
C THR E 320 -46.18 24.66 39.19
N PRO E 321 -45.47 25.65 39.73
CA PRO E 321 -44.11 25.94 39.24
C PRO E 321 -43.12 24.88 39.71
N LEU E 322 -42.17 24.56 38.83
CA LEU E 322 -41.13 23.60 39.17
C LEU E 322 -39.89 24.33 39.68
N THR E 323 -38.92 23.54 40.14
CA THR E 323 -37.67 24.07 40.66
C THR E 323 -36.51 23.29 40.07
N ASP E 324 -35.32 23.91 40.11
CA ASP E 324 -34.12 23.30 39.56
C ASP E 324 -33.38 22.60 40.67
N PRO E 325 -33.16 21.28 40.59
CA PRO E 325 -32.35 20.57 41.58
C PRO E 325 -30.86 20.74 41.35
N PRO E 337 -34.47 30.59 40.27
CA PRO E 337 -34.01 29.25 39.87
C PRO E 337 -35.14 28.38 39.36
N GLN E 338 -36.18 29.02 38.83
CA GLN E 338 -37.33 28.31 38.30
C GLN E 338 -37.02 27.78 36.90
N LEU E 339 -37.49 26.58 36.61
CA LEU E 339 -37.23 25.95 35.32
C LEU E 339 -37.99 26.64 34.19
N SER E 340 -37.39 26.66 33.02
CA SER E 340 -37.99 27.21 31.81
C SER E 340 -38.00 26.15 30.72
N THR E 341 -38.40 26.55 29.52
CA THR E 341 -38.45 25.66 28.37
C THR E 341 -37.16 25.77 27.58
N LEU E 342 -36.39 24.69 27.53
CA LEU E 342 -35.07 24.72 26.90
C LEU E 342 -35.20 24.83 25.38
N PRO E 343 -34.26 25.53 24.74
CA PRO E 343 -34.30 25.67 23.28
C PRO E 343 -33.54 24.54 22.58
N THR E 344 -33.80 24.45 21.28
CA THR E 344 -33.17 23.44 20.42
C THR E 344 -31.94 24.06 19.78
N ILE E 345 -30.76 23.72 20.29
CA ILE E 345 -29.53 24.30 19.77
C ILE E 345 -29.20 23.67 18.42
N VAL E 346 -28.96 24.51 17.42
CA VAL E 346 -28.54 24.03 16.10
C VAL E 346 -27.21 24.69 15.80
N VAL E 347 -26.13 23.93 15.89
CA VAL E 347 -24.78 24.44 15.70
C VAL E 347 -24.41 24.20 14.25
N VAL E 348 -24.51 25.23 13.43
CA VAL E 348 -24.06 25.10 12.05
C VAL E 348 -22.57 25.38 12.03
N VAL E 349 -21.85 24.68 11.15
CA VAL E 349 -20.43 24.90 10.95
C VAL E 349 -20.24 24.96 9.44
N ASP E 350 -19.79 26.12 8.95
CA ASP E 350 -19.98 26.42 7.54
C ASP E 350 -18.99 25.65 6.65
N GLU E 351 -17.70 25.74 6.95
CA GLU E 351 -16.69 24.98 6.18
C GLU E 351 -15.69 24.39 7.17
N PHE E 352 -15.97 23.18 7.65
CA PHE E 352 -15.17 22.60 8.73
C PHE E 352 -13.88 21.96 8.25
N ALA E 353 -13.67 21.89 6.93
CA ALA E 353 -12.37 21.47 6.41
C ALA E 353 -11.29 22.46 6.81
N ASP E 354 -11.59 23.76 6.74
CA ASP E 354 -10.66 24.78 7.21
C ASP E 354 -10.50 24.74 8.73
N MET E 355 -11.56 24.35 9.44
CA MET E 355 -11.50 24.24 10.89
C MET E 355 -10.53 23.14 11.31
N MET E 356 -10.64 21.96 10.71
CA MET E 356 -9.67 20.91 11.01
C MET E 356 -8.32 21.17 10.38
N MET E 357 -8.24 22.06 9.39
CA MET E 357 -6.95 22.46 8.85
C MET E 357 -6.20 23.34 9.84
N ILE E 358 -6.88 24.27 10.48
CA ILE E 358 -6.22 25.17 11.42
C ILE E 358 -6.01 24.50 12.78
N VAL E 359 -7.10 24.00 13.38
CA VAL E 359 -7.00 23.51 14.76
C VAL E 359 -6.40 22.11 14.80
N GLY E 360 -7.06 21.14 14.19
CA GLY E 360 -6.54 19.79 14.14
C GLY E 360 -7.56 18.77 14.55
N LYS E 361 -7.08 17.62 15.02
CA LYS E 361 -7.92 16.47 15.34
C LYS E 361 -8.70 16.66 16.64
N LYS E 362 -8.37 17.68 17.44
CA LYS E 362 -9.17 18.05 18.60
C LYS E 362 -10.60 18.39 18.18
N VAL E 363 -10.74 19.12 17.08
CA VAL E 363 -12.06 19.43 16.52
C VAL E 363 -12.79 18.17 16.11
N GLU E 364 -12.07 17.20 15.52
CA GLU E 364 -12.71 15.99 15.05
C GLU E 364 -13.21 15.14 16.22
N GLU E 365 -12.45 15.09 17.31
CA GLU E 365 -12.93 14.40 18.50
C GLU E 365 -14.09 15.15 19.17
N LEU E 366 -14.09 16.48 19.10
CA LEU E 366 -15.22 17.24 19.63
C LEU E 366 -16.49 17.01 18.82
N ILE E 367 -16.37 16.96 17.48
CA ILE E 367 -17.53 16.69 16.63
C ILE E 367 -18.04 15.28 16.84
N ALA E 368 -17.12 14.33 17.08
CA ALA E 368 -17.52 12.97 17.38
C ALA E 368 -18.27 12.88 18.71
N ARG E 369 -17.73 13.51 19.76
CA ARG E 369 -18.37 13.44 21.06
C ARG E 369 -19.63 14.30 21.14
N ILE E 370 -19.81 15.26 20.24
CA ILE E 370 -21.12 15.89 20.11
C ILE E 370 -22.08 14.94 19.42
N ALA E 371 -21.72 14.47 18.21
CA ALA E 371 -22.66 13.78 17.35
C ALA E 371 -23.03 12.39 17.87
N GLN E 372 -22.30 11.87 18.84
CA GLN E 372 -22.71 10.64 19.50
C GLN E 372 -23.99 10.84 20.31
N LYS E 373 -24.01 11.86 21.18
CA LYS E 373 -25.02 11.94 22.22
C LYS E 373 -26.06 13.03 22.02
N ALA E 374 -25.96 13.83 20.96
CA ALA E 374 -26.70 15.08 20.90
C ALA E 374 -28.15 14.92 20.45
N ARG E 375 -28.59 13.72 20.06
CA ARG E 375 -29.93 13.55 19.55
C ARG E 375 -30.99 13.75 20.63
N ALA E 376 -30.70 13.28 21.84
CA ALA E 376 -31.63 13.44 22.94
C ALA E 376 -31.47 14.75 23.70
N ALA E 377 -30.39 15.50 23.43
CA ALA E 377 -30.12 16.73 24.15
C ALA E 377 -30.54 17.97 23.41
N GLY E 378 -30.98 17.85 22.16
CA GLY E 378 -31.43 18.98 21.39
C GLY E 378 -30.36 19.66 20.56
N ILE E 379 -29.09 19.38 20.82
CA ILE E 379 -28.02 19.91 19.98
C ILE E 379 -28.05 19.22 18.62
N HIS E 380 -27.96 20.00 17.56
CA HIS E 380 -27.96 19.47 16.21
C HIS E 380 -26.87 20.16 15.40
N LEU E 381 -26.36 19.49 14.38
CA LEU E 381 -25.28 20.02 13.57
C LEU E 381 -25.65 20.05 12.10
N ILE E 382 -25.25 21.13 11.43
CA ILE E 382 -25.30 21.23 9.98
C ILE E 382 -23.86 21.42 9.54
N LEU E 383 -23.17 20.31 9.30
CA LEU E 383 -21.80 20.39 8.82
C LEU E 383 -21.80 20.55 7.31
N ALA E 384 -20.84 21.32 6.81
CA ALA E 384 -20.78 21.54 5.37
C ALA E 384 -19.32 21.73 4.98
N THR E 385 -19.01 21.34 3.75
CA THR E 385 -17.66 21.45 3.23
C THR E 385 -17.71 21.83 1.76
N GLN E 386 -16.53 22.04 1.19
CA GLN E 386 -16.37 22.10 -0.27
C GLN E 386 -15.30 21.11 -0.71
N ARG E 387 -15.07 20.08 0.08
CA ARG E 387 -14.01 19.10 -0.18
C ARG E 387 -14.47 17.78 0.41
N PRO E 388 -14.99 16.86 -0.40
CA PRO E 388 -15.43 15.55 0.11
C PRO E 388 -14.30 14.53 0.12
N SER E 389 -13.21 14.86 0.80
CA SER E 389 -12.02 14.01 0.80
C SER E 389 -12.08 13.02 1.94
N VAL E 390 -11.08 12.13 1.96
CA VAL E 390 -10.96 11.16 3.05
C VAL E 390 -10.25 11.77 4.25
N ASP E 391 -9.45 12.82 4.03
CA ASP E 391 -8.82 13.53 5.14
C ASP E 391 -9.84 14.31 5.97
N VAL E 392 -10.91 14.78 5.34
CA VAL E 392 -11.89 15.62 6.01
C VAL E 392 -13.03 14.77 6.56
N ILE E 393 -13.76 14.11 5.66
CA ILE E 393 -14.90 13.28 6.07
C ILE E 393 -14.31 11.89 6.34
N THR E 394 -13.89 11.68 7.59
CA THR E 394 -13.34 10.40 8.00
C THR E 394 -14.47 9.49 8.46
N GLY E 395 -14.12 8.32 8.98
CA GLY E 395 -15.13 7.47 9.59
C GLY E 395 -15.66 8.01 10.89
N LEU E 396 -14.89 8.85 11.57
CA LEU E 396 -15.32 9.41 12.85
C LEU E 396 -16.48 10.37 12.67
N ILE E 397 -16.57 11.01 11.51
CA ILE E 397 -17.71 11.89 11.21
C ILE E 397 -18.89 11.06 10.73
N LYS E 398 -18.65 10.08 9.87
CA LYS E 398 -19.71 9.29 9.28
C LYS E 398 -20.30 8.26 10.22
N ALA E 399 -19.69 8.04 11.39
CA ALA E 399 -20.22 7.03 12.30
C ALA E 399 -21.53 7.47 12.93
N ASN E 400 -21.64 8.74 13.27
CA ASN E 400 -22.77 9.24 14.03
C ASN E 400 -23.70 10.13 13.22
N ILE E 401 -23.34 10.46 11.99
CA ILE E 401 -24.11 11.38 11.15
C ILE E 401 -24.60 10.60 9.94
N PRO E 402 -25.83 10.14 9.95
CA PRO E 402 -26.30 9.27 8.87
C PRO E 402 -26.95 10.01 7.71
N THR E 403 -27.33 11.27 7.90
CA THR E 403 -28.03 12.04 6.87
C THR E 403 -27.01 12.85 6.09
N ARG E 404 -26.99 12.68 4.77
CA ARG E 404 -25.99 13.30 3.93
C ARG E 404 -26.66 14.08 2.81
N ILE E 405 -26.23 15.33 2.62
CA ILE E 405 -26.59 16.12 1.46
C ILE E 405 -25.38 16.11 0.54
N ALA E 406 -25.57 15.67 -0.69
CA ALA E 406 -24.48 15.67 -1.67
C ALA E 406 -24.90 16.51 -2.86
N PHE E 407 -24.20 17.63 -3.06
CA PHE E 407 -24.33 18.41 -4.27
C PHE E 407 -23.43 17.83 -5.36
N GLN E 408 -23.16 18.60 -6.41
CA GLN E 408 -22.30 18.14 -7.48
C GLN E 408 -20.87 17.97 -6.97
N VAL E 409 -20.36 16.75 -7.03
CA VAL E 409 -18.96 16.48 -6.72
C VAL E 409 -18.25 16.13 -8.03
N SER E 410 -16.93 15.99 -7.94
CA SER E 410 -16.12 15.86 -9.14
C SER E 410 -16.24 14.48 -9.79
N SER E 411 -16.12 13.42 -9.00
CA SER E 411 -16.03 12.09 -9.59
C SER E 411 -16.69 11.08 -8.66
N LYS E 412 -16.49 9.80 -8.97
CA LYS E 412 -17.09 8.72 -8.20
C LYS E 412 -16.47 8.59 -6.81
N ILE E 413 -15.22 9.03 -6.65
CA ILE E 413 -14.51 8.82 -5.39
C ILE E 413 -15.11 9.67 -4.28
N ASP E 414 -15.42 10.93 -4.57
CA ASP E 414 -16.01 11.78 -3.55
C ASP E 414 -17.49 11.45 -3.30
N SER E 415 -18.17 10.95 -4.34
CA SER E 415 -19.53 10.45 -4.16
C SER E 415 -19.55 9.25 -3.23
N ARG E 416 -18.63 8.30 -3.43
CA ARG E 416 -18.54 7.18 -2.50
C ARG E 416 -17.89 7.58 -1.18
N THR E 417 -17.27 8.76 -1.10
CA THR E 417 -16.83 9.24 0.20
C THR E 417 -18.01 9.67 1.05
N ILE E 418 -18.85 10.57 0.53
CA ILE E 418 -19.90 11.11 1.40
C ILE E 418 -21.19 10.30 1.32
N LEU E 419 -21.66 9.93 0.14
CA LEU E 419 -22.89 9.13 0.09
C LEU E 419 -22.66 7.64 0.35
N ASP E 420 -21.39 7.21 0.43
CA ASP E 420 -20.99 5.80 0.50
C ASP E 420 -21.53 4.98 -0.66
N GLN E 421 -21.74 5.63 -1.80
CA GLN E 421 -22.21 5.02 -3.05
C GLN E 421 -22.05 6.05 -4.15
N GLY E 422 -22.06 5.57 -5.39
CA GLY E 422 -21.93 6.44 -6.53
C GLY E 422 -23.23 7.13 -6.86
N GLY E 423 -23.14 8.02 -7.85
CA GLY E 423 -24.30 8.72 -8.38
C GLY E 423 -24.26 10.23 -8.24
N ALA E 424 -23.49 10.76 -7.30
CA ALA E 424 -23.51 12.19 -7.04
C ALA E 424 -22.77 13.01 -8.09
N GLU E 425 -21.91 12.39 -8.88
CA GLU E 425 -21.19 13.14 -9.91
C GLU E 425 -22.05 13.44 -11.12
N GLN E 426 -23.22 12.82 -11.24
CA GLN E 426 -24.09 12.97 -12.41
C GLN E 426 -25.11 14.09 -12.23
N LEU E 427 -24.84 15.06 -11.38
CA LEU E 427 -25.78 16.14 -11.11
C LEU E 427 -25.50 17.31 -12.05
N LEU E 428 -26.15 18.45 -11.78
CA LEU E 428 -26.09 19.58 -12.68
C LEU E 428 -25.52 20.85 -12.08
N GLY E 429 -25.29 20.88 -10.77
CA GLY E 429 -24.91 22.13 -10.15
C GLY E 429 -26.11 23.04 -9.99
N HIS E 430 -25.81 24.31 -9.69
CA HIS E 430 -26.80 25.36 -9.41
C HIS E 430 -27.77 24.96 -8.30
N GLY E 431 -27.23 24.26 -7.29
CA GLY E 431 -28.05 23.80 -6.19
C GLY E 431 -28.97 22.67 -6.56
N ASP E 432 -28.40 21.52 -6.91
CA ASP E 432 -29.18 20.35 -7.29
C ASP E 432 -28.60 19.16 -6.52
N MET E 433 -29.17 18.86 -5.36
CA MET E 433 -28.57 17.96 -4.40
C MET E 433 -29.16 16.56 -4.50
N LEU E 434 -28.56 15.65 -3.74
CA LEU E 434 -29.10 14.31 -3.54
C LEU E 434 -29.32 14.13 -2.04
N TYR E 435 -30.56 14.29 -1.60
CA TYR E 435 -30.91 14.08 -0.21
C TYR E 435 -30.87 12.61 0.10
N LEU E 436 -29.92 12.19 0.93
CA LEU E 436 -29.88 10.82 1.43
C LEU E 436 -30.68 10.77 2.73
N PRO E 437 -31.81 10.09 2.77
CA PRO E 437 -32.61 10.04 4.00
C PRO E 437 -31.91 9.21 5.04
N PRO E 438 -32.19 9.43 6.34
CA PRO E 438 -31.46 8.70 7.39
C PRO E 438 -31.78 7.21 7.43
N GLY E 439 -30.80 6.39 7.09
CA GLY E 439 -30.97 4.96 7.17
C GLY E 439 -30.94 4.27 5.82
N THR E 440 -31.79 3.27 5.64
CA THR E 440 -31.90 2.56 4.37
C THR E 440 -32.65 3.44 3.39
N GLY E 441 -31.95 3.94 2.38
CA GLY E 441 -32.59 4.80 1.41
C GLY E 441 -31.90 4.90 0.08
N LEU E 442 -32.66 4.68 -0.98
CA LEU E 442 -32.22 5.13 -2.29
C LEU E 442 -32.30 6.65 -2.28
N PRO E 443 -31.25 7.36 -2.69
CA PRO E 443 -31.16 8.80 -2.39
C PRO E 443 -32.13 9.63 -3.21
N ILE E 444 -32.91 10.44 -2.51
CA ILE E 444 -33.87 11.34 -3.14
C ILE E 444 -33.12 12.46 -3.84
N ARG E 445 -33.53 12.80 -5.05
CA ARG E 445 -32.96 13.92 -5.79
C ARG E 445 -33.82 15.15 -5.56
N VAL E 446 -33.27 16.15 -4.90
CA VAL E 446 -33.98 17.35 -4.50
C VAL E 446 -33.31 18.54 -5.15
N HIS E 447 -34.09 19.40 -5.77
CA HIS E 447 -33.55 20.63 -6.34
C HIS E 447 -33.53 21.69 -5.26
N GLY E 448 -32.38 22.37 -5.10
CA GLY E 448 -32.22 23.30 -4.00
C GLY E 448 -33.03 24.57 -4.23
N ALA E 449 -33.86 24.92 -3.26
CA ALA E 449 -34.68 26.12 -3.37
C ALA E 449 -33.80 27.36 -3.28
N PHE E 450 -33.98 28.27 -4.23
CA PHE E 450 -33.10 29.42 -4.35
C PHE E 450 -33.54 30.53 -3.41
N VAL E 451 -32.55 31.17 -2.78
CA VAL E 451 -32.78 32.33 -1.94
C VAL E 451 -31.70 33.37 -2.24
N SER E 452 -32.13 34.59 -2.56
CA SER E 452 -31.19 35.65 -2.89
C SER E 452 -30.73 36.35 -1.62
N ASP E 453 -29.71 37.19 -1.76
CA ASP E 453 -29.21 37.95 -0.62
C ASP E 453 -30.19 39.01 -0.14
N ASP E 454 -31.07 39.49 -1.04
CA ASP E 454 -32.02 40.52 -0.68
C ASP E 454 -33.03 40.03 0.35
N GLU E 455 -33.52 38.80 0.18
CA GLU E 455 -34.41 38.21 1.17
C GLU E 455 -33.70 37.96 2.49
N VAL E 456 -32.41 37.64 2.45
CA VAL E 456 -31.70 37.36 3.69
C VAL E 456 -31.48 38.65 4.48
N HIS E 457 -31.08 39.74 3.79
CA HIS E 457 -31.05 41.06 4.42
C HIS E 457 -32.41 41.45 4.97
N ARG E 458 -33.48 41.13 4.23
CA ARG E 458 -34.81 41.52 4.67
C ARG E 458 -35.26 40.77 5.91
N VAL E 459 -34.91 39.48 6.00
CA VAL E 459 -35.32 38.70 7.17
C VAL E 459 -34.46 39.05 8.38
N VAL E 460 -33.17 39.35 8.16
CA VAL E 460 -32.32 39.81 9.26
C VAL E 460 -32.81 41.14 9.80
N GLU E 461 -33.23 42.05 8.90
CA GLU E 461 -33.78 43.32 9.35
C GLU E 461 -35.13 43.14 10.04
N ALA E 462 -35.93 42.18 9.58
CA ALA E 462 -37.23 41.93 10.19
C ALA E 462 -37.10 41.31 11.57
N TRP E 463 -36.03 40.55 11.82
CA TRP E 463 -35.79 40.07 13.18
C TRP E 463 -35.20 41.14 14.07
N LYS E 464 -34.27 41.95 13.53
CA LYS E 464 -33.67 43.01 14.33
C LYS E 464 -34.65 44.13 14.66
N LEU E 465 -35.74 44.25 13.88
CA LEU E 465 -36.83 45.14 14.29
C LEU E 465 -37.78 44.46 15.26
N ARG E 466 -37.72 43.14 15.40
CA ARG E 466 -38.71 42.44 16.21
C ARG E 466 -38.19 42.11 17.61
N GLY E 467 -36.95 41.61 17.70
CA GLY E 467 -36.44 41.15 18.98
C GLY E 467 -35.03 41.66 19.23
N ALA E 468 -34.63 41.61 20.50
CA ALA E 468 -33.34 42.08 20.96
C ALA E 468 -32.36 40.92 21.07
N PRO E 469 -31.09 41.16 20.75
CA PRO E 469 -30.08 40.10 20.88
C PRO E 469 -29.84 39.69 22.33
N ASP E 470 -29.52 38.41 22.52
CA ASP E 470 -29.29 37.83 23.85
C ASP E 470 -28.10 36.90 23.74
N TYR E 471 -26.96 37.33 24.25
CA TYR E 471 -25.72 36.57 24.14
C TYR E 471 -25.33 36.00 25.50
N ILE E 472 -24.33 35.12 25.48
CA ILE E 472 -23.82 34.46 26.67
C ILE E 472 -22.31 34.62 26.72
N GLU E 473 -21.82 35.17 27.84
CA GLU E 473 -20.39 35.40 28.03
C GLU E 473 -19.63 34.09 28.16
N ASP E 474 -20.28 33.07 28.73
CA ASP E 474 -19.62 31.84 29.16
C ASP E 474 -19.03 31.09 27.97
N ILE E 475 -19.75 31.03 26.86
CA ILE E 475 -19.20 30.43 25.64
C ILE E 475 -18.19 31.40 25.02
N LEU E 476 -17.03 30.87 24.65
CA LEU E 476 -15.95 31.68 24.09
C LEU E 476 -15.29 30.94 22.95
N LEU F 70 -39.21 -15.23 37.81
CA LEU F 70 -39.54 -15.55 36.43
C LEU F 70 -40.99 -15.19 36.12
N PRO F 71 -41.20 -14.17 35.30
CA PRO F 71 -42.55 -13.85 34.83
C PRO F 71 -43.00 -14.88 33.81
N PRO F 72 -44.31 -15.05 33.61
CA PRO F 72 -44.78 -15.94 32.55
C PRO F 72 -44.56 -15.33 31.18
N LEU F 73 -44.54 -16.21 30.17
CA LEU F 73 -44.24 -15.80 28.81
C LEU F 73 -45.37 -15.00 28.17
N SER F 74 -46.57 -15.07 28.72
CA SER F 74 -47.74 -14.44 28.11
C SER F 74 -47.83 -12.94 28.36
N LEU F 75 -46.82 -12.34 29.00
CA LEU F 75 -46.78 -10.89 29.17
C LEU F 75 -46.29 -10.17 27.93
N LEU F 76 -46.01 -10.89 26.85
CA LEU F 76 -45.65 -10.30 25.58
C LEU F 76 -46.93 -9.90 24.83
N ASP F 77 -46.75 -9.37 23.62
CA ASP F 77 -47.89 -9.16 22.74
C ASP F 77 -48.34 -10.52 22.21
N PRO F 78 -49.63 -10.82 22.20
CA PRO F 78 -50.09 -12.14 21.77
C PRO F 78 -49.96 -12.30 20.25
N ALA F 79 -50.16 -13.55 19.82
CA ALA F 79 -50.03 -13.88 18.41
C ALA F 79 -51.20 -13.33 17.62
N GLU F 80 -50.90 -12.68 16.50
CA GLU F 80 -51.93 -12.17 15.61
C GLU F 80 -52.34 -13.26 14.62
N VAL F 81 -53.12 -12.90 13.61
CA VAL F 81 -53.59 -13.83 12.60
C VAL F 81 -52.62 -13.80 11.43
N LYS F 82 -52.10 -14.96 11.05
CA LYS F 82 -51.17 -15.06 9.94
C LYS F 82 -51.91 -15.05 8.61
N GLN F 83 -51.28 -14.48 7.59
CA GLN F 83 -51.85 -14.48 6.24
C GLN F 83 -50.69 -14.47 5.23
N LYS F 84 -50.29 -15.67 4.81
CA LYS F 84 -49.25 -15.87 3.80
C LYS F 84 -49.49 -17.25 3.20
N SER F 85 -48.47 -17.78 2.50
CA SER F 85 -48.45 -19.14 1.93
C SER F 85 -49.59 -19.32 0.92
N TYR F 86 -49.43 -18.60 -0.19
CA TYR F 86 -50.43 -18.47 -1.24
C TYR F 86 -50.84 -19.78 -1.89
N SER F 87 -51.86 -19.73 -2.74
CA SER F 87 -52.33 -20.88 -3.46
C SER F 87 -51.23 -21.41 -4.38
N PRO F 88 -51.13 -22.73 -4.57
CA PRO F 88 -49.99 -23.29 -5.33
C PRO F 88 -49.97 -22.91 -6.79
N GLU F 89 -51.09 -22.46 -7.37
CA GLU F 89 -51.05 -21.91 -8.72
C GLU F 89 -50.24 -20.63 -8.79
N SER F 90 -50.23 -19.82 -7.73
CA SER F 90 -49.41 -18.62 -7.71
C SER F 90 -47.93 -18.97 -7.61
N LEU F 91 -47.61 -20.00 -6.84
CA LEU F 91 -46.23 -20.45 -6.73
C LEU F 91 -45.74 -21.05 -8.04
N GLU F 92 -46.60 -21.80 -8.73
CA GLU F 92 -46.22 -22.36 -10.03
C GLU F 92 -46.09 -21.27 -11.08
N ALA F 93 -46.93 -20.23 -11.01
CA ALA F 93 -46.83 -19.12 -11.94
C ALA F 93 -45.56 -18.32 -11.71
N MET F 94 -45.18 -18.13 -10.44
CA MET F 94 -43.93 -17.43 -10.16
C MET F 94 -42.72 -18.28 -10.51
N SER F 95 -42.84 -19.61 -10.41
CA SER F 95 -41.78 -20.50 -10.86
C SER F 95 -41.58 -20.40 -12.36
N ARG F 96 -42.67 -20.42 -13.11
CA ARG F 96 -42.56 -20.26 -14.56
C ARG F 96 -42.09 -18.87 -14.94
N LEU F 97 -42.43 -17.85 -14.15
CA LEU F 97 -41.92 -16.51 -14.41
C LEU F 97 -40.42 -16.43 -14.20
N LEU F 98 -39.91 -17.11 -13.16
CA LEU F 98 -38.46 -17.12 -12.94
C LEU F 98 -37.74 -17.90 -14.02
N GLU F 99 -38.33 -19.01 -14.49
CA GLU F 99 -37.74 -19.76 -15.60
C GLU F 99 -37.71 -18.92 -16.87
N ILE F 100 -38.79 -18.16 -17.15
CA ILE F 100 -38.83 -17.35 -18.36
C ILE F 100 -37.84 -16.20 -18.28
N LYS F 101 -37.71 -15.57 -17.11
CA LYS F 101 -36.78 -14.43 -17.01
C LYS F 101 -35.32 -14.88 -17.07
N LEU F 102 -34.99 -16.00 -16.42
CA LEU F 102 -33.62 -16.48 -16.54
C LEU F 102 -33.34 -17.06 -17.92
N LYS F 103 -34.35 -17.60 -18.61
CA LYS F 103 -34.18 -18.01 -19.99
C LYS F 103 -34.00 -16.81 -20.92
N GLU F 104 -34.62 -15.68 -20.60
CA GLU F 104 -34.40 -14.47 -21.37
C GLU F 104 -33.02 -13.90 -21.11
N PHE F 105 -32.43 -14.18 -19.94
CA PHE F 105 -31.02 -13.94 -19.76
C PHE F 105 -30.20 -15.09 -20.37
N GLY F 106 -28.90 -15.11 -20.08
CA GLY F 106 -28.04 -16.08 -20.74
C GLY F 106 -28.22 -17.52 -20.28
N VAL F 107 -28.62 -17.71 -19.02
CA VAL F 107 -28.67 -19.03 -18.41
C VAL F 107 -29.95 -19.76 -18.81
N GLU F 108 -30.04 -21.04 -18.47
CA GLU F 108 -31.27 -21.79 -18.63
C GLU F 108 -31.39 -22.76 -17.47
N VAL F 109 -32.53 -22.74 -16.79
CA VAL F 109 -32.67 -23.43 -15.52
C VAL F 109 -34.15 -23.66 -15.25
N SER F 110 -34.47 -24.84 -14.71
CA SER F 110 -35.83 -25.22 -14.37
C SER F 110 -36.01 -25.21 -12.85
N VAL F 111 -37.21 -24.82 -12.42
CA VAL F 111 -37.52 -24.74 -11.00
C VAL F 111 -37.74 -26.15 -10.47
N ASP F 112 -36.91 -26.54 -9.49
CA ASP F 112 -37.05 -27.87 -8.90
C ASP F 112 -38.18 -27.91 -7.87
N SER F 113 -38.07 -27.11 -6.82
CA SER F 113 -39.05 -27.15 -5.74
C SER F 113 -39.28 -25.76 -5.20
N VAL F 114 -40.42 -25.58 -4.55
CA VAL F 114 -40.87 -24.29 -4.03
C VAL F 114 -41.06 -24.42 -2.53
N HIS F 115 -40.34 -23.61 -1.77
CA HIS F 115 -40.50 -23.58 -0.32
C HIS F 115 -41.06 -22.24 0.11
N PRO F 116 -42.29 -22.17 0.58
CA PRO F 116 -42.83 -20.89 1.06
C PRO F 116 -42.23 -20.52 2.41
N GLY F 117 -42.49 -19.28 2.81
CA GLY F 117 -41.95 -18.79 4.05
C GLY F 117 -42.67 -17.54 4.54
N PRO F 118 -42.30 -17.07 5.73
CA PRO F 118 -42.95 -15.88 6.29
C PRO F 118 -42.62 -14.62 5.52
N VAL F 119 -41.34 -14.40 5.25
CA VAL F 119 -40.86 -13.18 4.61
C VAL F 119 -40.42 -13.44 3.18
N ILE F 120 -39.64 -14.49 2.97
CA ILE F 120 -39.12 -14.80 1.64
C ILE F 120 -39.73 -16.11 1.16
N THR F 121 -39.37 -16.53 -0.05
CA THR F 121 -39.84 -17.79 -0.61
C THR F 121 -38.69 -18.40 -1.39
N ARG F 122 -38.04 -19.41 -0.82
CA ARG F 122 -36.90 -20.05 -1.47
C ARG F 122 -37.36 -20.86 -2.66
N PHE F 123 -36.81 -20.56 -3.83
CA PHE F 123 -36.99 -21.38 -5.02
C PHE F 123 -35.72 -22.19 -5.22
N GLU F 124 -35.78 -23.48 -4.94
CA GLU F 124 -34.70 -24.37 -5.31
C GLU F 124 -34.79 -24.63 -6.81
N ILE F 125 -33.75 -24.23 -7.55
CA ILE F 125 -33.72 -24.45 -8.98
C ILE F 125 -32.53 -25.33 -9.32
N GLN F 126 -32.73 -26.22 -10.29
CA GLN F 126 -31.69 -27.16 -10.71
C GLN F 126 -31.01 -26.60 -11.95
N PRO F 127 -29.78 -26.11 -11.85
CA PRO F 127 -29.09 -25.58 -13.03
C PRO F 127 -28.76 -26.68 -14.02
N ALA F 128 -28.75 -26.30 -15.29
CA ALA F 128 -28.53 -27.26 -16.36
C ALA F 128 -27.05 -27.58 -16.50
N ALA F 129 -26.67 -28.22 -17.59
CA ALA F 129 -25.28 -28.58 -17.80
C ALA F 129 -24.45 -27.35 -18.16
N GLY F 130 -23.29 -27.23 -17.54
CA GLY F 130 -22.32 -26.23 -17.90
C GLY F 130 -22.47 -24.88 -17.24
N VAL F 131 -23.66 -24.54 -16.77
CA VAL F 131 -23.90 -23.22 -16.20
C VAL F 131 -23.32 -23.16 -14.80
N LYS F 132 -22.55 -22.11 -14.53
CA LYS F 132 -21.87 -21.95 -13.26
C LYS F 132 -22.81 -21.28 -12.26
N VAL F 133 -22.28 -20.86 -11.13
CA VAL F 133 -23.09 -20.24 -10.08
C VAL F 133 -22.76 -18.76 -10.05
N SER F 134 -21.59 -18.40 -10.57
CA SER F 134 -21.27 -16.98 -10.72
C SER F 134 -22.16 -16.33 -11.76
N ARG F 135 -22.54 -17.07 -12.80
CA ARG F 135 -23.51 -16.59 -13.78
C ARG F 135 -24.94 -16.56 -13.26
N ILE F 136 -25.18 -16.98 -12.01
CA ILE F 136 -26.44 -16.70 -11.36
C ILE F 136 -26.27 -15.59 -10.32
N SER F 137 -25.13 -15.52 -9.64
CA SER F 137 -24.95 -14.53 -8.59
C SER F 137 -24.72 -13.12 -9.15
N ASN F 138 -24.05 -13.01 -10.29
CA ASN F 138 -23.70 -11.70 -10.82
C ASN F 138 -24.78 -11.13 -11.75
N LEU F 139 -26.02 -11.60 -11.63
CA LEU F 139 -27.12 -10.89 -12.29
C LEU F 139 -28.33 -10.83 -11.37
N ALA F 140 -28.11 -11.00 -10.06
CA ALA F 140 -29.20 -10.94 -9.09
C ALA F 140 -29.83 -9.55 -9.03
N LYS F 141 -29.05 -8.51 -9.32
CA LYS F 141 -29.59 -7.16 -9.38
C LYS F 141 -30.62 -7.03 -10.50
N ASP F 142 -30.28 -7.52 -11.68
CA ASP F 142 -31.17 -7.45 -12.82
C ASP F 142 -32.35 -8.41 -12.68
N LEU F 143 -32.13 -9.54 -12.01
CA LEU F 143 -33.22 -10.47 -11.76
C LEU F 143 -34.22 -9.89 -10.78
N ALA F 144 -33.73 -9.20 -9.75
CA ALA F 144 -34.62 -8.52 -8.81
C ALA F 144 -35.34 -7.36 -9.46
N ARG F 145 -34.72 -6.72 -10.45
CA ARG F 145 -35.42 -5.67 -11.20
C ARG F 145 -36.51 -6.27 -12.08
N SER F 146 -36.19 -7.34 -12.80
CA SER F 146 -37.13 -7.91 -13.76
C SER F 146 -38.26 -8.69 -13.11
N LEU F 147 -38.08 -9.15 -11.88
CA LEU F 147 -39.16 -9.82 -11.16
C LEU F 147 -40.02 -8.86 -10.35
N ALA F 148 -39.78 -7.54 -10.50
CA ALA F 148 -40.54 -6.47 -9.84
C ALA F 148 -40.50 -6.57 -8.31
N VAL F 149 -39.38 -7.03 -7.75
CA VAL F 149 -39.24 -7.13 -6.31
C VAL F 149 -38.15 -6.18 -5.87
N ILE F 150 -37.94 -6.05 -4.55
CA ILE F 150 -36.97 -5.10 -4.04
C ILE F 150 -35.54 -5.62 -4.20
N SER F 151 -35.27 -6.84 -3.76
CA SER F 151 -33.94 -7.43 -3.86
C SER F 151 -34.06 -8.94 -3.69
N VAL F 152 -33.34 -9.67 -4.54
CA VAL F 152 -33.35 -11.12 -4.50
C VAL F 152 -32.03 -11.57 -3.91
N ARG F 153 -31.97 -12.83 -3.49
CA ARG F 153 -30.77 -13.38 -2.87
C ARG F 153 -30.50 -14.76 -3.45
N VAL F 154 -29.26 -14.99 -3.87
CA VAL F 154 -28.85 -16.23 -4.49
C VAL F 154 -28.02 -17.02 -3.49
N VAL F 155 -28.58 -18.12 -3.01
CA VAL F 155 -27.85 -19.03 -2.13
C VAL F 155 -26.88 -19.84 -2.99
N GLU F 156 -25.58 -19.66 -2.77
CA GLU F 156 -24.60 -20.36 -3.59
C GLU F 156 -24.57 -21.85 -3.29
N VAL F 157 -24.94 -22.25 -2.08
CA VAL F 157 -24.91 -23.67 -1.73
C VAL F 157 -25.99 -24.02 -0.72
N ILE F 158 -26.84 -24.97 -1.08
CA ILE F 158 -27.75 -25.60 -0.13
C ILE F 158 -27.00 -26.79 0.45
N PRO F 159 -27.00 -26.99 1.77
CA PRO F 159 -26.24 -28.10 2.36
C PRO F 159 -26.85 -29.45 2.01
N GLY F 160 -26.08 -30.25 1.28
CA GLY F 160 -26.47 -31.61 1.00
C GLY F 160 -27.35 -31.82 -0.21
N LYS F 161 -27.51 -30.81 -1.06
CA LYS F 161 -28.29 -30.95 -2.28
C LYS F 161 -27.45 -30.51 -3.47
N THR F 162 -28.07 -30.55 -4.65
CA THR F 162 -27.41 -30.16 -5.89
C THR F 162 -27.92 -28.84 -6.44
N THR F 163 -28.99 -28.28 -5.87
CA THR F 163 -29.66 -27.15 -6.45
C THR F 163 -28.99 -25.85 -5.98
N VAL F 164 -29.57 -24.72 -6.39
CA VAL F 164 -29.06 -23.38 -6.05
C VAL F 164 -30.25 -22.57 -5.58
N GLY F 165 -30.19 -22.08 -4.34
CA GLY F 165 -31.34 -21.42 -3.76
C GLY F 165 -31.47 -19.97 -4.21
N ILE F 166 -32.65 -19.61 -4.70
CA ILE F 166 -33.02 -18.23 -4.95
C ILE F 166 -34.18 -17.89 -4.04
N GLU F 167 -34.03 -16.80 -3.28
CA GLU F 167 -35.02 -16.41 -2.27
C GLU F 167 -35.62 -15.07 -2.67
N ILE F 168 -36.91 -15.08 -2.96
CA ILE F 168 -37.63 -13.90 -3.43
C ILE F 168 -38.55 -13.42 -2.31
N PRO F 169 -38.60 -12.13 -2.01
CA PRO F 169 -39.56 -11.62 -1.03
C PRO F 169 -40.98 -11.74 -1.53
N ASN F 170 -41.92 -11.72 -0.59
CA ASN F 170 -43.33 -11.87 -0.93
C ASN F 170 -43.95 -10.50 -1.22
N GLU F 171 -45.26 -10.49 -1.47
CA GLU F 171 -45.98 -9.24 -1.60
C GLU F 171 -46.21 -8.61 -0.23
N ASP F 172 -46.90 -9.32 0.65
CA ASP F 172 -47.07 -8.90 2.03
C ASP F 172 -46.01 -9.56 2.90
N ARG F 173 -45.43 -8.77 3.81
CA ARG F 173 -44.31 -9.20 4.62
C ARG F 173 -44.75 -9.26 6.07
N GLN F 174 -45.05 -10.46 6.55
CA GLN F 174 -45.46 -10.61 7.94
C GLN F 174 -44.25 -10.52 8.86
N MET F 175 -44.44 -9.87 10.01
CA MET F 175 -43.40 -9.78 11.01
C MET F 175 -43.22 -11.11 11.74
N VAL F 176 -42.25 -11.12 12.65
CA VAL F 176 -41.92 -12.29 13.45
C VAL F 176 -42.28 -11.98 14.89
N ARG F 177 -43.21 -12.76 15.44
CA ARG F 177 -43.74 -12.47 16.76
C ARG F 177 -42.89 -13.15 17.83
N PHE F 178 -42.54 -12.39 18.87
CA PHE F 178 -41.55 -12.85 19.83
C PHE F 178 -42.12 -13.93 20.74
N SER F 179 -43.41 -13.86 21.06
CA SER F 179 -44.04 -14.95 21.78
C SER F 179 -44.15 -16.20 20.92
N GLU F 180 -44.34 -16.03 19.61
CA GLU F 180 -44.33 -17.17 18.70
C GLU F 180 -42.94 -17.78 18.57
N VAL F 181 -41.90 -17.00 18.83
CA VAL F 181 -40.56 -17.56 18.91
C VAL F 181 -40.36 -18.32 20.22
N LEU F 182 -40.75 -17.70 21.33
CA LEU F 182 -40.50 -18.31 22.64
C LEU F 182 -41.46 -19.44 22.98
N SER F 183 -42.50 -19.68 22.17
CA SER F 183 -43.41 -20.79 22.41
C SER F 183 -42.95 -22.09 21.77
N SER F 184 -41.68 -22.26 21.57
CA SER F 184 -41.04 -23.40 20.94
C SER F 184 -40.52 -24.37 21.98
N PRO F 185 -40.54 -25.67 21.69
CA PRO F 185 -39.95 -26.64 22.61
C PRO F 185 -38.44 -26.56 22.69
N GLU F 186 -37.77 -26.03 21.66
CA GLU F 186 -36.33 -25.83 21.70
C GLU F 186 -35.96 -24.84 22.80
N TYR F 187 -36.67 -23.72 22.86
CA TYR F 187 -36.41 -22.75 23.91
C TYR F 187 -36.95 -23.23 25.26
N ASP F 188 -38.13 -23.87 25.25
CA ASP F 188 -38.80 -24.18 26.50
C ASP F 188 -38.08 -25.28 27.26
N GLU F 189 -37.61 -26.31 26.56
CA GLU F 189 -36.88 -27.41 27.20
C GLU F 189 -35.38 -27.30 26.96
N HIS F 190 -34.87 -26.09 26.98
CA HIS F 190 -33.45 -25.86 26.73
C HIS F 190 -32.65 -26.12 27.99
N LYS F 191 -31.38 -26.50 27.81
CA LYS F 191 -30.56 -26.94 28.93
C LYS F 191 -29.80 -25.81 29.59
N SER F 192 -29.23 -24.89 28.81
CA SER F 192 -28.29 -23.91 29.34
C SER F 192 -29.00 -22.77 30.05
N THR F 193 -28.21 -21.81 30.52
CA THR F 193 -28.72 -20.68 31.30
C THR F 193 -28.71 -19.37 30.55
N VAL F 194 -28.05 -19.29 29.41
CA VAL F 194 -28.08 -18.08 28.59
C VAL F 194 -28.48 -18.39 27.15
N PRO F 195 -29.74 -18.74 26.88
CA PRO F 195 -30.15 -18.96 25.49
C PRO F 195 -30.41 -17.64 24.78
N LEU F 196 -30.33 -17.68 23.46
CA LEU F 196 -30.55 -16.50 22.62
C LEU F 196 -31.52 -16.88 21.51
N ALA F 197 -32.81 -16.63 21.73
CA ALA F 197 -33.80 -16.82 20.69
C ALA F 197 -33.67 -15.70 19.67
N LEU F 198 -33.44 -16.06 18.42
CA LEU F 198 -33.21 -15.08 17.38
C LEU F 198 -34.37 -14.92 16.41
N GLY F 199 -35.13 -15.98 16.19
CA GLY F 199 -36.29 -15.90 15.32
C GLY F 199 -36.40 -17.14 14.48
N HIS F 200 -37.21 -17.03 13.43
CA HIS F 200 -37.50 -18.17 12.58
C HIS F 200 -36.44 -18.34 11.50
N ASP F 201 -36.45 -19.51 10.88
CA ASP F 201 -35.75 -19.74 9.63
C ASP F 201 -36.55 -19.24 8.44
N ILE F 202 -36.17 -19.69 7.25
CA ILE F 202 -36.83 -19.29 6.02
C ILE F 202 -38.23 -19.87 5.84
N GLY F 203 -38.72 -20.69 6.79
CA GLY F 203 -40.03 -21.29 6.66
C GLY F 203 -40.86 -21.27 7.92
N GLY F 204 -40.35 -20.64 8.98
CA GLY F 204 -41.06 -20.56 10.24
C GLY F 204 -40.49 -21.41 11.35
N ARG F 205 -39.47 -22.22 11.07
CA ARG F 205 -38.85 -23.04 12.10
C ARG F 205 -37.98 -22.15 12.98
N PRO F 206 -38.23 -22.08 14.28
CA PRO F 206 -37.51 -21.12 15.11
C PRO F 206 -36.08 -21.54 15.39
N ILE F 207 -35.17 -20.57 15.33
CA ILE F 207 -33.78 -20.75 15.71
C ILE F 207 -33.62 -20.28 17.14
N ILE F 208 -33.10 -21.15 17.99
CA ILE F 208 -32.72 -20.79 19.34
C ILE F 208 -31.28 -21.23 19.52
N THR F 209 -30.38 -20.28 19.59
CA THR F 209 -28.97 -20.54 19.76
C THR F 209 -28.65 -20.62 21.24
N ASP F 210 -27.37 -20.58 21.58
CA ASP F 210 -26.94 -20.76 22.96
C ASP F 210 -25.64 -20.00 23.13
N LEU F 211 -25.63 -19.00 24.00
CA LEU F 211 -24.49 -18.12 24.12
C LEU F 211 -23.29 -18.80 24.79
N ALA F 212 -23.53 -19.80 25.62
CA ALA F 212 -22.43 -20.59 26.19
C ALA F 212 -21.82 -21.56 25.20
N LYS F 213 -22.27 -21.56 23.94
CA LYS F 213 -21.66 -22.35 22.88
C LYS F 213 -21.05 -21.50 21.78
N MET F 214 -21.25 -20.19 21.78
CA MET F 214 -20.75 -19.39 20.66
C MET F 214 -19.24 -19.18 20.71
N PRO F 215 -18.63 -18.68 21.80
CA PRO F 215 -19.01 -18.10 23.10
C PRO F 215 -19.10 -16.59 23.06
N HIS F 216 -18.99 -15.99 21.88
CA HIS F 216 -19.04 -14.53 21.75
C HIS F 216 -19.80 -14.21 20.47
N LEU F 217 -20.11 -12.93 20.27
CA LEU F 217 -21.07 -12.60 19.22
C LEU F 217 -20.87 -11.20 18.69
N LEU F 218 -20.60 -11.08 17.40
CA LEU F 218 -20.61 -9.79 16.71
C LEU F 218 -21.96 -9.54 16.08
N VAL F 219 -22.34 -8.26 16.03
CA VAL F 219 -23.56 -7.81 15.38
C VAL F 219 -23.22 -6.52 14.65
N ALA F 220 -23.56 -6.43 13.37
CA ALA F 220 -23.40 -5.17 12.66
C ALA F 220 -24.55 -5.01 11.68
N GLY F 221 -24.42 -4.04 10.79
CA GLY F 221 -25.48 -3.70 9.86
C GLY F 221 -25.83 -2.24 10.02
N THR F 222 -26.26 -1.62 8.93
CA THR F 222 -26.51 -0.18 8.92
C THR F 222 -27.81 0.13 9.65
N THR F 223 -28.07 1.43 9.81
CA THR F 223 -29.23 1.88 10.55
C THR F 223 -30.52 1.59 9.78
N GLY F 224 -31.62 1.51 10.53
CA GLY F 224 -32.88 1.13 9.95
C GLY F 224 -32.99 -0.33 9.61
N SER F 225 -32.16 -1.17 10.22
CA SER F 225 -32.17 -2.60 9.96
C SER F 225 -32.46 -3.45 11.17
N GLY F 226 -32.42 -2.90 12.37
CA GLY F 226 -32.87 -3.64 13.54
C GLY F 226 -31.79 -4.18 14.44
N LYS F 227 -30.69 -3.44 14.56
CA LYS F 227 -29.58 -3.87 15.41
C LYS F 227 -29.98 -3.82 16.89
N SER F 228 -30.54 -2.70 17.32
CA SER F 228 -30.97 -2.59 18.71
C SER F 228 -32.16 -3.48 19.01
N VAL F 229 -32.99 -3.77 18.01
CA VAL F 229 -34.10 -4.70 18.21
C VAL F 229 -33.57 -6.12 18.38
N GLY F 230 -32.53 -6.47 17.64
CA GLY F 230 -31.91 -7.78 17.84
C GLY F 230 -31.24 -7.91 19.19
N VAL F 231 -30.59 -6.84 19.66
CA VAL F 231 -29.95 -6.87 20.97
C VAL F 231 -31.01 -6.96 22.07
N ASN F 232 -32.15 -6.29 21.89
CA ASN F 232 -33.23 -6.40 22.86
C ASN F 232 -33.88 -7.79 22.83
N ALA F 233 -33.92 -8.43 21.67
CA ALA F 233 -34.42 -9.80 21.60
C ALA F 233 -33.50 -10.76 22.32
N MET F 234 -32.19 -10.56 22.19
CA MET F 234 -31.22 -11.38 22.91
C MET F 234 -31.32 -11.18 24.41
N LEU F 235 -31.50 -9.92 24.84
CA LEU F 235 -31.56 -9.66 26.28
C LEU F 235 -32.86 -10.15 26.89
N LEU F 236 -33.97 -10.10 26.17
CA LEU F 236 -35.18 -10.73 26.69
C LEU F 236 -35.09 -12.24 26.65
N SER F 237 -34.31 -12.80 25.71
CA SER F 237 -34.06 -14.23 25.74
C SER F 237 -33.29 -14.63 26.98
N ILE F 238 -32.38 -13.77 27.43
CA ILE F 238 -31.70 -14.00 28.72
C ILE F 238 -32.69 -13.88 29.87
N LEU F 239 -33.48 -12.80 29.87
CA LEU F 239 -34.29 -12.46 31.03
C LEU F 239 -35.52 -13.33 31.22
N PHE F 240 -35.98 -14.05 30.20
CA PHE F 240 -37.14 -14.90 30.45
C PHE F 240 -36.81 -16.26 31.04
N LYS F 241 -35.54 -16.63 31.19
CA LYS F 241 -35.22 -17.97 31.67
C LYS F 241 -34.46 -17.97 32.98
N SER F 242 -33.43 -17.14 33.13
CA SER F 242 -32.52 -17.28 34.24
C SER F 242 -32.80 -16.28 35.36
N THR F 243 -32.58 -16.75 36.58
CA THR F 243 -32.57 -15.93 37.78
C THR F 243 -31.29 -15.10 37.83
N PRO F 244 -31.23 -14.05 38.66
CA PRO F 244 -29.96 -13.33 38.83
C PRO F 244 -28.87 -14.12 39.53
N SER F 245 -29.18 -15.28 40.09
CA SER F 245 -28.17 -16.19 40.60
C SER F 245 -27.50 -17.00 39.51
N GLU F 246 -27.91 -16.87 38.26
CA GLU F 246 -27.33 -17.65 37.17
C GLU F 246 -26.77 -16.80 36.04
N ALA F 247 -27.44 -15.72 35.66
CA ALA F 247 -27.02 -14.93 34.49
C ALA F 247 -27.07 -13.46 34.86
N ARG F 248 -25.93 -12.93 35.29
CA ARG F 248 -25.83 -11.57 35.79
C ARG F 248 -25.20 -10.71 34.71
N LEU F 249 -25.91 -9.67 34.30
CA LEU F 249 -25.56 -8.90 33.10
C LEU F 249 -24.64 -7.73 33.43
N ILE F 250 -23.98 -7.24 32.38
CA ILE F 250 -23.30 -5.95 32.38
C ILE F 250 -23.65 -5.26 31.08
N MET F 251 -24.21 -4.07 31.15
CA MET F 251 -24.65 -3.35 29.95
C MET F 251 -23.85 -2.08 29.77
N ILE F 252 -23.25 -1.93 28.61
CA ILE F 252 -22.41 -0.78 28.31
C ILE F 252 -23.06 -0.09 27.11
N ASP F 253 -23.94 0.86 27.38
CA ASP F 253 -24.59 1.60 26.30
C ASP F 253 -23.90 2.93 26.12
N PRO F 254 -23.15 3.12 25.03
CA PRO F 254 -22.43 4.39 24.86
C PRO F 254 -23.33 5.56 24.54
N LYS F 255 -24.50 5.30 23.97
CA LYS F 255 -25.56 6.30 23.90
C LYS F 255 -26.44 6.17 25.13
N MET F 256 -27.35 7.11 25.31
CA MET F 256 -28.36 6.98 26.34
C MET F 256 -29.67 6.51 25.73
N LEU F 257 -29.65 6.13 24.46
CA LEU F 257 -30.88 5.99 23.69
C LEU F 257 -31.57 4.66 23.95
N GLU F 258 -30.88 3.54 23.68
CA GLU F 258 -31.57 2.25 23.58
C GLU F 258 -31.54 1.43 24.85
N LEU F 259 -30.36 1.13 25.38
CA LEU F 259 -30.27 0.19 26.49
C LEU F 259 -30.49 0.83 27.85
N SER F 260 -30.93 2.09 27.87
CA SER F 260 -31.19 2.76 29.13
C SER F 260 -32.47 2.27 29.81
N ILE F 261 -33.34 1.57 29.08
CA ILE F 261 -34.63 1.15 29.60
C ILE F 261 -34.48 0.00 30.60
N TYR F 262 -33.35 -0.70 30.57
CA TYR F 262 -33.12 -1.89 31.38
C TYR F 262 -32.69 -1.59 32.82
N GLU F 263 -32.86 -0.36 33.29
CA GLU F 263 -32.52 -0.02 34.66
C GLU F 263 -33.47 -0.67 35.67
N GLY F 264 -32.92 -1.00 36.83
CA GLY F 264 -33.69 -1.44 37.96
C GLY F 264 -33.68 -2.93 38.21
N ILE F 265 -33.45 -3.74 37.19
CA ILE F 265 -33.56 -5.20 37.29
C ILE F 265 -32.42 -5.74 38.13
N PRO F 266 -32.63 -6.84 38.87
CA PRO F 266 -31.53 -7.41 39.67
C PRO F 266 -30.50 -8.17 38.86
N HIS F 267 -30.69 -8.33 37.56
CA HIS F 267 -29.70 -9.02 36.73
C HIS F 267 -28.50 -8.15 36.38
N LEU F 268 -28.42 -6.92 36.85
CA LEU F 268 -27.30 -6.07 36.49
C LEU F 268 -26.20 -6.13 37.55
N LEU F 269 -25.04 -5.60 37.19
CA LEU F 269 -23.94 -5.39 38.12
C LEU F 269 -23.66 -3.93 38.39
N CYS F 270 -24.01 -3.06 37.47
CA CYS F 270 -23.72 -1.64 37.55
C CYS F 270 -24.89 -0.90 36.93
N PRO F 271 -25.01 0.41 37.20
CA PRO F 271 -25.85 1.24 36.34
C PRO F 271 -25.28 1.23 34.93
N VAL F 272 -26.19 1.39 33.95
CA VAL F 272 -25.87 1.18 32.54
C VAL F 272 -24.82 2.17 32.07
N VAL F 273 -23.64 1.64 31.75
CA VAL F 273 -22.43 2.44 31.61
C VAL F 273 -22.50 3.27 30.35
N THR F 274 -22.33 4.58 30.51
CA THR F 274 -22.41 5.53 29.40
C THR F 274 -21.07 6.10 29.00
N ASP F 275 -20.33 6.67 29.95
CA ASP F 275 -19.07 7.33 29.61
C ASP F 275 -17.97 6.29 29.38
N MET F 276 -16.99 6.68 28.57
CA MET F 276 -15.99 5.72 28.08
C MET F 276 -14.94 5.38 29.10
N LYS F 277 -14.62 6.29 30.03
CA LYS F 277 -13.75 5.94 31.14
C LYS F 277 -14.38 4.86 32.00
N GLU F 278 -15.70 4.97 32.20
CA GLU F 278 -16.42 3.93 32.92
C GLU F 278 -16.54 2.65 32.10
N ALA F 279 -16.57 2.75 30.78
CA ALA F 279 -16.57 1.55 29.94
C ALA F 279 -15.24 0.81 30.04
N ALA F 280 -14.14 1.53 30.00
CA ALA F 280 -12.82 0.91 30.18
C ALA F 280 -12.67 0.35 31.59
N ASN F 281 -13.26 1.01 32.59
CA ASN F 281 -13.23 0.47 33.96
C ASN F 281 -14.05 -0.81 34.06
N ALA F 282 -15.17 -0.88 33.36
CA ALA F 282 -15.99 -2.09 33.38
C ALA F 282 -15.29 -3.24 32.69
N LEU F 283 -14.58 -2.95 31.60
CA LEU F 283 -13.84 -4.01 30.92
C LEU F 283 -12.65 -4.47 31.76
N ARG F 284 -12.00 -3.57 32.49
CA ARG F 284 -10.90 -4.00 33.36
C ARG F 284 -11.40 -4.79 34.56
N TRP F 285 -12.59 -4.44 35.09
CA TRP F 285 -13.17 -5.27 36.13
C TRP F 285 -13.58 -6.63 35.60
N SER F 286 -14.01 -6.71 34.33
CA SER F 286 -14.32 -8.00 33.72
C SER F 286 -13.05 -8.85 33.55
N VAL F 287 -11.93 -8.21 33.21
CA VAL F 287 -10.64 -8.90 33.19
C VAL F 287 -10.30 -9.44 34.58
N ALA F 288 -10.54 -8.65 35.63
CA ALA F 288 -10.24 -9.08 36.99
C ALA F 288 -11.14 -10.23 37.43
N GLU F 289 -12.42 -10.19 37.05
CA GLU F 289 -13.33 -11.29 37.36
C GLU F 289 -12.93 -12.56 36.63
N MET F 290 -12.50 -12.43 35.37
CA MET F 290 -12.00 -13.58 34.62
C MET F 290 -10.79 -14.18 35.28
N GLU F 291 -9.85 -13.34 35.75
CA GLU F 291 -8.64 -13.86 36.36
C GLU F 291 -8.92 -14.52 37.69
N ARG F 292 -9.82 -13.96 38.50
CA ARG F 292 -10.10 -14.61 39.78
C ARG F 292 -10.91 -15.89 39.60
N ARG F 293 -11.76 -15.97 38.56
CA ARG F 293 -12.44 -17.24 38.31
C ARG F 293 -11.49 -18.29 37.77
N TYR F 294 -10.52 -17.89 36.94
CA TYR F 294 -9.51 -18.85 36.49
C TYR F 294 -8.62 -19.31 37.64
N ARG F 295 -8.28 -18.42 38.56
CA ARG F 295 -7.49 -18.85 39.71
C ARG F 295 -8.29 -19.75 40.65
N LEU F 296 -9.59 -19.50 40.77
CA LEU F 296 -10.41 -20.33 41.64
C LEU F 296 -10.65 -21.71 41.04
N MET F 297 -10.88 -21.78 39.72
CA MET F 297 -11.00 -23.08 39.08
C MET F 297 -9.66 -23.76 38.92
N ALA F 298 -8.55 -23.03 38.99
CA ALA F 298 -7.24 -23.66 39.05
C ALA F 298 -7.00 -24.29 40.40
N ALA F 299 -7.46 -23.63 41.47
CA ALA F 299 -7.32 -24.21 42.80
C ALA F 299 -8.23 -25.42 42.98
N MET F 300 -9.42 -25.39 42.39
CA MET F 300 -10.33 -26.52 42.52
C MET F 300 -10.23 -27.53 41.39
N GLY F 301 -9.35 -27.31 40.42
CA GLY F 301 -9.04 -28.32 39.41
C GLY F 301 -10.12 -28.60 38.39
N VAL F 302 -11.09 -27.70 38.22
CA VAL F 302 -12.24 -27.94 37.38
C VAL F 302 -12.12 -27.12 36.12
N ARG F 303 -12.34 -27.75 34.96
CA ARG F 303 -12.05 -27.11 33.68
C ARG F 303 -13.08 -26.02 33.33
N ASN F 304 -14.37 -26.30 33.50
CA ASN F 304 -15.40 -25.37 33.05
C ASN F 304 -16.36 -25.01 34.18
N LEU F 305 -17.09 -23.92 33.94
CA LEU F 305 -17.98 -23.36 34.95
C LEU F 305 -19.17 -24.26 35.24
N ALA F 306 -19.63 -25.03 34.25
CA ALA F 306 -20.74 -25.95 34.49
C ALA F 306 -20.32 -27.07 35.43
N GLY F 307 -19.12 -27.61 35.24
CA GLY F 307 -18.58 -28.58 36.18
C GLY F 307 -18.31 -27.97 37.54
N PHE F 308 -17.91 -26.69 37.58
CA PHE F 308 -17.73 -26.02 38.86
C PHE F 308 -19.03 -25.85 39.62
N ASN F 309 -20.12 -25.51 38.92
CA ASN F 309 -21.39 -25.36 39.60
C ASN F 309 -21.96 -26.70 40.03
N ARG F 310 -21.72 -27.76 39.24
CA ARG F 310 -22.08 -29.11 39.68
C ARG F 310 -21.31 -29.49 40.94
N LYS F 311 -20.01 -29.16 40.98
CA LYS F 311 -19.18 -29.48 42.14
C LYS F 311 -19.63 -28.73 43.39
N VAL F 312 -19.88 -27.44 43.26
CA VAL F 312 -20.23 -26.66 44.44
C VAL F 312 -21.66 -26.96 44.88
N LYS F 313 -22.54 -27.35 43.94
CA LYS F 313 -23.89 -27.72 44.33
C LYS F 313 -23.90 -29.06 45.04
N ASP F 314 -23.10 -30.03 44.56
CA ASP F 314 -23.00 -31.31 45.24
C ASP F 314 -22.29 -31.16 46.59
N ALA F 315 -21.35 -30.24 46.72
CA ALA F 315 -20.69 -30.03 48.01
C ALA F 315 -21.64 -29.36 49.00
N GLU F 316 -22.47 -28.42 48.54
CA GLU F 316 -23.40 -27.78 49.46
C GLU F 316 -24.55 -28.71 49.83
N GLU F 317 -24.96 -29.59 48.91
CA GLU F 317 -25.99 -30.56 49.25
C GLU F 317 -25.44 -31.79 49.96
N ALA F 318 -24.11 -31.95 50.02
CA ALA F 318 -23.52 -33.04 50.78
C ALA F 318 -23.33 -32.70 52.25
N GLY F 319 -23.73 -31.51 52.67
CA GLY F 319 -23.59 -31.09 54.05
C GLY F 319 -22.27 -30.47 54.42
N THR F 320 -21.29 -30.53 53.52
CA THR F 320 -19.97 -29.95 53.76
C THR F 320 -19.64 -29.04 52.57
N PRO F 321 -20.00 -27.76 52.65
CA PRO F 321 -19.70 -26.86 51.54
C PRO F 321 -18.23 -26.49 51.50
N LEU F 322 -17.80 -25.96 50.36
CA LEU F 322 -16.40 -25.71 50.09
C LEU F 322 -15.95 -24.43 50.78
N THR F 323 -14.72 -23.99 50.48
CA THR F 323 -14.07 -22.94 51.23
C THR F 323 -13.34 -21.98 50.30
N ASP F 324 -12.86 -20.89 50.88
CA ASP F 324 -12.07 -19.89 50.18
C ASP F 324 -10.75 -20.49 49.75
N PRO F 325 -10.42 -20.48 48.45
CA PRO F 325 -9.10 -20.97 48.04
C PRO F 325 -7.98 -20.00 48.35
N LEU F 326 -8.23 -18.71 48.33
CA LEU F 326 -7.21 -17.72 48.63
C LEU F 326 -7.68 -16.74 49.69
N PRO F 337 -14.46 -18.27 54.88
CA PRO F 337 -15.80 -18.04 54.35
C PRO F 337 -16.30 -19.18 53.46
N GLN F 338 -17.38 -18.94 52.73
CA GLN F 338 -18.09 -19.97 51.99
C GLN F 338 -18.39 -19.48 50.58
N LEU F 339 -18.11 -20.33 49.59
CA LEU F 339 -18.39 -20.00 48.20
C LEU F 339 -19.78 -20.50 47.81
N SER F 340 -20.36 -19.83 46.81
CA SER F 340 -21.65 -20.25 46.27
C SER F 340 -21.57 -20.38 44.75
N THR F 341 -22.72 -20.56 44.11
CA THR F 341 -22.74 -20.78 42.67
C THR F 341 -22.44 -19.48 41.92
N LEU F 342 -21.44 -19.53 41.05
CA LEU F 342 -21.11 -18.34 40.29
C LEU F 342 -22.12 -18.12 39.16
N PRO F 343 -22.42 -16.88 38.84
CA PRO F 343 -23.33 -16.61 37.72
C PRO F 343 -22.60 -16.58 36.40
N THR F 344 -23.33 -16.41 35.31
CA THR F 344 -22.76 -16.33 33.97
C THR F 344 -22.81 -14.87 33.52
N ILE F 345 -21.66 -14.23 33.48
CA ILE F 345 -21.59 -12.80 33.16
C ILE F 345 -21.73 -12.62 31.66
N VAL F 346 -22.72 -11.85 31.25
CA VAL F 346 -22.91 -11.51 29.84
C VAL F 346 -22.74 -10.01 29.70
N VAL F 347 -21.75 -9.59 28.92
CA VAL F 347 -21.39 -8.18 28.80
C VAL F 347 -21.83 -7.73 27.42
N VAL F 348 -22.96 -7.04 27.33
CA VAL F 348 -23.39 -6.52 26.04
C VAL F 348 -22.70 -5.18 25.81
N VAL F 349 -22.45 -4.88 24.54
CA VAL F 349 -21.87 -3.61 24.12
C VAL F 349 -22.68 -3.13 22.92
N ASP F 350 -23.11 -1.87 22.95
CA ASP F 350 -24.00 -1.39 21.91
C ASP F 350 -23.29 -0.70 20.76
N GLU F 351 -22.24 0.08 21.01
CA GLU F 351 -21.45 0.63 19.91
C GLU F 351 -19.97 0.65 20.30
N PHE F 352 -19.28 -0.45 20.02
CA PHE F 352 -17.87 -0.45 20.32
C PHE F 352 -17.06 0.28 19.26
N ALA F 353 -17.70 0.66 18.14
CA ALA F 353 -17.11 1.64 17.23
C ALA F 353 -16.83 2.95 17.94
N ASP F 354 -17.87 3.53 18.56
CA ASP F 354 -17.69 4.78 19.30
C ASP F 354 -16.84 4.59 20.55
N MET F 355 -16.91 3.40 21.18
CA MET F 355 -16.05 3.13 22.33
C MET F 355 -14.58 3.15 21.95
N MET F 356 -14.23 2.43 20.87
CA MET F 356 -12.86 2.42 20.36
C MET F 356 -12.45 3.80 19.89
N MET F 357 -13.39 4.54 19.28
CA MET F 357 -13.16 5.90 18.80
C MET F 357 -12.71 6.84 19.93
N ILE F 358 -13.46 6.84 21.04
CA ILE F 358 -13.09 7.77 22.10
C ILE F 358 -11.86 7.29 22.85
N VAL F 359 -11.75 5.99 23.14
CA VAL F 359 -10.64 5.58 23.99
C VAL F 359 -9.35 5.34 23.21
N GLY F 360 -9.35 4.38 22.28
CA GLY F 360 -8.10 4.04 21.63
C GLY F 360 -7.93 2.54 21.55
N LYS F 361 -6.69 2.11 21.34
CA LYS F 361 -6.38 0.71 21.13
C LYS F 361 -6.40 -0.11 22.42
N LYS F 362 -6.49 0.52 23.59
CA LYS F 362 -6.55 -0.21 24.85
C LYS F 362 -7.86 -1.00 24.96
N VAL F 363 -8.96 -0.43 24.48
CA VAL F 363 -10.23 -1.14 24.47
C VAL F 363 -10.16 -2.32 23.50
N GLU F 364 -9.50 -2.14 22.35
CA GLU F 364 -9.33 -3.25 21.41
C GLU F 364 -8.51 -4.37 22.02
N GLU F 365 -7.47 -4.03 22.78
CA GLU F 365 -6.67 -5.05 23.44
C GLU F 365 -7.43 -5.74 24.56
N LEU F 366 -8.30 -5.01 25.29
CA LEU F 366 -9.11 -5.65 26.32
C LEU F 366 -10.14 -6.60 25.73
N ILE F 367 -10.80 -6.19 24.65
CA ILE F 367 -11.78 -7.06 23.99
C ILE F 367 -11.09 -8.27 23.38
N ALA F 368 -9.86 -8.10 22.86
CA ALA F 368 -9.11 -9.23 22.35
C ALA F 368 -8.70 -10.19 23.48
N ARG F 369 -8.36 -9.66 24.65
CA ARG F 369 -8.01 -10.50 25.79
C ARG F 369 -9.20 -11.31 26.29
N ILE F 370 -10.37 -10.65 26.41
CA ILE F 370 -11.56 -11.33 26.89
C ILE F 370 -12.04 -12.36 25.87
N ALA F 371 -12.07 -12.00 24.59
CA ALA F 371 -12.46 -12.95 23.56
C ALA F 371 -11.45 -14.07 23.36
N GLN F 372 -10.20 -13.85 23.79
CA GLN F 372 -9.21 -14.92 23.78
C GLN F 372 -9.44 -15.91 24.90
N LYS F 373 -9.67 -15.44 26.13
CA LYS F 373 -9.59 -16.33 27.27
C LYS F 373 -10.93 -16.71 27.88
N ALA F 374 -11.92 -15.83 27.90
CA ALA F 374 -13.02 -15.88 28.86
C ALA F 374 -14.11 -16.90 28.54
N ARG F 375 -13.86 -17.92 27.72
CA ARG F 375 -14.92 -18.90 27.47
C ARG F 375 -15.19 -19.75 28.71
N ALA F 376 -14.15 -20.27 29.34
CA ALA F 376 -14.34 -21.17 30.47
C ALA F 376 -14.78 -20.44 31.73
N ALA F 377 -14.59 -19.12 31.79
CA ALA F 377 -14.92 -18.37 32.99
C ALA F 377 -16.32 -17.77 32.94
N GLY F 378 -17.11 -18.08 31.91
CA GLY F 378 -18.48 -17.62 31.86
C GLY F 378 -18.70 -16.21 31.37
N ILE F 379 -17.65 -15.43 31.15
CA ILE F 379 -17.80 -14.08 30.64
C ILE F 379 -18.06 -14.16 29.13
N HIS F 380 -19.20 -13.64 28.70
CA HIS F 380 -19.62 -13.67 27.31
C HIS F 380 -19.87 -12.25 26.83
N LEU F 381 -19.72 -12.03 25.52
CA LEU F 381 -19.90 -10.72 24.94
C LEU F 381 -21.00 -10.74 23.87
N ILE F 382 -21.76 -9.66 23.82
CA ILE F 382 -22.68 -9.39 22.72
C ILE F 382 -22.22 -8.06 22.14
N LEU F 383 -21.36 -8.10 21.14
CA LEU F 383 -20.92 -6.85 20.56
C LEU F 383 -21.96 -6.33 19.56
N ALA F 384 -21.85 -5.06 19.23
CA ALA F 384 -22.76 -4.43 18.28
C ALA F 384 -22.08 -3.19 17.74
N THR F 385 -22.23 -2.94 16.43
CA THR F 385 -21.63 -1.78 15.81
C THR F 385 -22.43 -1.35 14.59
N GLN F 386 -22.36 -0.06 14.29
CA GLN F 386 -22.98 0.42 13.06
C GLN F 386 -22.05 0.26 11.86
N ARG F 387 -20.79 0.68 12.01
CA ARG F 387 -19.82 0.64 10.91
C ARG F 387 -19.25 -0.76 10.74
N PRO F 388 -19.39 -1.38 9.58
CA PRO F 388 -18.73 -2.66 9.31
C PRO F 388 -17.35 -2.47 8.66
N SER F 389 -16.51 -1.65 9.26
CA SER F 389 -15.26 -1.28 8.64
C SER F 389 -14.08 -1.95 9.33
N VAL F 390 -12.91 -1.83 8.71
CA VAL F 390 -11.69 -2.40 9.25
C VAL F 390 -11.21 -1.63 10.46
N ASP F 391 -11.57 -0.36 10.58
CA ASP F 391 -11.24 0.44 11.76
C ASP F 391 -11.94 -0.06 13.02
N VAL F 392 -13.06 -0.76 12.87
CA VAL F 392 -13.88 -1.17 14.00
C VAL F 392 -13.78 -2.67 14.25
N ILE F 393 -14.18 -3.48 13.27
CA ILE F 393 -14.11 -4.94 13.39
C ILE F 393 -12.75 -5.32 12.83
N THR F 394 -11.73 -5.25 13.68
CA THR F 394 -10.36 -5.50 13.26
C THR F 394 -10.09 -7.00 13.16
N GLY F 395 -8.88 -7.32 12.71
CA GLY F 395 -8.49 -8.73 12.63
C GLY F 395 -8.34 -9.38 13.98
N LEU F 396 -7.94 -8.60 14.99
CA LEU F 396 -7.84 -9.12 16.35
C LEU F 396 -9.21 -9.49 16.90
N ILE F 397 -10.25 -8.77 16.50
CA ILE F 397 -11.59 -9.10 16.95
C ILE F 397 -12.16 -10.24 16.12
N LYS F 398 -11.85 -10.27 14.82
CA LYS F 398 -12.37 -11.33 13.96
C LYS F 398 -11.76 -12.69 14.25
N ALA F 399 -10.50 -12.74 14.68
CA ALA F 399 -9.86 -14.03 14.86
C ALA F 399 -10.32 -14.74 16.12
N ASN F 400 -10.83 -14.01 17.11
CA ASN F 400 -11.17 -14.61 18.39
C ASN F 400 -12.68 -14.78 18.60
N ILE F 401 -13.51 -14.09 17.83
CA ILE F 401 -14.96 -14.24 17.93
C ILE F 401 -15.45 -14.91 16.65
N PRO F 402 -15.80 -16.20 16.69
CA PRO F 402 -16.16 -16.91 15.47
C PRO F 402 -17.64 -16.96 15.14
N THR F 403 -18.51 -16.38 15.95
CA THR F 403 -19.94 -16.39 15.70
C THR F 403 -20.40 -14.99 15.34
N ARG F 404 -20.99 -14.84 14.16
CA ARG F 404 -21.31 -13.52 13.63
C ARG F 404 -22.79 -13.42 13.29
N ILE F 405 -23.37 -12.27 13.60
CA ILE F 405 -24.69 -11.89 13.11
C ILE F 405 -24.48 -10.77 12.12
N ALA F 406 -25.04 -10.90 10.93
CA ALA F 406 -24.94 -9.88 9.90
C ALA F 406 -26.34 -9.45 9.49
N PHE F 407 -26.70 -8.23 9.84
CA PHE F 407 -27.92 -7.61 9.33
C PHE F 407 -27.66 -7.07 7.92
N GLN F 408 -28.56 -6.22 7.43
CA GLN F 408 -28.35 -5.60 6.13
C GLN F 408 -27.18 -4.62 6.20
N VAL F 409 -26.18 -4.83 5.37
CA VAL F 409 -25.05 -3.92 5.29
C VAL F 409 -25.09 -3.23 3.95
N SER F 410 -24.15 -2.32 3.71
CA SER F 410 -24.21 -1.48 2.53
C SER F 410 -23.82 -2.24 1.27
N SER F 411 -22.71 -2.98 1.33
CA SER F 411 -22.13 -3.51 0.10
C SER F 411 -21.32 -4.76 0.38
N LYS F 412 -20.72 -5.29 -0.68
CA LYS F 412 -20.00 -6.55 -0.62
C LYS F 412 -18.73 -6.43 0.20
N ILE F 413 -18.12 -5.24 0.25
CA ILE F 413 -16.93 -5.03 1.06
C ILE F 413 -17.29 -5.12 2.55
N ASP F 414 -18.44 -4.55 2.93
CA ASP F 414 -18.89 -4.66 4.31
C ASP F 414 -19.29 -6.09 4.66
N SER F 415 -19.88 -6.80 3.69
CA SER F 415 -20.21 -8.21 3.90
C SER F 415 -18.96 -9.06 4.07
N ARG F 416 -17.90 -8.76 3.31
CA ARG F 416 -16.64 -9.49 3.50
C ARG F 416 -15.99 -9.15 4.82
N THR F 417 -16.12 -7.90 5.27
CA THR F 417 -15.55 -7.51 6.56
C THR F 417 -16.24 -8.24 7.70
N ILE F 418 -17.55 -8.45 7.59
CA ILE F 418 -18.24 -9.09 8.71
C ILE F 418 -18.25 -10.62 8.62
N LEU F 419 -18.31 -11.22 7.43
CA LEU F 419 -18.50 -12.66 7.31
C LEU F 419 -17.43 -13.36 6.48
N ASP F 420 -16.37 -12.65 6.08
CA ASP F 420 -15.32 -13.12 5.16
C ASP F 420 -15.85 -13.63 3.83
N GLN F 421 -17.05 -13.22 3.43
CA GLN F 421 -17.70 -13.63 2.19
C GLN F 421 -18.86 -12.70 1.92
N GLY F 422 -19.35 -12.73 0.69
CA GLY F 422 -20.49 -11.92 0.31
C GLY F 422 -21.79 -12.49 0.81
N GLY F 423 -22.88 -11.87 0.36
CA GLY F 423 -24.20 -12.37 0.62
C GLY F 423 -24.98 -11.63 1.70
N ALA F 424 -24.35 -10.71 2.42
CA ALA F 424 -25.07 -9.97 3.44
C ALA F 424 -25.77 -8.72 2.90
N GLU F 425 -25.33 -8.22 1.75
CA GLU F 425 -25.94 -7.01 1.20
C GLU F 425 -27.28 -7.27 0.55
N GLN F 426 -27.63 -8.53 0.30
CA GLN F 426 -28.83 -8.88 -0.44
C GLN F 426 -30.06 -8.98 0.45
N LEU F 427 -29.95 -8.61 1.72
CA LEU F 427 -31.04 -8.79 2.67
C LEU F 427 -32.09 -7.71 2.48
N LEU F 428 -33.02 -7.62 3.43
CA LEU F 428 -34.15 -6.71 3.32
C LEU F 428 -34.15 -5.62 4.39
N GLY F 429 -33.53 -5.87 5.53
CA GLY F 429 -33.61 -4.95 6.64
C GLY F 429 -34.87 -5.16 7.46
N HIS F 430 -34.94 -4.39 8.54
CA HIS F 430 -36.00 -4.45 9.55
C HIS F 430 -36.12 -5.86 10.12
N GLY F 431 -35.01 -6.36 10.65
CA GLY F 431 -34.99 -7.62 11.34
C GLY F 431 -34.64 -8.83 10.51
N ASP F 432 -33.75 -8.70 9.54
CA ASP F 432 -33.43 -9.80 8.64
C ASP F 432 -31.92 -9.98 8.68
N MET F 433 -31.47 -11.08 9.28
CA MET F 433 -30.05 -11.27 9.55
C MET F 433 -29.53 -12.54 8.92
N LEU F 434 -28.21 -12.67 8.87
CA LEU F 434 -27.53 -13.90 8.46
C LEU F 434 -26.73 -14.40 9.65
N TYR F 435 -27.30 -15.35 10.39
CA TYR F 435 -26.59 -15.98 11.49
C TYR F 435 -25.50 -16.88 10.94
N LEU F 436 -24.25 -16.60 11.31
CA LEU F 436 -23.15 -17.48 10.98
C LEU F 436 -22.86 -18.35 12.19
N PRO F 437 -23.07 -19.66 12.11
CA PRO F 437 -22.94 -20.52 13.29
C PRO F 437 -21.49 -20.66 13.70
N PRO F 438 -21.20 -21.09 14.93
CA PRO F 438 -19.81 -21.22 15.36
C PRO F 438 -19.10 -22.35 14.63
N GLY F 439 -17.79 -22.25 14.58
CA GLY F 439 -17.01 -23.20 13.83
C GLY F 439 -17.17 -22.98 12.34
N THR F 440 -16.81 -24.02 11.59
CA THR F 440 -17.00 -24.00 10.15
C THR F 440 -18.48 -24.08 9.82
N GLY F 441 -18.98 -23.11 9.05
CA GLY F 441 -20.38 -23.10 8.74
C GLY F 441 -20.69 -22.21 7.57
N LEU F 442 -21.94 -22.29 7.13
CA LEU F 442 -22.71 -21.59 6.13
C LEU F 442 -23.75 -20.72 6.81
N PRO F 443 -23.89 -19.47 6.36
CA PRO F 443 -24.79 -18.53 7.02
C PRO F 443 -26.25 -18.93 6.86
N ILE F 444 -26.96 -19.01 7.98
CA ILE F 444 -28.36 -19.40 8.02
C ILE F 444 -29.19 -18.13 8.14
N ARG F 445 -30.07 -17.89 7.19
CA ARG F 445 -30.85 -16.66 7.19
C ARG F 445 -31.94 -16.73 8.25
N VAL F 446 -31.87 -15.82 9.22
CA VAL F 446 -32.79 -15.79 10.34
C VAL F 446 -33.51 -14.45 10.32
N HIS F 447 -34.80 -14.47 10.56
CA HIS F 447 -35.59 -13.24 10.65
C HIS F 447 -35.67 -12.84 12.12
N GLY F 448 -35.20 -11.63 12.43
CA GLY F 448 -35.13 -11.21 13.82
C GLY F 448 -36.51 -10.94 14.41
N ALA F 449 -36.70 -11.38 15.65
CA ALA F 449 -38.01 -11.25 16.28
C ALA F 449 -38.27 -9.81 16.70
N PHE F 450 -39.41 -9.28 16.31
CA PHE F 450 -39.74 -7.89 16.60
C PHE F 450 -40.25 -7.78 18.02
N VAL F 451 -39.36 -7.38 18.93
CA VAL F 451 -39.73 -7.08 20.31
C VAL F 451 -39.78 -5.56 20.46
N SER F 452 -40.85 -5.07 21.09
CA SER F 452 -41.13 -3.64 21.11
C SER F 452 -40.97 -3.09 22.53
N ASP F 453 -41.15 -1.78 22.63
CA ASP F 453 -40.94 -1.09 23.90
C ASP F 453 -42.01 -1.45 24.93
N ASP F 454 -43.20 -1.84 24.47
CA ASP F 454 -44.25 -2.31 25.38
C ASP F 454 -43.82 -3.58 26.10
N GLU F 455 -43.37 -4.58 25.33
CA GLU F 455 -42.91 -5.84 25.91
C GLU F 455 -41.67 -5.64 26.77
N VAL F 456 -40.74 -4.81 26.30
CA VAL F 456 -39.50 -4.56 27.04
C VAL F 456 -39.78 -3.88 28.38
N HIS F 457 -40.55 -2.80 28.36
CA HIS F 457 -40.90 -2.08 29.58
C HIS F 457 -41.74 -2.93 30.52
N ARG F 458 -42.61 -3.78 29.98
CA ARG F 458 -43.45 -4.61 30.83
C ARG F 458 -42.64 -5.69 31.55
N VAL F 459 -41.69 -6.32 30.84
CA VAL F 459 -40.88 -7.35 31.48
C VAL F 459 -39.88 -6.74 32.45
N VAL F 460 -39.36 -5.54 32.14
CA VAL F 460 -38.44 -4.87 33.05
C VAL F 460 -39.15 -4.46 34.34
N GLU F 461 -40.38 -3.94 34.22
CA GLU F 461 -41.12 -3.60 35.44
C GLU F 461 -41.57 -4.86 36.19
N ALA F 462 -41.78 -5.97 35.48
CA ALA F 462 -42.07 -7.23 36.14
C ALA F 462 -40.88 -7.70 36.98
N TRP F 463 -39.68 -7.62 36.44
CA TRP F 463 -38.50 -8.00 37.22
C TRP F 463 -38.18 -6.98 38.32
N LYS F 464 -38.52 -5.71 38.12
CA LYS F 464 -38.32 -4.75 39.21
C LYS F 464 -39.33 -4.96 40.34
N LEU F 465 -40.50 -5.51 40.03
CA LEU F 465 -41.44 -5.87 41.08
C LEU F 465 -41.18 -7.24 41.68
N ARG F 466 -40.45 -8.11 40.98
CA ARG F 466 -40.12 -9.43 41.51
C ARG F 466 -38.77 -9.47 42.21
N GLY F 467 -37.99 -8.39 42.17
CA GLY F 467 -36.70 -8.40 42.82
C GLY F 467 -36.22 -7.01 43.13
N ALA F 468 -35.13 -6.94 43.88
CA ALA F 468 -34.51 -5.71 44.33
C ALA F 468 -33.18 -5.49 43.62
N PRO F 469 -32.82 -4.24 43.31
CA PRO F 469 -31.57 -4.00 42.56
C PRO F 469 -30.33 -4.27 43.41
N ASP F 470 -29.25 -4.63 42.74
CA ASP F 470 -28.00 -5.06 43.38
C ASP F 470 -26.85 -4.63 42.49
N TYR F 471 -26.14 -3.58 42.89
CA TYR F 471 -25.04 -3.04 42.11
C TYR F 471 -23.75 -3.21 42.91
N ILE F 472 -22.72 -3.74 42.25
CA ILE F 472 -21.39 -3.85 42.86
C ILE F 472 -20.64 -2.55 42.60
N GLU F 473 -20.22 -1.89 43.67
CA GLU F 473 -19.79 -0.49 43.61
C GLU F 473 -18.45 -0.33 42.92
N ASP F 474 -17.49 -1.21 43.22
CA ASP F 474 -16.10 -1.01 42.83
C ASP F 474 -15.81 -1.48 41.40
N ILE F 475 -16.84 -1.57 40.56
CA ILE F 475 -16.66 -1.95 39.17
C ILE F 475 -16.09 -0.79 38.35
N LEU F 476 -16.15 0.42 38.88
CA LEU F 476 -15.69 1.60 38.16
C LEU F 476 -14.50 2.26 38.86
PB ADP I . -8.68 -24.49 22.50
O1B ADP I . -8.41 -23.43 21.48
O2B ADP I . -9.86 -24.22 23.40
O3B ADP I . -7.45 -24.98 23.24
PA ADP I . -9.15 -27.23 22.29
O1A ADP I . -9.49 -27.09 23.75
O2A ADP I . -7.88 -27.93 21.88
O3A ADP I . -9.14 -25.77 21.63
O5' ADP I . -10.37 -27.98 21.57
C5' ADP I . -10.86 -29.18 22.16
C4' ADP I . -11.99 -29.78 21.33
O4' ADP I . -11.47 -30.24 20.09
C3' ADP I . -12.59 -30.99 22.03
O3' ADP I . -13.94 -30.71 22.43
C2' ADP I . -12.59 -32.10 21.01
O2' ADP I . -13.92 -32.60 20.80
C1' ADP I . -12.07 -31.48 19.73
N9 ADP I . -11.06 -32.38 19.13
C8 ADP I . -9.73 -32.29 19.28
N7 ADP I . -9.09 -33.27 18.60
C5 ADP I . -10.04 -34.00 17.99
C6 ADP I . -10.06 -35.18 17.10
N6 ADP I . -8.90 -35.78 16.73
N1 ADP I . -11.25 -35.64 16.68
C2 ADP I . -12.40 -35.05 17.04
N3 ADP I . -12.46 -33.97 17.84
C4 ADP I . -11.33 -33.42 18.33
PB ADP J . 23.45 -24.94 8.70
O1B ADP J . 22.46 -23.84 8.43
O2B ADP J . 23.04 -25.85 9.84
O3B ADP J . 24.90 -24.51 8.74
PA ADP J . 24.46 -27.00 7.09
O1A ADP J . 25.34 -26.47 5.99
O2A ADP J . 25.05 -27.47 8.39
O3A ADP J . 23.35 -25.88 7.40
O5' ADP J . 23.60 -28.21 6.49
C5' ADP J . 24.18 -29.51 6.46
C4' ADP J . 23.41 -30.42 5.51
O4' ADP J . 23.64 -30.05 4.16
C3' ADP J . 23.85 -31.87 5.65
O3' ADP J . 22.74 -32.65 6.10
C2' ADP J . 24.25 -32.32 4.26
O2' ADP J . 23.63 -33.57 3.95
C1' ADP J . 23.70 -31.23 3.36
N9 ADP J . 24.49 -31.03 2.13
C8 ADP J . 25.34 -30.01 1.89
N7 ADP J . 25.90 -30.11 0.66
C5 ADP J . 25.39 -31.21 0.08
C6 ADP J . 25.55 -31.90 -1.22
N6 ADP J . 26.38 -31.41 -2.17
N1 ADP J . 24.83 -33.03 -1.42
C2 ADP J . 24.00 -33.52 -0.48
N3 ADP J . 23.81 -32.95 0.71
C4 ADP J . 24.47 -31.81 1.05
PB ADP K . 30.64 -0.77 -11.68
O1B ADP K . 31.66 0.30 -11.39
O2B ADP K . 29.25 -0.23 -11.97
O3B ADP K . 30.67 -1.93 -10.73
PA ADP K . 31.42 -0.48 -14.34
O1A ADP K . 30.16 0.27 -14.69
O2A ADP K . 32.70 0.26 -14.07
O3A ADP K . 31.10 -1.42 -13.08
O5' ADP K . 31.72 -1.55 -15.51
C5' ADP K . 32.66 -1.18 -16.52
C4' ADP K . 32.90 -2.35 -17.49
O4' ADP K . 32.14 -2.15 -18.68
C3' ADP K . 34.35 -2.42 -17.88
O3' ADP K . 34.90 -3.67 -17.49
C2' ADP K . 34.40 -2.29 -19.39
O2' ADP K . 35.02 -3.45 -19.95
C1' ADP K . 32.95 -2.23 -19.84
N9 ADP K . 32.74 -1.01 -20.65
C8 ADP K . 32.25 0.15 -20.17
N7 ADP K . 32.16 1.10 -21.14
C5 ADP K . 32.60 0.55 -22.26
C6 ADP K . 32.77 0.99 -23.66
N6 ADP K . 32.44 2.26 -24.03
N1 ADP K . 33.27 0.12 -24.56
C2 ADP K . 33.60 -1.13 -24.20
N3 ADP K . 33.46 -1.62 -22.95
C4 ADP K . 32.99 -0.84 -21.95
PB ADP L . 11.11 26.55 -16.59
O1B ADP L . 11.70 27.78 -15.95
O2B ADP L . 9.67 26.30 -16.23
O3B ADP L . 12.00 25.33 -16.52
PA ADP L . 10.73 28.41 -18.60
O1A ADP L . 12.02 29.19 -18.48
O2A ADP L . 9.50 28.87 -17.89
O3A ADP L . 11.04 26.90 -18.14
O5' ADP L . 10.41 28.25 -20.17
C5' ADP L . 11.39 27.68 -21.03
C4' ADP L . 11.51 28.48 -22.32
O4' ADP L . 10.37 28.36 -23.17
C3' ADP L . 11.66 29.97 -22.05
O3' ADP L . 13.03 30.33 -21.96
C2' ADP L . 11.01 30.64 -23.24
O2' ADP L . 12.02 31.21 -24.08
C1' ADP L . 10.27 29.54 -23.97
N9 ADP L . 8.87 29.99 -24.13
C8 ADP L . 7.97 30.10 -23.15
N7 ADP L . 6.78 30.56 -23.62
C5 ADP L . 6.92 30.76 -24.93
C6 ADP L . 6.06 31.23 -26.03
N6 ADP L . 4.78 31.59 -25.79
N1 ADP L . 6.59 31.29 -27.27
C2 ADP L . 7.86 30.94 -27.50
N3 ADP L . 8.70 30.50 -26.55
C4 ADP L . 8.31 30.38 -25.27
PB ADP M . -19.68 28.02 -3.14
O1B ADP M . -19.02 29.22 -3.75
O2B ADP M . -18.91 26.73 -3.30
O3B ADP M . -20.18 28.25 -1.74
PA ADP M . -22.27 28.76 -3.69
O1A ADP M . -21.75 30.12 -3.30
O2A ADP M . -23.18 28.01 -2.74
O3A ADP M . -21.01 27.82 -4.00
O5' ADP M . -23.01 28.92 -5.10
C5' ADP M . -23.97 29.96 -5.25
C4' ADP M . -24.29 30.18 -6.71
O4' ADP M . -25.04 29.09 -7.21
C3' ADP M . -25.13 31.43 -6.89
O3' ADP M . -24.41 32.39 -7.67
C2' ADP M . -26.36 31.01 -7.63
O2' ADP M . -26.43 31.71 -8.88
C1' ADP M . -26.23 29.52 -7.89
N9 ADP M . -27.37 28.86 -7.26
C8 ADP M . -27.38 28.37 -6.01
N7 ADP M . -28.57 27.81 -5.71
C5 ADP M . -29.35 27.94 -6.78
C6 ADP M . -30.73 27.57 -7.12
N6 ADP M . -31.51 26.93 -6.23
N1 ADP M . -31.18 27.89 -8.35
C2 ADP M . -30.40 28.52 -9.24
N3 ADP M . -29.13 28.89 -8.99
C4 ADP M . -28.56 28.64 -7.80
PB ADP N . -29.78 1.62 14.72
O1B ADP N . -30.15 3.06 14.58
O2B ADP N . -29.67 1.12 16.14
O3B ADP N . -28.64 1.17 13.84
PA ADP N . -32.12 0.19 15.12
O1A ADP N . -32.53 1.25 16.11
O2A ADP N . -31.56 -1.11 15.61
O3A ADP N . -31.05 0.83 14.12
O5' ADP N . -33.40 -0.10 14.20
C5' ADP N . -34.66 -0.26 14.83
C4' ADP N . -35.74 -0.41 13.76
O4' ADP N . -35.69 -1.72 13.20
C3' ADP N . -37.13 -0.25 14.33
O3' ADP N . -37.65 1.00 13.89
C2' ADP N . -37.96 -1.37 13.74
O2' ADP N . -38.99 -0.82 12.94
C1' ADP N . -37.00 -2.13 12.84
N9 ADP N . -37.16 -3.59 13.04
C8 ADP N . -36.28 -4.39 13.64
N7 ADP N . -36.70 -5.68 13.65
C5 ADP N . -37.89 -5.70 13.03
C6 ADP N . -38.87 -6.75 12.70
N6 ADP N . -38.66 -8.03 13.05
N1 ADP N . -39.99 -6.36 12.04
C2 ADP N . -40.20 -5.07 11.70
N3 ADP N . -39.34 -4.09 11.97
C4 ADP N . -38.18 -4.33 12.63
#